data_9NPS
#
_entry.id   9NPS
#
_cell.length_a   1.00
_cell.length_b   1.00
_cell.length_c   1.00
_cell.angle_alpha   90.00
_cell.angle_beta   90.00
_cell.angle_gamma   90.00
#
_symmetry.space_group_name_H-M   'P 1'
#
loop_
_entity.id
_entity.type
_entity.pdbx_description
1 polymer 'Envelope glycoprotein RAVV GP1'
2 polymer 'Envelope glycoprotein RAVV GP2'
3 branched beta-D-mannopyranose-(1-4)-2-acetamido-2-deoxy-beta-D-glucopyranose-(1-4)-2-acetamido-2-deoxy-beta-D-glucopyranose
4 branched alpha-D-mannopyranose-(1-3)-[alpha-D-mannopyranose-(1-6)]beta-D-mannopyranose-(1-4)-2-acetamido-2-deoxy-beta-D-glucopyranose-(1-4)-2-acetamido-2-deoxy-beta-D-glucopyranose
#
loop_
_entity_poly.entity_id
_entity_poly.type
_entity_poly.pdbx_seq_one_letter_code
_entity_poly.pdbx_strand_id
1 'polypeptide(L)'
;MKTIYFLISLILIQSIKTLPVLEIASNSQPQDVDSVCSGTLQKTEDVHLMGFTLSGQKVADSPLEASKRWAFRTGVPPKN
VEYTEGEEAKTCYNISVTDPSGKSLLLDPPSNIRDYPKCKTVHHIQGQNPHAQGIALHLWGAFFLYDRVASTTMYRGKVF
TEGNIAAMIVNKTVHRMIFSRQGQGYRHMNLTSTNKYWTSSNETQRNDTGCFGILQEYNSTNNQTCPPSLKPPSLPTVTP
SIHSTNTQINTAKSGT
;
K,G,I,E,C,A
2 'polypeptide(L)'
;PPIYFRKKRSIFWKEGDIFPFLDGLINTEIDFDPIPNTETIFDESPSFNTSTNEEQHTPPNISLTFSYFPDKNGDTAYSG
ENENDCDAELRIWSVQEDDLAAGLSWIPFFGPGIEGLYTAGLIKNQNNLVCRLRRLANQTAKSLELLLRVTTEERTFSLI
NRIAIDFLLTRWGGTCKVLGPDCCIGIEDLSKNISEQIDKIRKDEQKEETGSGYIPEAPRDGQAYVRKDGEWVLLSTFLG
HHHHHH
;
L,H,J,F,D,B
#
# COMPACT_ATOMS: atom_id res chain seq x y z
N GLY A 39 5.47 -7.92 -56.54
CA GLY A 39 5.12 -9.05 -55.70
C GLY A 39 6.12 -9.30 -54.59
N THR A 40 6.62 -8.23 -53.99
CA THR A 40 7.58 -8.30 -52.90
C THR A 40 7.21 -7.28 -51.85
N LEU A 41 6.96 -7.74 -50.62
CA LEU A 41 6.60 -6.85 -49.51
C LEU A 41 7.36 -7.38 -48.29
N GLN A 42 8.53 -6.82 -48.03
CA GLN A 42 9.37 -7.32 -46.94
C GLN A 42 8.79 -6.95 -45.58
N LYS A 43 8.37 -5.70 -45.41
CA LYS A 43 7.95 -5.18 -44.12
C LYS A 43 6.68 -4.37 -44.27
N THR A 44 6.00 -4.16 -43.15
CA THR A 44 4.64 -3.63 -43.12
C THR A 44 4.53 -2.15 -43.48
N GLU A 45 5.63 -1.40 -43.45
CA GLU A 45 5.57 0.01 -43.83
C GLU A 45 5.93 0.22 -45.30
N ASP A 46 5.99 -0.84 -46.08
CA ASP A 46 6.10 -0.75 -47.53
C ASP A 46 4.79 -0.35 -48.20
N VAL A 47 3.67 -0.38 -47.45
CA VAL A 47 2.40 0.08 -47.98
C VAL A 47 2.41 1.61 -48.07
N HIS A 48 1.68 2.14 -49.04
CA HIS A 48 1.47 3.58 -49.12
C HIS A 48 0.06 3.85 -49.60
N LEU A 49 -0.60 4.81 -48.94
CA LEU A 49 -1.91 5.31 -49.32
C LEU A 49 -1.74 6.79 -49.64
N MET A 50 -1.77 7.14 -50.92
CA MET A 50 -1.63 8.52 -51.37
C MET A 50 -2.98 9.13 -51.72
N GLY A 51 -3.08 10.44 -51.52
CA GLY A 51 -4.27 11.18 -51.87
C GLY A 51 -4.04 12.01 -53.13
N PHE A 52 -4.91 11.79 -54.10
CA PHE A 52 -4.86 12.48 -55.39
C PHE A 52 -6.09 13.36 -55.53
N THR A 53 -5.87 14.65 -55.77
CA THR A 53 -6.97 15.60 -55.89
C THR A 53 -7.49 15.65 -57.32
N LEU A 54 -8.72 16.16 -57.45
CA LEU A 54 -9.31 16.36 -58.77
C LEU A 54 -8.86 17.64 -59.45
N SER A 55 -8.08 18.49 -58.75
CA SER A 55 -7.49 19.66 -59.38
C SER A 55 -6.41 19.27 -60.37
N GLY A 56 -5.75 18.14 -60.15
CA GLY A 56 -4.75 17.61 -61.05
C GLY A 56 -5.30 16.71 -62.13
N GLN A 57 -6.63 16.59 -62.24
CA GLN A 57 -7.28 15.76 -63.24
C GLN A 57 -8.02 16.63 -64.25
N LYS A 58 -7.86 17.96 -64.15
CA LYS A 58 -8.58 18.98 -64.92
C LYS A 58 -10.09 18.82 -64.75
N VAL A 59 -10.51 18.88 -63.50
CA VAL A 59 -11.91 19.04 -63.13
C VAL A 59 -12.10 20.50 -62.74
N ALA A 60 -13.18 21.11 -63.23
CA ALA A 60 -13.47 22.52 -62.98
C ALA A 60 -13.69 22.79 -61.49
N ASP A 61 -12.73 23.48 -60.87
CA ASP A 61 -12.64 23.57 -59.42
C ASP A 61 -12.83 24.99 -58.89
N SER A 62 -13.43 25.88 -59.70
CA SER A 62 -13.86 27.16 -59.18
C SER A 62 -15.06 26.95 -58.26
N PRO A 63 -15.19 27.78 -57.21
CA PRO A 63 -16.28 27.58 -56.24
C PRO A 63 -17.69 27.77 -56.80
N LEU A 64 -17.84 28.40 -57.97
CA LEU A 64 -19.17 28.56 -58.56
C LEU A 64 -19.72 27.22 -59.04
N GLU A 65 -18.90 26.40 -59.68
CA GLU A 65 -19.36 25.11 -60.20
C GLU A 65 -18.92 23.92 -59.38
N ALA A 66 -18.24 24.14 -58.25
CA ALA A 66 -17.91 23.06 -57.33
C ALA A 66 -18.96 22.85 -56.26
N SER A 67 -19.99 23.71 -56.20
CA SER A 67 -21.01 23.60 -55.17
C SER A 67 -22.11 22.62 -55.51
N LYS A 68 -22.24 22.22 -56.78
CA LYS A 68 -23.24 21.24 -57.18
C LYS A 68 -22.74 19.81 -57.13
N ARG A 69 -21.51 19.58 -56.69
CA ARG A 69 -21.05 18.25 -56.36
C ARG A 69 -21.24 17.94 -54.89
N TRP A 70 -21.87 18.83 -54.14
CA TRP A 70 -22.09 18.69 -52.70
C TRP A 70 -23.58 18.78 -52.43
N ALA A 71 -24.08 17.90 -51.54
CA ALA A 71 -25.50 17.88 -51.23
C ALA A 71 -25.68 17.55 -49.75
N PHE A 72 -26.94 17.48 -49.33
CA PHE A 72 -27.30 17.13 -47.96
C PHE A 72 -28.25 15.94 -47.96
N ARG A 73 -28.09 15.05 -46.99
CA ARG A 73 -28.95 13.88 -46.87
C ARG A 73 -28.96 13.42 -45.41
N THR A 74 -30.14 13.05 -44.93
CA THR A 74 -30.30 12.50 -43.59
C THR A 74 -30.22 10.98 -43.61
N GLY A 75 -29.72 10.41 -42.51
CA GLY A 75 -29.76 8.98 -42.29
C GLY A 75 -28.50 8.22 -42.62
N VAL A 76 -27.49 8.87 -43.19
CA VAL A 76 -26.23 8.21 -43.56
C VAL A 76 -25.17 8.64 -42.55
N PRO A 77 -24.64 7.71 -41.74
CA PRO A 77 -23.56 8.06 -40.80
C PRO A 77 -22.28 8.43 -41.56
N PRO A 78 -21.44 9.28 -40.97
CA PRO A 78 -20.16 9.59 -41.61
C PRO A 78 -19.12 8.50 -41.38
N LYS A 79 -18.24 8.35 -42.37
CA LYS A 79 -17.14 7.39 -42.31
C LYS A 79 -15.85 8.10 -42.71
N ASN A 80 -14.75 7.72 -42.08
CA ASN A 80 -13.45 8.31 -42.40
C ASN A 80 -12.36 7.25 -42.34
N VAL A 81 -11.34 7.42 -43.17
CA VAL A 81 -10.26 6.45 -43.33
C VAL A 81 -8.94 7.21 -43.43
N GLU A 82 -7.90 6.69 -42.77
CA GLU A 82 -6.62 7.38 -42.71
C GLU A 82 -5.65 6.87 -43.77
N TYR A 83 -4.90 7.83 -44.34
CA TYR A 83 -3.91 7.61 -45.38
C TYR A 83 -2.58 8.21 -44.92
N THR A 84 -1.55 8.10 -45.75
CA THR A 84 -0.18 8.40 -45.32
C THR A 84 0.38 9.66 -45.96
N GLU A 85 0.44 9.73 -47.29
CA GLU A 85 0.99 10.87 -48.00
C GLU A 85 -0.08 11.49 -48.88
N GLY A 86 0.20 12.69 -49.38
CA GLY A 86 -0.79 13.40 -50.16
C GLY A 86 -0.18 14.28 -51.23
N GLU A 87 -1.03 15.06 -51.87
CA GLU A 87 -0.65 15.94 -52.96
C GLU A 87 -1.02 17.37 -52.63
N GLU A 88 -0.13 18.31 -52.96
CA GLU A 88 -0.45 19.73 -52.88
C GLU A 88 -1.57 20.08 -53.85
N ALA A 89 -2.59 20.77 -53.35
CA ALA A 89 -3.79 21.06 -54.12
C ALA A 89 -3.76 22.51 -54.59
N LYS A 90 -4.29 22.75 -55.79
CA LYS A 90 -4.39 24.10 -56.30
C LYS A 90 -5.44 24.91 -55.55
N THR A 91 -6.59 24.31 -55.25
CA THR A 91 -7.66 24.97 -54.53
C THR A 91 -8.02 24.18 -53.28
N CYS A 92 -8.23 24.90 -52.18
CA CYS A 92 -8.78 24.35 -50.95
C CYS A 92 -9.89 25.27 -50.47
N TYR A 93 -10.81 24.72 -49.69
CA TYR A 93 -12.04 25.42 -49.34
C TYR A 93 -12.22 25.45 -47.82
N ASN A 94 -12.89 26.51 -47.36
CA ASN A 94 -13.11 26.80 -45.94
C ASN A 94 -14.54 27.35 -45.86
N ILE A 95 -15.50 26.47 -45.59
CA ILE A 95 -16.92 26.77 -45.75
C ILE A 95 -17.65 26.49 -44.45
N SER A 96 -18.42 27.46 -43.99
CA SER A 96 -19.34 27.29 -42.87
C SER A 96 -20.73 27.74 -43.31
N VAL A 97 -21.72 26.86 -43.17
CA VAL A 97 -23.09 27.11 -43.59
C VAL A 97 -23.99 27.01 -42.36
N THR A 98 -24.76 28.06 -42.10
CA THR A 98 -25.66 28.13 -40.96
C THR A 98 -27.11 28.14 -41.41
N ASP A 99 -27.99 27.92 -40.44
CA ASP A 99 -29.44 27.92 -40.65
C ASP A 99 -30.00 29.31 -40.36
N PRO A 100 -31.29 29.57 -40.62
CA PRO A 100 -31.89 30.83 -40.14
C PRO A 100 -31.90 31.01 -38.63
N SER A 101 -31.83 29.94 -37.84
CA SER A 101 -31.77 30.10 -36.39
C SER A 101 -30.36 30.33 -35.88
N GLY A 102 -29.34 30.27 -36.74
CA GLY A 102 -28.01 30.72 -36.42
C GLY A 102 -26.96 29.63 -36.31
N LYS A 103 -27.33 28.39 -36.04
CA LYS A 103 -26.36 27.34 -35.79
C LYS A 103 -25.94 26.66 -37.09
N SER A 104 -24.70 26.17 -37.10
CA SER A 104 -24.13 25.56 -38.30
C SER A 104 -24.70 24.18 -38.54
N LEU A 105 -24.94 23.85 -39.81
CA LEU A 105 -25.44 22.52 -40.18
C LEU A 105 -24.34 21.47 -40.19
N LEU A 106 -23.08 21.88 -40.22
CA LEU A 106 -21.98 20.93 -40.32
C LEU A 106 -21.67 20.31 -38.97
N LEU A 107 -21.16 19.08 -39.01
CA LEU A 107 -20.84 18.35 -37.79
C LEU A 107 -19.59 18.90 -37.13
N ASP A 108 -19.53 18.75 -35.81
CA ASP A 108 -18.35 19.15 -35.05
C ASP A 108 -17.22 18.17 -35.34
N PRO A 109 -16.05 18.65 -35.78
CA PRO A 109 -14.95 17.73 -36.11
C PRO A 109 -14.35 17.11 -34.85
N PRO A 110 -13.92 15.84 -34.92
CA PRO A 110 -13.21 15.23 -33.78
C PRO A 110 -11.84 15.84 -33.51
N SER A 111 -11.16 15.30 -32.50
CA SER A 111 -9.87 15.84 -32.10
C SER A 111 -8.77 15.54 -33.12
N ASN A 112 -8.91 14.46 -33.89
CA ASN A 112 -7.89 14.08 -34.86
C ASN A 112 -8.01 14.81 -36.19
N ILE A 113 -9.09 15.56 -36.41
CA ILE A 113 -9.29 16.27 -37.67
C ILE A 113 -8.49 17.56 -37.64
N ARG A 114 -7.66 17.77 -38.66
CA ARG A 114 -6.85 18.98 -38.79
C ARG A 114 -7.02 19.53 -40.19
N ASP A 115 -6.44 20.71 -40.41
CA ASP A 115 -6.49 21.34 -41.72
C ASP A 115 -5.59 20.58 -42.71
N TYR A 116 -5.87 20.78 -43.99
CA TYR A 116 -5.04 20.18 -45.02
C TYR A 116 -3.66 20.83 -45.02
N PRO A 117 -2.56 20.04 -45.14
CA PRO A 117 -1.21 20.58 -44.93
C PRO A 117 -0.77 21.70 -45.85
N LYS A 118 -0.77 21.47 -47.16
CA LYS A 118 -0.30 22.47 -48.11
C LYS A 118 -1.42 22.79 -49.11
N CYS A 119 -1.75 24.08 -49.22
CA CYS A 119 -2.70 24.57 -50.19
C CYS A 119 -2.16 25.83 -50.85
N LYS A 120 -2.34 25.93 -52.16
CA LYS A 120 -1.88 27.11 -52.89
C LYS A 120 -2.89 28.25 -52.81
N THR A 121 -4.18 27.94 -52.84
CA THR A 121 -5.23 28.95 -52.79
C THR A 121 -6.35 28.46 -51.90
N VAL A 122 -6.75 29.29 -50.94
CA VAL A 122 -7.81 28.96 -49.99
C VAL A 122 -8.99 29.91 -50.24
N HIS A 123 -10.17 29.34 -50.46
CA HIS A 123 -11.39 30.10 -50.66
C HIS A 123 -12.26 30.02 -49.41
N HIS A 124 -12.70 31.17 -48.92
CA HIS A 124 -13.59 31.25 -47.76
C HIS A 124 -14.98 31.64 -48.23
N ILE A 125 -15.97 30.80 -47.90
CA ILE A 125 -17.35 30.98 -48.33
C ILE A 125 -18.24 30.88 -47.10
N GLN A 126 -19.09 31.89 -46.89
CA GLN A 126 -20.14 31.85 -45.89
C GLN A 126 -21.49 31.86 -46.59
N GLY A 127 -22.33 30.87 -46.31
CA GLY A 127 -23.58 30.69 -47.01
C GLY A 127 -24.75 30.46 -46.06
N GLN A 128 -25.91 30.22 -46.67
CA GLN A 128 -27.14 30.02 -45.92
C GLN A 128 -28.08 29.18 -46.77
N ASN A 129 -28.66 28.15 -46.16
CA ASN A 129 -29.58 27.26 -46.86
C ASN A 129 -30.69 26.86 -45.89
N PRO A 130 -31.92 27.34 -46.09
CA PRO A 130 -32.98 27.07 -45.11
C PRO A 130 -33.77 25.79 -45.40
N HIS A 131 -33.72 25.30 -46.64
CA HIS A 131 -34.59 24.20 -47.05
C HIS A 131 -33.95 22.82 -46.87
N ALA A 132 -32.69 22.76 -46.45
CA ALA A 132 -31.98 21.49 -46.34
C ALA A 132 -31.52 21.26 -44.92
N GLN A 133 -31.48 19.99 -44.51
CA GLN A 133 -30.93 19.60 -43.23
C GLN A 133 -30.33 18.21 -43.37
N GLY A 134 -29.37 17.91 -42.49
CA GLY A 134 -28.76 16.60 -42.48
C GLY A 134 -27.24 16.58 -42.56
N ILE A 135 -26.70 15.67 -43.35
CA ILE A 135 -25.26 15.44 -43.43
C ILE A 135 -24.80 15.77 -44.84
N ALA A 136 -23.71 16.55 -44.93
CA ALA A 136 -23.15 16.91 -46.24
C ALA A 136 -22.46 15.70 -46.86
N LEU A 137 -22.75 15.46 -48.14
CA LEU A 137 -22.23 14.32 -48.88
C LEU A 137 -21.79 14.77 -50.27
N HIS A 138 -21.03 13.90 -50.92
CA HIS A 138 -20.42 14.17 -52.22
C HIS A 138 -21.12 13.34 -53.29
N LEU A 139 -21.42 13.97 -54.43
CA LEU A 139 -22.15 13.27 -55.48
C LEU A 139 -21.28 12.28 -56.23
N TRP A 140 -20.03 12.66 -56.54
CA TRP A 140 -19.15 11.80 -57.33
C TRP A 140 -18.54 10.66 -56.53
N GLY A 141 -18.70 10.65 -55.21
CA GLY A 141 -18.07 9.66 -54.38
C GLY A 141 -16.64 9.98 -53.98
N ALA A 142 -16.13 11.15 -54.36
CA ALA A 142 -14.80 11.57 -53.95
C ALA A 142 -14.80 11.91 -52.47
N PHE A 143 -13.61 11.91 -51.89
CA PHE A 143 -13.44 12.07 -50.46
C PHE A 143 -13.05 13.50 -50.11
N PHE A 144 -13.53 13.98 -48.97
CA PHE A 144 -13.10 15.24 -48.41
C PHE A 144 -11.80 14.98 -47.67
N LEU A 145 -10.70 15.55 -48.15
CA LEU A 145 -9.37 15.27 -47.63
C LEU A 145 -8.97 16.33 -46.62
N TYR A 146 -8.44 15.86 -45.48
CA TYR A 146 -7.90 16.63 -44.39
C TYR A 146 -6.49 16.11 -44.11
N ASP A 147 -5.93 16.46 -42.95
CA ASP A 147 -4.59 16.00 -42.59
C ASP A 147 -4.58 14.50 -42.33
N ARG A 148 -4.26 13.73 -43.38
CA ARG A 148 -4.18 12.27 -43.37
C ARG A 148 -5.50 11.61 -42.94
N VAL A 149 -6.62 12.24 -43.26
CA VAL A 149 -7.95 11.67 -43.03
C VAL A 149 -8.81 11.99 -44.24
N ALA A 150 -9.36 10.96 -44.88
CA ALA A 150 -10.32 11.10 -45.95
C ALA A 150 -11.70 10.76 -45.41
N SER A 151 -12.62 11.72 -45.47
CA SER A 151 -13.95 11.53 -44.92
C SER A 151 -14.99 11.61 -46.03
N THR A 152 -16.19 11.17 -45.72
CA THR A 152 -17.32 11.27 -46.63
C THR A 152 -18.25 12.44 -46.30
N THR A 153 -17.83 13.30 -45.38
CA THR A 153 -18.65 14.42 -44.95
C THR A 153 -17.78 15.66 -44.80
N MET A 154 -18.44 16.80 -44.55
CA MET A 154 -17.78 18.08 -44.39
C MET A 154 -17.89 18.53 -42.93
N TYR A 155 -16.76 18.94 -42.35
CA TYR A 155 -16.71 19.40 -40.98
C TYR A 155 -16.51 20.91 -40.95
N ARG A 156 -17.04 21.55 -39.91
CA ARG A 156 -17.02 23.01 -39.81
C ARG A 156 -15.67 23.49 -39.29
N GLY A 157 -15.18 24.58 -39.89
CA GLY A 157 -13.97 25.22 -39.43
C GLY A 157 -12.66 24.57 -39.86
N LYS A 158 -12.72 23.51 -40.66
CA LYS A 158 -11.52 22.80 -41.10
C LYS A 158 -11.40 22.89 -42.61
N VAL A 159 -10.20 23.24 -43.08
CA VAL A 159 -9.95 23.38 -44.51
C VAL A 159 -9.70 22.00 -45.11
N PHE A 160 -10.48 21.66 -46.13
CA PHE A 160 -10.41 20.38 -46.81
C PHE A 160 -10.01 20.57 -48.26
N THR A 161 -9.95 19.45 -49.00
CA THR A 161 -9.96 19.50 -50.45
C THR A 161 -10.75 18.29 -50.94
N GLU A 162 -10.88 18.17 -52.26
CA GLU A 162 -11.60 17.04 -52.86
C GLU A 162 -10.61 16.11 -53.53
N GLY A 163 -10.69 14.83 -53.22
CA GLY A 163 -9.78 13.88 -53.84
C GLY A 163 -10.04 12.47 -53.37
N ASN A 164 -9.39 11.53 -54.06
CA ASN A 164 -9.47 10.11 -53.78
C ASN A 164 -8.16 9.63 -53.17
N ILE A 165 -8.14 8.36 -52.75
CA ILE A 165 -6.94 7.75 -52.21
C ILE A 165 -6.64 6.45 -52.95
N ALA A 166 -5.35 6.12 -53.04
CA ALA A 166 -4.87 4.97 -53.79
C ALA A 166 -3.77 4.28 -53.00
N ALA A 167 -3.58 2.99 -53.29
CA ALA A 167 -2.66 2.13 -52.56
C ALA A 167 -1.55 1.63 -53.48
N MET A 168 -0.35 1.49 -52.93
CA MET A 168 0.75 0.87 -53.66
C MET A 168 1.73 0.25 -52.69
N ILE A 169 2.60 -0.61 -53.23
CA ILE A 169 3.58 -1.39 -52.48
C ILE A 169 4.95 -1.08 -53.06
N VAL A 170 5.71 -0.20 -52.39
CA VAL A 170 7.08 0.08 -52.80
C VAL A 170 7.99 -0.09 -51.59
N ASN A 171 9.26 -0.40 -51.87
CA ASN A 171 10.28 -0.50 -50.83
C ASN A 171 11.11 0.78 -50.78
N LYS A 172 12.15 0.76 -49.94
CA LYS A 172 12.97 1.95 -49.73
C LYS A 172 13.86 2.20 -50.95
N THR A 173 14.29 1.13 -51.64
CA THR A 173 15.20 1.26 -52.77
C THR A 173 14.53 1.97 -53.95
N VAL A 174 13.28 1.63 -54.25
CA VAL A 174 12.53 2.33 -55.28
C VAL A 174 12.18 3.75 -54.81
N HIS A 175 11.86 3.90 -53.53
CA HIS A 175 11.37 5.18 -53.02
C HIS A 175 12.48 6.23 -52.97
N ARG A 176 13.74 5.82 -52.79
CA ARG A 176 14.81 6.81 -52.79
C ARG A 176 15.14 7.29 -54.20
N MET A 177 14.89 6.46 -55.22
CA MET A 177 15.17 6.84 -56.59
C MET A 177 13.97 7.42 -57.34
N ILE A 178 12.77 7.35 -56.76
CA ILE A 178 11.62 7.98 -57.39
C ILE A 178 11.30 9.35 -56.76
N PHE A 179 11.74 9.59 -55.53
CA PHE A 179 11.41 10.81 -54.79
C PHE A 179 12.64 11.71 -54.81
N SER A 180 12.43 12.99 -55.12
CA SER A 180 13.52 13.95 -55.16
C SER A 180 13.75 14.58 -53.79
N ASP B 43 -10.00 -2.40 -55.11
CA ASP B 43 -9.02 -2.17 -54.05
C ASP B 43 -7.68 -2.79 -54.47
N GLU B 44 -7.13 -2.26 -55.57
CA GLU B 44 -5.90 -2.80 -56.12
C GLU B 44 -4.69 -2.26 -55.37
N SER B 45 -3.57 -2.95 -55.51
CA SER B 45 -2.31 -2.56 -54.87
C SER B 45 -1.16 -2.92 -55.80
N PRO B 46 -0.76 -2.00 -56.68
CA PRO B 46 0.39 -2.26 -57.55
C PRO B 46 1.69 -2.31 -56.78
N SER B 47 2.64 -3.08 -57.32
CA SER B 47 3.98 -3.21 -56.77
C SER B 47 4.98 -2.81 -57.83
N PHE B 48 5.90 -1.92 -57.49
CA PHE B 48 6.91 -1.44 -58.42
C PHE B 48 8.28 -2.00 -58.05
N ASN B 49 9.02 -2.44 -59.06
CA ASN B 49 10.37 -2.98 -58.90
C ASN B 49 11.33 -2.22 -59.80
N THR B 50 12.57 -2.08 -59.34
CA THR B 50 13.58 -1.32 -60.07
C THR B 50 14.01 -2.04 -61.34
N SER B 51 14.56 -1.24 -62.27
CA SER B 51 15.03 -1.66 -63.61
C SER B 51 13.84 -2.23 -64.36
N THR B 52 13.97 -3.37 -65.04
CA THR B 52 12.85 -3.96 -65.77
C THR B 52 12.47 -5.32 -65.19
N SER B 63 13.48 3.39 -64.94
CA SER B 63 12.47 2.44 -65.39
C SER B 63 11.95 1.61 -64.24
N LEU B 64 10.64 1.39 -64.21
CA LEU B 64 9.99 0.62 -63.16
C LEU B 64 9.03 -0.37 -63.79
N THR B 65 8.84 -1.50 -63.10
CA THR B 65 7.94 -2.56 -63.54
C THR B 65 6.61 -2.40 -62.80
N PHE B 66 5.52 -2.23 -63.56
CA PHE B 66 4.23 -1.96 -62.95
C PHE B 66 3.64 -3.21 -62.28
N SER B 67 3.97 -4.40 -62.82
CA SER B 67 3.59 -5.71 -62.30
C SER B 67 2.09 -5.89 -62.17
N TYR B 68 1.55 -5.64 -60.98
CA TYR B 68 0.14 -5.91 -60.70
C TYR B 68 -0.75 -4.85 -61.35
N ASN B 84 -6.49 14.11 -73.20
CA ASN B 84 -5.78 13.76 -71.98
C ASN B 84 -6.31 14.55 -70.79
N ASP B 85 -6.46 13.87 -69.64
CA ASP B 85 -6.95 14.52 -68.43
C ASP B 85 -6.12 14.12 -67.20
N CYS B 86 -4.82 13.89 -67.40
CA CYS B 86 -3.91 13.57 -66.30
C CYS B 86 -2.68 14.47 -66.39
N ASP B 87 -2.36 15.13 -65.28
CA ASP B 87 -1.26 16.08 -65.25
C ASP B 87 0.05 15.33 -65.04
N ALA B 88 1.07 15.67 -65.84
CA ALA B 88 2.35 14.99 -65.74
C ALA B 88 3.11 15.39 -64.48
N GLU B 89 2.87 16.59 -63.97
CA GLU B 89 3.55 17.05 -62.77
C GLU B 89 2.85 16.47 -61.56
N LEU B 90 3.63 15.92 -60.62
CA LEU B 90 3.07 15.35 -59.40
C LEU B 90 4.06 15.62 -58.27
N ARG B 91 3.78 16.67 -57.50
CA ARG B 91 4.53 17.00 -56.30
C ARG B 91 3.76 16.47 -55.10
N ILE B 92 4.50 15.91 -54.12
CA ILE B 92 3.90 15.32 -52.93
C ILE B 92 4.53 15.89 -51.67
N TRP B 93 3.83 15.68 -50.56
CA TRP B 93 4.33 15.88 -49.21
C TRP B 93 4.30 14.54 -48.50
N SER B 94 5.33 14.28 -47.68
CA SER B 94 5.48 12.99 -47.03
C SER B 94 6.11 13.17 -45.67
N VAL B 95 6.07 12.11 -44.87
CA VAL B 95 6.74 12.06 -43.58
C VAL B 95 8.14 11.48 -43.82
N GLN B 96 9.16 12.30 -43.58
CA GLN B 96 10.53 11.89 -43.87
C GLN B 96 11.02 10.85 -42.85
N GLU B 97 11.97 10.04 -43.29
CA GLU B 97 12.54 8.98 -42.47
C GLU B 97 14.01 9.18 -42.16
N ASP B 98 14.62 10.29 -42.60
CA ASP B 98 16.03 10.57 -42.36
C ASP B 98 16.27 11.31 -41.04
N ASP B 99 15.27 11.40 -40.17
CA ASP B 99 15.41 12.13 -38.92
C ASP B 99 16.22 11.39 -37.87
N LEU B 100 16.57 10.12 -38.11
CA LEU B 100 17.34 9.36 -37.14
C LEU B 100 18.80 9.80 -37.07
N ALA B 101 19.29 10.51 -38.08
CA ALA B 101 20.68 10.97 -38.08
C ALA B 101 20.92 12.10 -37.08
N ALA B 102 19.86 12.81 -36.66
CA ALA B 102 20.02 13.85 -35.64
C ALA B 102 20.34 13.25 -34.28
N GLY B 103 19.74 12.11 -33.94
CA GLY B 103 20.00 11.42 -32.70
C GLY B 103 19.08 11.80 -31.55
N LEU B 104 18.40 12.93 -31.64
CA LEU B 104 17.47 13.35 -30.60
C LEU B 104 16.10 13.76 -31.14
N SER B 105 15.90 13.70 -32.46
CA SER B 105 14.64 14.12 -33.06
C SER B 105 13.52 13.10 -32.84
N TRP B 106 13.84 11.87 -32.45
CA TRP B 106 12.81 10.88 -32.14
C TRP B 106 12.11 11.18 -30.82
N ILE B 107 12.71 11.97 -29.94
CA ILE B 107 12.02 12.43 -28.73
C ILE B 107 10.96 13.45 -29.13
N PRO B 108 9.74 13.36 -28.58
CA PRO B 108 8.69 14.33 -28.95
C PRO B 108 8.99 15.77 -28.58
N PHE B 109 9.73 15.99 -27.49
CA PHE B 109 10.02 17.36 -27.07
C PHE B 109 11.01 18.04 -28.01
N PHE B 110 11.88 17.26 -28.65
CA PHE B 110 12.86 17.79 -29.58
C PHE B 110 12.45 17.57 -31.03
N GLY B 111 11.20 17.19 -31.27
CA GLY B 111 10.71 16.93 -32.61
C GLY B 111 10.30 18.19 -33.33
N PRO B 112 9.79 18.03 -34.56
CA PRO B 112 9.48 19.20 -35.39
C PRO B 112 8.10 19.80 -35.14
N GLY B 113 7.20 19.04 -34.54
CA GLY B 113 5.85 19.51 -34.32
C GLY B 113 4.90 19.11 -35.45
N ILE B 114 3.84 19.89 -35.58
CA ILE B 114 2.80 19.61 -36.56
C ILE B 114 3.13 20.20 -37.93
N GLU B 115 3.47 21.49 -37.98
CA GLU B 115 3.69 22.16 -39.26
C GLU B 115 5.02 21.77 -39.89
N GLY B 116 6.02 21.44 -39.08
CA GLY B 116 7.32 21.06 -39.57
C GLY B 116 7.51 19.57 -39.79
N LEU B 117 6.43 18.80 -39.75
CA LEU B 117 6.51 17.34 -39.83
C LEU B 117 6.71 16.85 -41.26
N TYR B 118 6.47 17.68 -42.26
CA TYR B 118 6.35 17.22 -43.64
C TYR B 118 7.54 17.65 -44.48
N THR B 119 7.85 16.84 -45.49
CA THR B 119 8.91 17.11 -46.45
C THR B 119 8.31 17.01 -47.85
N ALA B 120 8.57 18.01 -48.68
CA ALA B 120 8.06 18.04 -50.03
C ALA B 120 9.02 17.38 -51.01
N GLY B 121 8.46 16.87 -52.10
CA GLY B 121 9.25 16.23 -53.14
C GLY B 121 8.46 16.17 -54.43
N LEU B 122 9.14 15.71 -55.49
CA LEU B 122 8.55 15.63 -56.81
C LEU B 122 8.74 14.22 -57.36
N ILE B 123 7.67 13.62 -57.85
CA ILE B 123 7.72 12.29 -58.45
C ILE B 123 7.71 12.46 -59.96
N LYS B 124 8.78 12.02 -60.62
CA LYS B 124 8.91 12.19 -62.05
C LYS B 124 8.27 11.04 -62.81
N ASN B 125 7.96 11.30 -64.08
CA ASN B 125 7.22 10.36 -64.92
C ASN B 125 8.23 9.56 -65.74
N GLN B 126 8.47 8.31 -65.34
CA GLN B 126 9.43 7.47 -66.06
C GLN B 126 8.76 6.58 -67.10
N ASN B 127 7.88 5.69 -66.66
CA ASN B 127 7.22 4.71 -67.52
C ASN B 127 5.72 4.96 -67.62
N ASN B 128 5.35 6.25 -67.62
CA ASN B 128 3.97 6.74 -67.57
C ASN B 128 3.24 6.14 -66.36
N LEU B 129 3.78 6.43 -65.18
CA LEU B 129 3.23 5.92 -63.94
C LEU B 129 2.35 6.93 -63.20
N VAL B 130 2.46 8.21 -63.53
CA VAL B 130 1.61 9.24 -62.92
C VAL B 130 0.15 9.03 -63.31
N CYS B 131 -0.09 8.84 -64.61
CA CYS B 131 -1.46 8.72 -65.10
C CYS B 131 -2.09 7.39 -64.70
N ARG B 132 -1.28 6.33 -64.59
CA ARG B 132 -1.79 5.07 -64.08
C ARG B 132 -2.16 5.16 -62.61
N LEU B 133 -1.42 5.94 -61.82
CA LEU B 133 -1.80 6.19 -60.43
C LEU B 133 -3.07 7.01 -60.33
N ARG B 134 -3.24 8.01 -61.21
CA ARG B 134 -4.45 8.81 -61.18
C ARG B 134 -5.67 8.01 -61.64
N ARG B 135 -5.47 7.04 -62.55
CA ARG B 135 -6.56 6.13 -62.89
C ARG B 135 -6.80 5.07 -61.82
N LEU B 136 -5.74 4.71 -61.06
CA LEU B 136 -5.89 3.79 -59.94
C LEU B 136 -6.76 4.39 -58.84
N ALA B 137 -6.51 5.66 -58.53
CA ALA B 137 -7.24 6.32 -57.45
C ALA B 137 -8.71 6.52 -57.76
N ASN B 138 -9.09 6.56 -59.04
CA ASN B 138 -10.47 6.89 -59.38
C ASN B 138 -11.40 5.71 -59.14
N GLN B 139 -10.93 4.49 -59.38
CA GLN B 139 -11.72 3.30 -59.09
C GLN B 139 -11.24 2.52 -57.86
N THR B 140 -10.29 3.06 -57.10
CA THR B 140 -10.07 2.54 -55.75
C THR B 140 -11.25 2.91 -54.85
N ALA B 141 -11.82 4.10 -55.05
CA ALA B 141 -12.94 4.57 -54.24
C ALA B 141 -14.20 3.75 -54.46
N LYS B 142 -14.32 3.12 -55.65
CA LYS B 142 -15.47 2.30 -55.99
C LYS B 142 -15.62 1.12 -55.03
N SER B 143 -14.50 0.49 -54.66
CA SER B 143 -14.52 -0.59 -53.69
C SER B 143 -14.40 -0.08 -52.25
N LEU B 144 -13.65 1.00 -52.04
CA LEU B 144 -13.41 1.43 -50.67
C LEU B 144 -14.62 2.10 -50.06
N GLU B 145 -15.53 2.65 -50.88
CA GLU B 145 -16.79 3.17 -50.34
C GLU B 145 -17.67 2.06 -49.81
N LEU B 146 -17.70 0.91 -50.50
CA LEU B 146 -18.41 -0.25 -49.97
C LEU B 146 -17.72 -0.81 -48.74
N LEU B 147 -16.38 -0.76 -48.71
CA LEU B 147 -15.63 -1.23 -47.55
C LEU B 147 -15.92 -0.39 -46.31
N LEU B 148 -16.12 0.92 -46.47
CA LEU B 148 -16.59 1.74 -45.36
C LEU B 148 -18.09 1.58 -45.11
N ARG B 149 -18.85 1.17 -46.14
CA ARG B 149 -20.29 0.98 -45.98
C ARG B 149 -20.59 -0.21 -45.07
N VAL B 150 -19.80 -1.29 -45.17
CA VAL B 150 -20.05 -2.50 -44.39
C VAL B 150 -19.86 -2.24 -42.89
N THR B 151 -18.77 -1.57 -42.53
CA THR B 151 -18.47 -1.34 -41.12
C THR B 151 -19.39 -0.27 -40.53
N THR B 152 -19.33 -0.13 -39.20
CA THR B 152 -20.26 0.73 -38.49
C THR B 152 -19.63 1.80 -37.61
N GLU B 153 -18.33 1.74 -37.32
CA GLU B 153 -17.74 2.68 -36.38
C GLU B 153 -17.37 3.95 -37.12
N GLU B 154 -17.56 5.09 -36.46
CA GLU B 154 -17.56 6.41 -37.11
C GLU B 154 -16.18 7.04 -37.20
N ARG B 155 -15.11 6.35 -36.82
CA ARG B 155 -13.78 6.94 -36.85
C ARG B 155 -12.78 5.82 -37.16
N THR B 156 -11.50 6.05 -36.84
CA THR B 156 -10.27 5.50 -37.42
C THR B 156 -10.31 4.05 -37.91
N PHE B 157 -9.91 3.85 -39.17
CA PHE B 157 -9.81 2.52 -39.78
C PHE B 157 -8.54 2.49 -40.63
N SER B 158 -7.46 1.98 -40.05
CA SER B 158 -6.22 1.78 -40.80
C SER B 158 -6.36 0.53 -41.66
N LEU B 159 -6.31 0.70 -42.98
CA LEU B 159 -6.50 -0.40 -43.91
C LEU B 159 -5.21 -1.11 -44.27
N ILE B 160 -4.07 -0.71 -43.70
CA ILE B 160 -2.79 -1.27 -44.10
C ILE B 160 -2.66 -2.72 -43.64
N ASN B 161 -3.25 -3.07 -42.50
CA ASN B 161 -3.23 -4.44 -42.02
C ASN B 161 -4.12 -5.32 -42.88
N ARG B 162 -5.23 -4.77 -43.36
CA ARG B 162 -6.13 -5.47 -44.28
C ARG B 162 -5.42 -5.81 -45.58
N ILE B 163 -4.68 -4.84 -46.14
CA ILE B 163 -3.95 -5.06 -47.39
C ILE B 163 -2.82 -6.08 -47.19
N ALA B 164 -2.15 -6.01 -46.03
CA ALA B 164 -1.08 -6.98 -45.73
C ALA B 164 -1.63 -8.40 -45.61
N ILE B 165 -2.77 -8.56 -44.93
CA ILE B 165 -3.37 -9.89 -44.76
C ILE B 165 -3.91 -10.42 -46.09
N ASP B 166 -4.52 -9.55 -46.90
CA ASP B 166 -5.02 -9.98 -48.21
C ASP B 166 -3.87 -10.36 -49.15
N PHE B 167 -2.76 -9.63 -49.09
CA PHE B 167 -1.59 -9.99 -49.89
C PHE B 167 -0.98 -11.31 -49.42
N LEU B 168 -0.98 -11.55 -48.11
CA LEU B 168 -0.40 -12.78 -47.59
C LEU B 168 -1.29 -13.98 -47.89
N LEU B 169 -2.61 -13.80 -47.92
CA LEU B 169 -3.52 -14.88 -48.29
C LEU B 169 -3.54 -15.12 -49.79
N THR B 170 -3.35 -14.08 -50.61
CA THR B 170 -3.53 -14.21 -52.05
C THR B 170 -2.42 -15.03 -52.69
N ARG B 171 -1.16 -14.72 -52.39
CA ARG B 171 -0.05 -15.37 -53.06
C ARG B 171 0.47 -16.59 -52.31
N TRP B 172 -0.18 -17.00 -51.22
CA TRP B 172 0.19 -18.21 -50.50
C TRP B 172 -1.06 -18.99 -50.12
N GLY B 173 -1.99 -19.13 -51.06
CA GLY B 173 -3.20 -19.90 -50.79
C GLY B 173 -2.95 -21.39 -50.78
N GLY B 174 -2.02 -21.86 -51.61
CA GLY B 174 -1.70 -23.28 -51.67
C GLY B 174 -1.89 -23.87 -53.06
N GLY C 39 11.72 -18.04 -35.88
CA GLY C 39 11.45 -18.75 -34.64
C GLY C 39 10.14 -19.52 -34.69
N THR C 40 9.50 -19.66 -33.53
CA THR C 40 8.24 -20.37 -33.40
C THR C 40 7.16 -19.41 -32.94
N LEU C 41 6.03 -19.41 -33.66
CA LEU C 41 4.89 -18.56 -33.31
C LEU C 41 3.64 -19.28 -33.77
N GLN C 42 2.95 -19.93 -32.84
CA GLN C 42 1.77 -20.72 -33.13
C GLN C 42 0.46 -19.96 -32.96
N LYS C 43 0.40 -19.05 -31.99
CA LYS C 43 -0.82 -18.30 -31.72
C LYS C 43 -0.54 -16.80 -31.74
N THR C 44 -1.51 -16.00 -31.34
CA THR C 44 -1.38 -14.55 -31.32
C THR C 44 -1.20 -13.98 -29.92
N GLU C 45 -1.91 -14.52 -28.93
CA GLU C 45 -1.84 -13.99 -27.57
C GLU C 45 -0.60 -14.43 -26.80
N ASP C 46 0.32 -15.16 -27.44
CA ASP C 46 1.62 -15.44 -26.84
C ASP C 46 2.67 -14.39 -27.18
N VAL C 47 2.29 -13.32 -27.88
CA VAL C 47 3.15 -12.18 -28.10
C VAL C 47 2.92 -11.21 -26.96
N HIS C 48 3.95 -10.99 -26.14
CA HIS C 48 3.83 -10.23 -24.91
C HIS C 48 4.52 -8.88 -25.02
N LEU C 49 3.87 -7.87 -24.44
CA LEU C 49 4.40 -6.51 -24.34
C LEU C 49 4.42 -6.16 -22.86
N MET C 50 5.60 -6.18 -22.23
CA MET C 50 5.67 -5.88 -20.81
C MET C 50 6.51 -4.64 -20.56
N GLY C 51 6.14 -3.88 -19.54
CA GLY C 51 6.76 -2.61 -19.23
C GLY C 51 7.73 -2.74 -18.07
N PHE C 52 8.95 -2.26 -18.28
CA PHE C 52 9.99 -2.24 -17.27
C PHE C 52 10.19 -0.81 -16.78
N THR C 53 10.21 -0.64 -15.46
CA THR C 53 10.36 0.67 -14.86
C THR C 53 11.82 1.12 -14.90
N LEU C 54 12.02 2.42 -14.70
CA LEU C 54 13.37 2.97 -14.59
C LEU C 54 13.97 2.79 -13.21
N SER C 55 13.17 2.42 -12.21
CA SER C 55 13.70 2.19 -10.87
C SER C 55 14.51 0.90 -10.81
N GLY C 56 14.19 -0.07 -11.63
CA GLY C 56 14.97 -1.29 -11.74
C GLY C 56 16.15 -1.21 -12.66
N GLN C 57 16.42 -0.01 -13.20
CA GLN C 57 17.55 0.22 -14.10
C GLN C 57 18.69 0.96 -13.42
N LYS C 58 18.66 1.05 -12.09
CA LYS C 58 19.56 1.87 -11.27
C LYS C 58 19.59 3.33 -11.74
N VAL C 59 18.40 3.86 -12.00
CA VAL C 59 18.20 5.28 -12.24
C VAL C 59 17.56 5.86 -10.99
N ALA C 60 18.20 6.87 -10.40
CA ALA C 60 17.72 7.45 -9.16
C ALA C 60 16.42 8.21 -9.39
N ASP C 61 15.41 7.91 -8.57
CA ASP C 61 14.05 8.34 -8.85
C ASP C 61 13.38 8.98 -7.63
N SER C 62 14.16 9.68 -6.80
CA SER C 62 13.56 10.48 -5.76
C SER C 62 12.88 11.70 -6.38
N PRO C 63 11.73 12.13 -5.86
CA PRO C 63 10.93 13.17 -6.54
C PRO C 63 11.59 14.54 -6.62
N LEU C 64 12.58 14.84 -5.78
CA LEU C 64 13.25 16.13 -5.85
C LEU C 64 14.16 16.26 -7.06
N GLU C 65 14.62 15.15 -7.63
CA GLU C 65 15.54 15.18 -8.76
C GLU C 65 15.07 14.35 -9.95
N ALA C 66 14.01 13.56 -9.81
CA ALA C 66 13.40 12.89 -10.96
C ALA C 66 12.48 13.80 -11.74
N SER C 67 12.24 15.03 -11.26
CA SER C 67 11.32 15.95 -11.87
C SER C 67 11.95 16.82 -12.95
N LYS C 68 13.27 16.71 -13.17
CA LYS C 68 13.91 17.44 -14.24
C LYS C 68 13.99 16.65 -15.54
N ARG C 69 13.37 15.47 -15.58
CA ARG C 69 13.20 14.73 -16.82
C ARG C 69 11.86 15.05 -17.50
N TRP C 70 11.12 16.01 -16.96
CA TRP C 70 9.80 16.37 -17.46
C TRP C 70 9.81 17.82 -17.92
N ALA C 71 9.02 18.11 -18.96
CA ALA C 71 8.99 19.46 -19.52
C ALA C 71 7.62 19.71 -20.11
N PHE C 72 7.41 20.94 -20.59
CA PHE C 72 6.16 21.36 -21.19
C PHE C 72 6.40 21.89 -22.60
N ARG C 73 5.50 21.56 -23.51
CA ARG C 73 5.67 21.96 -24.91
C ARG C 73 4.31 22.09 -25.59
N THR C 74 4.17 23.13 -26.42
CA THR C 74 3.01 23.30 -27.28
C THR C 74 3.29 22.72 -28.66
N GLY C 75 2.32 22.03 -29.22
CA GLY C 75 2.36 21.65 -30.62
C GLY C 75 2.53 20.18 -30.94
N VAL C 76 2.46 19.28 -29.96
CA VAL C 76 2.57 17.85 -30.18
C VAL C 76 1.29 17.18 -29.68
N PRO C 77 0.73 16.23 -30.43
CA PRO C 77 -0.40 15.46 -29.92
C PRO C 77 0.03 14.44 -28.89
N PRO C 78 -0.86 14.03 -27.98
CA PRO C 78 -0.55 12.90 -27.10
C PRO C 78 -0.96 11.56 -27.69
N LYS C 79 -0.09 10.57 -27.50
CA LYS C 79 -0.28 9.23 -28.05
C LYS C 79 -0.29 8.19 -26.95
N ASN C 80 -1.06 7.12 -27.15
CA ASN C 80 -1.18 6.03 -26.20
C ASN C 80 -0.90 4.70 -26.89
N VAL C 81 -0.39 3.74 -26.13
CA VAL C 81 -0.12 2.40 -26.64
C VAL C 81 -0.45 1.39 -25.55
N GLU C 82 -1.03 0.26 -25.95
CA GLU C 82 -1.51 -0.75 -25.00
C GLU C 82 -0.49 -1.87 -24.86
N TYR C 83 -0.11 -2.18 -23.62
CA TYR C 83 0.75 -3.30 -23.28
C TYR C 83 -0.02 -4.28 -22.40
N THR C 84 0.64 -5.37 -21.99
CA THR C 84 -0.03 -6.48 -21.33
C THR C 84 0.38 -6.66 -19.88
N GLU C 85 1.66 -6.86 -19.59
CA GLU C 85 2.15 -7.15 -18.26
C GLU C 85 3.11 -6.05 -17.80
N GLY C 86 3.58 -6.15 -16.57
CA GLY C 86 4.44 -5.09 -16.07
C GLY C 86 5.11 -5.47 -14.77
N GLU C 87 6.09 -4.65 -14.41
CA GLU C 87 6.89 -4.83 -13.21
C GLU C 87 6.26 -4.11 -12.02
N GLU C 88 6.45 -4.67 -10.82
CA GLU C 88 6.16 -3.93 -9.60
C GLU C 88 7.10 -2.73 -9.49
N ALA C 89 6.52 -1.56 -9.25
CA ALA C 89 7.24 -0.31 -9.29
C ALA C 89 7.66 0.09 -7.88
N LYS C 90 8.93 0.49 -7.73
CA LYS C 90 9.43 0.93 -6.43
C LYS C 90 8.83 2.27 -6.04
N THR C 91 8.82 3.23 -6.98
CA THR C 91 8.27 4.56 -6.74
C THR C 91 7.20 4.88 -7.78
N CYS C 92 6.11 5.47 -7.32
CA CYS C 92 5.06 5.97 -8.19
C CYS C 92 4.71 7.38 -7.75
N TYR C 93 4.11 8.15 -8.66
CA TYR C 93 3.87 9.56 -8.42
C TYR C 93 2.42 9.91 -8.71
N ASN C 94 1.84 10.73 -7.82
CA ASN C 94 0.54 11.36 -8.04
C ASN C 94 0.76 12.86 -7.97
N ILE C 95 0.68 13.53 -9.12
CA ILE C 95 1.21 14.88 -9.29
C ILE C 95 0.09 15.80 -9.76
N SER C 96 0.13 17.04 -9.30
CA SER C 96 -0.77 18.09 -9.76
C SER C 96 0.02 19.37 -9.98
N VAL C 97 -0.15 19.97 -11.16
CA VAL C 97 0.48 21.23 -11.52
C VAL C 97 -0.62 22.22 -11.89
N THR C 98 -0.62 23.38 -11.23
CA THR C 98 -1.64 24.38 -11.43
C THR C 98 -1.05 25.67 -11.99
N ASP C 99 -1.93 26.55 -12.44
CA ASP C 99 -1.57 27.91 -12.82
C ASP C 99 -1.86 28.85 -11.64
N PRO C 100 -1.46 30.13 -11.71
CA PRO C 100 -1.90 31.07 -10.67
C PRO C 100 -3.40 31.31 -10.61
N SER C 101 -4.15 31.02 -11.68
CA SER C 101 -5.60 31.21 -11.64
C SER C 101 -6.37 30.00 -11.11
N GLY C 102 -5.68 28.87 -10.86
CA GLY C 102 -6.32 27.72 -10.24
C GLY C 102 -6.71 26.59 -11.18
N LYS C 103 -6.35 26.65 -12.45
CA LYS C 103 -6.68 25.60 -13.41
C LYS C 103 -5.48 24.69 -13.62
N SER C 104 -5.73 23.39 -13.62
CA SER C 104 -4.65 22.42 -13.80
C SER C 104 -4.16 22.42 -15.24
N LEU C 105 -2.84 22.38 -15.40
CA LEU C 105 -2.22 22.43 -16.72
C LEU C 105 -2.08 21.06 -17.36
N LEU C 106 -2.40 19.99 -16.65
CA LEU C 106 -2.34 18.64 -17.21
C LEU C 106 -3.67 18.31 -17.89
N LEU C 107 -3.59 17.38 -18.84
CA LEU C 107 -4.75 17.03 -19.67
C LEU C 107 -5.75 16.20 -18.88
N ASP C 108 -7.00 16.24 -19.35
CA ASP C 108 -8.04 15.41 -18.76
C ASP C 108 -7.82 13.96 -19.15
N PRO C 109 -7.90 13.02 -18.21
CA PRO C 109 -7.66 11.61 -18.54
C PRO C 109 -8.82 11.01 -19.30
N PRO C 110 -8.54 10.22 -20.35
CA PRO C 110 -9.60 9.45 -21.02
C PRO C 110 -10.21 8.37 -20.15
N SER C 111 -11.24 7.70 -20.67
CA SER C 111 -11.94 6.68 -19.89
C SER C 111 -11.13 5.39 -19.72
N ASN C 112 -10.14 5.16 -20.58
CA ASN C 112 -9.34 3.94 -20.52
C ASN C 112 -8.09 4.09 -19.65
N ILE C 113 -7.87 5.25 -19.04
CA ILE C 113 -6.71 5.46 -18.19
C ILE C 113 -7.09 5.11 -16.75
N ARG C 114 -6.33 4.23 -16.14
CA ARG C 114 -6.51 3.86 -14.74
C ARG C 114 -5.17 4.06 -14.02
N ASP C 115 -5.22 3.87 -12.70
CA ASP C 115 -4.01 4.00 -11.90
C ASP C 115 -3.10 2.79 -12.12
N TYR C 116 -1.81 2.97 -11.83
CA TYR C 116 -0.86 1.89 -11.96
C TYR C 116 -1.13 0.83 -10.89
N PRO C 117 -1.08 -0.48 -11.26
CA PRO C 117 -1.57 -1.53 -10.35
C PRO C 117 -0.82 -1.68 -9.03
N LYS C 118 0.49 -1.91 -9.12
CA LYS C 118 1.31 -2.22 -7.95
C LYS C 118 2.37 -1.15 -7.77
N CYS C 119 2.36 -0.49 -6.61
CA CYS C 119 3.36 0.49 -6.25
C CYS C 119 3.81 0.25 -4.81
N LYS C 120 5.10 0.40 -4.57
CA LYS C 120 5.65 0.28 -3.22
C LYS C 120 5.64 1.61 -2.47
N THR C 121 5.74 2.73 -3.18
CA THR C 121 5.71 4.05 -2.57
C THR C 121 5.03 5.01 -3.52
N VAL C 122 4.02 5.73 -3.04
CA VAL C 122 3.30 6.73 -3.83
C VAL C 122 3.63 8.10 -3.27
N HIS C 123 4.18 8.96 -4.11
CA HIS C 123 4.58 10.30 -3.73
C HIS C 123 3.55 11.31 -4.25
N HIS C 124 2.93 12.05 -3.34
CA HIS C 124 1.95 13.06 -3.70
C HIS C 124 2.66 14.40 -3.84
N ILE C 125 2.48 15.06 -4.99
CA ILE C 125 3.20 16.28 -5.31
C ILE C 125 2.19 17.34 -5.78
N GLN C 126 2.26 18.51 -5.18
CA GLN C 126 1.48 19.68 -5.59
C GLN C 126 2.44 20.79 -5.99
N GLY C 127 2.16 21.44 -7.12
CA GLY C 127 3.04 22.50 -7.56
C GLY C 127 2.33 23.45 -8.51
N GLN C 128 3.00 24.56 -8.80
CA GLN C 128 2.46 25.57 -9.70
C GLN C 128 3.58 26.10 -10.60
N ASN C 129 3.18 26.54 -11.80
CA ASN C 129 4.09 27.12 -12.76
C ASN C 129 3.36 28.22 -13.52
N PRO C 130 3.85 29.47 -13.50
CA PRO C 130 3.11 30.57 -14.10
C PRO C 130 3.35 30.77 -15.59
N HIS C 131 4.53 30.38 -16.10
CA HIS C 131 4.94 30.77 -17.44
C HIS C 131 5.27 29.57 -18.33
N ALA C 132 4.62 28.44 -18.10
CA ALA C 132 4.73 27.27 -18.98
C ALA C 132 3.34 26.87 -19.45
N GLN C 133 3.21 26.63 -20.76
CA GLN C 133 1.95 26.22 -21.34
C GLN C 133 2.22 25.09 -22.34
N GLY C 134 1.19 24.27 -22.56
CA GLY C 134 1.29 23.12 -23.44
C GLY C 134 0.93 21.84 -22.70
N ILE C 135 1.58 20.75 -23.11
CA ILE C 135 1.40 19.46 -22.45
C ILE C 135 2.75 18.98 -21.93
N ALA C 136 2.69 18.03 -21.00
CA ALA C 136 3.86 17.49 -20.35
C ALA C 136 4.48 16.37 -21.18
N LEU C 137 5.81 16.39 -21.26
CA LEU C 137 6.57 15.45 -22.07
C LEU C 137 7.79 14.98 -21.28
N HIS C 138 8.29 13.81 -21.66
CA HIS C 138 9.45 13.19 -21.02
C HIS C 138 10.69 13.50 -21.83
N LEU C 139 11.75 13.97 -21.15
CA LEU C 139 12.94 14.42 -21.85
C LEU C 139 13.80 13.28 -22.36
N TRP C 140 13.75 12.12 -21.70
CA TRP C 140 14.55 10.97 -22.13
C TRP C 140 13.86 10.13 -23.21
N GLY C 141 12.64 10.47 -23.58
CA GLY C 141 11.91 9.67 -24.55
C GLY C 141 11.25 8.44 -23.98
N ALA C 142 11.12 8.34 -22.67
CA ALA C 142 10.54 7.18 -22.02
C ALA C 142 9.02 7.32 -21.98
N PHE C 143 8.35 6.46 -21.21
CA PHE C 143 6.90 6.38 -21.19
C PHE C 143 6.37 6.56 -19.78
N PHE C 144 5.16 7.11 -19.71
CA PHE C 144 4.40 7.23 -18.47
C PHE C 144 3.48 6.02 -18.39
N LEU C 145 3.82 5.07 -17.52
CA LEU C 145 3.11 3.80 -17.44
C LEU C 145 1.92 3.89 -16.50
N TYR C 146 0.78 3.40 -16.98
CA TYR C 146 -0.47 3.30 -16.25
C TYR C 146 -0.91 1.84 -16.33
N ASP C 147 -2.19 1.58 -16.01
CA ASP C 147 -2.75 0.24 -16.08
C ASP C 147 -2.89 -0.22 -17.52
N ARG C 148 -1.85 -0.92 -18.00
CA ARG C 148 -1.75 -1.48 -19.37
C ARG C 148 -1.89 -0.40 -20.45
N VAL C 149 -1.49 0.82 -20.14
CA VAL C 149 -1.46 1.92 -21.11
C VAL C 149 -0.17 2.70 -20.87
N ALA C 150 0.64 2.83 -21.91
CA ALA C 150 1.82 3.69 -21.89
C ALA C 150 1.54 4.95 -22.69
N SER C 151 1.90 6.09 -22.13
CA SER C 151 1.54 7.39 -22.68
C SER C 151 2.80 8.24 -22.82
N THR C 152 2.71 9.22 -23.73
CA THR C 152 3.76 10.22 -23.91
C THR C 152 3.43 11.52 -23.19
N THR C 153 2.35 11.55 -22.41
CA THR C 153 1.94 12.75 -21.70
C THR C 153 1.53 12.36 -20.28
N MET C 154 1.28 13.38 -19.46
CA MET C 154 0.94 13.20 -18.06
C MET C 154 -0.51 13.59 -17.84
N TYR C 155 -1.29 12.70 -17.25
CA TYR C 155 -2.71 12.89 -17.06
C TYR C 155 -3.02 13.32 -15.62
N ARG C 156 -4.12 14.06 -15.47
CA ARG C 156 -4.46 14.67 -14.19
C ARG C 156 -5.05 13.62 -13.24
N GLY C 157 -4.53 13.57 -12.02
CA GLY C 157 -5.11 12.77 -10.97
C GLY C 157 -4.93 11.28 -11.11
N LYS C 158 -3.93 10.83 -11.85
CA LYS C 158 -3.69 9.41 -12.06
C LYS C 158 -2.27 9.06 -11.64
N VAL C 159 -2.13 7.92 -10.96
CA VAL C 159 -0.85 7.45 -10.49
C VAL C 159 -0.14 6.69 -11.61
N PHE C 160 1.08 7.11 -11.93
CA PHE C 160 1.85 6.57 -13.03
C PHE C 160 3.22 6.12 -12.52
N THR C 161 4.03 5.59 -13.43
CA THR C 161 5.46 5.46 -13.19
C THR C 161 6.19 5.77 -14.49
N GLU C 162 7.51 5.75 -14.46
CA GLU C 162 8.31 5.94 -15.66
C GLU C 162 8.90 4.61 -16.10
N GLY C 163 8.82 4.33 -17.39
CA GLY C 163 9.35 3.07 -17.89
C GLY C 163 9.19 2.94 -19.38
N ASN C 164 9.68 1.81 -19.89
CA ASN C 164 9.64 1.50 -21.31
C ASN C 164 9.05 0.11 -21.50
N ILE C 165 8.25 -0.06 -22.55
CA ILE C 165 7.63 -1.34 -22.82
C ILE C 165 8.48 -2.09 -23.85
N ALA C 166 8.44 -3.42 -23.76
CA ALA C 166 9.29 -4.30 -24.54
C ALA C 166 8.49 -5.47 -25.07
N ALA C 167 8.88 -5.96 -26.25
CA ALA C 167 8.13 -6.94 -27.02
C ALA C 167 8.90 -8.27 -27.08
N MET C 168 8.17 -9.37 -26.90
CA MET C 168 8.79 -10.68 -27.03
C MET C 168 7.75 -11.73 -27.41
N ILE C 169 8.24 -12.89 -27.81
CA ILE C 169 7.43 -14.03 -28.20
C ILE C 169 7.86 -15.23 -27.36
N VAL C 170 6.91 -15.80 -26.60
CA VAL C 170 7.19 -16.96 -25.77
C VAL C 170 6.28 -18.10 -26.19
N ASN C 171 6.64 -19.29 -25.74
CA ASN C 171 5.81 -20.48 -25.88
C ASN C 171 5.00 -20.66 -24.59
N LYS C 172 3.97 -21.49 -24.66
CA LYS C 172 3.14 -21.76 -23.48
C LYS C 172 3.92 -22.53 -22.43
N THR C 173 4.63 -23.59 -22.84
CA THR C 173 5.39 -24.41 -21.90
C THR C 173 6.60 -23.67 -21.35
N VAL C 174 7.22 -22.81 -22.15
CA VAL C 174 8.31 -21.97 -21.66
C VAL C 174 7.81 -20.99 -20.61
N HIS C 175 6.62 -20.41 -20.83
CA HIS C 175 6.02 -19.52 -19.85
C HIS C 175 5.50 -20.26 -18.63
N ARG C 176 5.28 -21.57 -18.72
CA ARG C 176 5.09 -22.35 -17.50
C ARG C 176 6.42 -22.60 -16.80
N MET C 177 7.51 -22.72 -17.56
CA MET C 177 8.79 -23.08 -16.99
C MET C 177 9.42 -21.92 -16.22
N ILE C 178 9.50 -20.74 -16.83
CA ILE C 178 10.31 -19.65 -16.28
C ILE C 178 9.49 -18.67 -15.44
N PHE C 179 8.29 -19.05 -15.02
CA PHE C 179 7.42 -18.17 -14.25
C PHE C 179 7.13 -18.80 -12.90
N SER C 180 7.16 -17.99 -11.85
CA SER C 180 6.86 -18.46 -10.50
C SER C 180 5.36 -18.72 -10.33
N ASN C 207 1.92 24.78 -2.16
CA ASN C 207 2.66 24.35 -3.37
C ASN C 207 4.08 23.94 -2.97
N ASP C 208 4.43 22.68 -3.22
CA ASP C 208 5.76 22.16 -2.80
C ASP C 208 6.87 23.05 -3.38
N THR C 209 6.87 23.27 -4.70
CA THR C 209 7.95 24.06 -5.33
C THR C 209 7.58 24.39 -6.76
N GLY C 210 8.42 25.17 -7.44
CA GLY C 210 8.18 25.47 -8.87
C GLY C 210 8.71 24.34 -9.72
N CYS C 211 8.03 23.19 -9.71
CA CYS C 211 8.51 21.99 -10.46
C CYS C 211 8.54 22.29 -11.97
N PHE C 212 9.24 21.46 -12.75
CA PHE C 212 9.37 21.68 -14.21
C PHE C 212 10.12 22.99 -14.45
N GLY C 213 9.48 23.96 -15.10
CA GLY C 213 10.12 25.27 -15.32
C GLY C 213 11.47 25.11 -15.99
N ILE C 214 11.50 24.43 -17.14
CA ILE C 214 12.78 24.24 -17.91
C ILE C 214 13.62 25.51 -17.77
N SER D 45 9.72 -2.40 -34.60
CA SER D 45 9.91 -2.82 -33.22
C SER D 45 10.77 -4.08 -33.15
N PRO D 46 11.90 -4.00 -32.44
CA PRO D 46 12.70 -5.21 -32.17
C PRO D 46 11.96 -6.28 -31.38
N SER D 47 11.74 -7.44 -31.99
CA SER D 47 11.12 -8.57 -31.31
C SER D 47 12.22 -9.47 -30.73
N PHE D 48 11.81 -10.44 -29.91
CA PHE D 48 12.77 -11.24 -29.16
C PHE D 48 12.15 -12.59 -28.84
N ASN D 49 12.85 -13.67 -29.19
CA ASN D 49 12.31 -15.01 -29.04
C ASN D 49 13.01 -15.71 -27.87
N THR D 50 12.23 -16.17 -26.91
CA THR D 50 12.75 -16.94 -25.77
C THR D 50 12.46 -18.42 -26.00
N SER D 51 13.26 -19.02 -26.86
CA SER D 51 13.14 -20.42 -27.21
C SER D 51 14.14 -21.24 -26.40
N THR D 52 14.11 -22.56 -26.61
CA THR D 52 15.02 -23.46 -25.90
C THR D 52 15.50 -24.59 -26.81
N SER D 63 15.01 -21.52 -21.49
CA SER D 63 15.37 -20.17 -21.89
C SER D 63 16.81 -20.11 -22.39
N LEU D 64 17.16 -21.06 -23.26
CA LEU D 64 18.51 -21.13 -23.82
C LEU D 64 18.66 -20.26 -25.06
N THR D 65 17.78 -20.44 -26.04
CA THR D 65 17.87 -19.71 -27.30
C THR D 65 17.38 -18.27 -27.10
N PHE D 66 18.19 -17.30 -27.51
CA PHE D 66 17.88 -15.89 -27.39
C PHE D 66 17.92 -15.22 -28.76
N SER D 67 17.24 -15.83 -29.74
CA SER D 67 17.22 -15.30 -31.10
C SER D 67 16.44 -13.99 -31.17
N TYR D 68 16.90 -13.08 -32.03
CA TYR D 68 16.31 -11.77 -32.22
C TYR D 68 15.58 -11.73 -33.56
N PHE D 69 15.12 -10.54 -33.92
CA PHE D 69 14.37 -10.32 -35.17
C PHE D 69 15.22 -10.60 -36.41
N ASN D 84 26.46 -2.71 -13.00
CA ASN D 84 26.00 -2.11 -14.24
C ASN D 84 24.73 -1.29 -14.02
N ASP D 85 23.83 -1.32 -15.01
CA ASP D 85 22.56 -0.60 -14.96
C ASP D 85 21.37 -1.57 -14.91
N CYS D 86 21.57 -2.74 -14.31
CA CYS D 86 20.59 -3.80 -14.30
C CYS D 86 20.31 -4.27 -12.88
N ASP D 87 19.13 -4.85 -12.68
CA ASP D 87 18.73 -5.45 -11.43
C ASP D 87 18.29 -6.87 -11.77
N ALA D 88 18.85 -7.85 -11.04
CA ALA D 88 18.57 -9.24 -11.37
C ALA D 88 17.19 -9.69 -10.93
N GLU D 89 16.61 -9.05 -9.92
CA GLU D 89 15.30 -9.43 -9.42
C GLU D 89 14.21 -8.77 -10.26
N LEU D 90 13.33 -9.59 -10.84
CA LEU D 90 12.25 -9.09 -11.69
C LEU D 90 10.94 -9.73 -11.23
N ARG D 91 10.19 -9.00 -10.42
CA ARG D 91 8.84 -9.41 -10.05
C ARG D 91 7.85 -8.75 -10.99
N ILE D 92 6.88 -9.54 -11.47
CA ILE D 92 5.93 -9.09 -12.47
C ILE D 92 4.50 -9.39 -12.00
N TRP D 93 3.56 -8.68 -12.62
CA TRP D 93 2.13 -8.92 -12.48
C TRP D 93 1.54 -9.19 -13.85
N SER D 94 0.55 -10.08 -13.91
CA SER D 94 0.00 -10.52 -15.18
C SER D 94 -1.40 -11.08 -14.96
N VAL D 95 -2.11 -11.29 -16.07
CA VAL D 95 -3.42 -11.94 -16.06
C VAL D 95 -3.18 -13.37 -16.51
N GLN D 96 -3.24 -14.31 -15.56
CA GLN D 96 -3.00 -15.73 -15.84
C GLN D 96 -4.34 -16.39 -16.14
N GLU D 97 -4.56 -16.70 -17.41
CA GLU D 97 -5.84 -17.26 -17.85
C GLU D 97 -5.96 -18.76 -17.64
N ASP D 98 -4.89 -19.42 -17.15
CA ASP D 98 -4.95 -20.86 -16.93
C ASP D 98 -5.86 -21.21 -15.76
N ASP D 99 -5.71 -20.51 -14.63
CA ASP D 99 -6.54 -20.73 -13.47
C ASP D 99 -7.72 -19.76 -13.42
N LEU D 100 -7.80 -18.83 -14.35
CA LEU D 100 -8.86 -17.82 -14.36
C LEU D 100 -10.20 -18.39 -14.83
N ALA D 101 -10.19 -19.52 -15.55
CA ALA D 101 -11.43 -20.11 -16.02
C ALA D 101 -12.27 -20.63 -14.85
N ALA D 102 -11.73 -21.62 -14.12
CA ALA D 102 -12.23 -22.09 -12.82
C ALA D 102 -13.70 -22.50 -12.84
N GLY D 103 -14.08 -23.24 -13.87
CA GLY D 103 -15.48 -23.60 -14.04
C GLY D 103 -16.32 -22.46 -14.56
N LEU D 104 -17.13 -21.85 -13.68
CA LEU D 104 -18.06 -20.80 -14.06
C LEU D 104 -17.60 -19.44 -13.51
N SER D 105 -16.29 -19.19 -13.59
CA SER D 105 -15.73 -17.92 -13.15
C SER D 105 -15.39 -16.99 -14.31
N TRP D 106 -15.73 -17.36 -15.54
CA TRP D 106 -15.55 -16.49 -16.69
C TRP D 106 -16.72 -15.53 -16.88
N ILE D 107 -17.76 -15.66 -16.06
CA ILE D 107 -18.87 -14.71 -16.05
C ILE D 107 -18.35 -13.37 -15.55
N PRO D 108 -18.73 -12.24 -16.16
CA PRO D 108 -18.35 -10.94 -15.58
C PRO D 108 -18.98 -10.68 -14.23
N PHE D 109 -20.14 -11.26 -13.94
CA PHE D 109 -20.76 -11.09 -12.63
C PHE D 109 -20.14 -12.03 -11.61
N PHE D 110 -19.87 -13.28 -11.99
CA PHE D 110 -19.04 -14.19 -11.18
C PHE D 110 -17.57 -14.04 -11.60
N GLY D 111 -17.03 -12.86 -11.31
CA GLY D 111 -15.67 -12.57 -11.70
C GLY D 111 -15.01 -11.50 -10.83
N PRO D 112 -13.72 -11.27 -11.06
CA PRO D 112 -13.01 -10.25 -10.28
C PRO D 112 -13.09 -8.87 -10.91
N GLY D 113 -12.91 -7.87 -10.05
CA GLY D 113 -12.96 -6.48 -10.45
C GLY D 113 -11.62 -5.98 -10.94
N ILE D 114 -11.44 -4.66 -10.83
CA ILE D 114 -10.17 -4.05 -11.20
C ILE D 114 -9.08 -4.42 -10.21
N GLU D 115 -9.39 -4.36 -8.91
CA GLU D 115 -8.46 -4.74 -7.86
C GLU D 115 -8.68 -6.22 -7.55
N GLY D 116 -7.88 -7.07 -8.17
CA GLY D 116 -8.01 -8.51 -7.98
C GLY D 116 -7.84 -9.29 -9.27
N LEU D 117 -7.71 -8.57 -10.38
CA LEU D 117 -7.56 -9.21 -11.69
C LEU D 117 -6.17 -9.79 -11.88
N TYR D 118 -5.17 -9.24 -11.21
CA TYR D 118 -3.77 -9.54 -11.49
C TYR D 118 -3.21 -10.57 -10.52
N THR D 119 -2.16 -11.25 -10.95
CA THR D 119 -1.40 -12.17 -10.13
C THR D 119 -0.03 -11.57 -9.83
N ALA D 120 0.84 -12.35 -9.20
CA ALA D 120 2.20 -11.92 -8.92
C ALA D 120 3.14 -13.08 -9.19
N GLY D 121 4.36 -12.74 -9.60
CA GLY D 121 5.35 -13.78 -9.84
C GLY D 121 6.73 -13.20 -9.99
N LEU D 122 7.70 -14.08 -10.19
CA LEU D 122 9.10 -13.72 -10.29
C LEU D 122 9.70 -14.39 -11.51
N ILE D 123 10.68 -13.72 -12.12
CA ILE D 123 11.39 -14.23 -13.29
C ILE D 123 12.82 -14.53 -12.87
N LYS D 124 13.25 -15.78 -13.09
CA LYS D 124 14.60 -16.19 -12.72
C LYS D 124 15.59 -15.75 -13.79
N ASN D 125 16.67 -15.09 -13.36
CA ASN D 125 17.74 -14.66 -14.26
C ASN D 125 18.63 -15.88 -14.55
N GLN D 126 18.19 -16.70 -15.51
CA GLN D 126 18.90 -17.95 -15.76
C GLN D 126 20.13 -17.72 -16.65
N ASN D 127 19.91 -17.38 -17.91
CA ASN D 127 21.02 -17.01 -18.80
C ASN D 127 21.10 -15.51 -19.02
N ASN D 128 21.16 -14.73 -17.92
CA ASN D 128 21.18 -13.26 -17.92
C ASN D 128 20.03 -12.69 -18.77
N LEU D 129 18.81 -13.02 -18.36
CA LEU D 129 17.62 -12.74 -19.14
C LEU D 129 17.02 -11.36 -18.83
N VAL D 130 17.00 -10.99 -17.56
CA VAL D 130 16.42 -9.70 -17.16
C VAL D 130 17.31 -8.56 -17.66
N CYS D 131 18.62 -8.75 -17.60
CA CYS D 131 19.58 -7.73 -18.00
C CYS D 131 19.64 -7.55 -19.51
N ARG D 132 19.10 -8.48 -20.30
CA ARG D 132 18.94 -8.23 -21.72
C ARG D 132 17.53 -7.78 -22.10
N LEU D 133 16.51 -8.12 -21.30
CA LEU D 133 15.21 -7.48 -21.50
C LEU D 133 15.25 -5.98 -21.18
N ARG D 134 16.10 -5.54 -20.26
CA ARG D 134 16.19 -4.10 -19.99
C ARG D 134 16.95 -3.36 -21.10
N ARG D 135 17.95 -4.01 -21.70
CA ARG D 135 18.59 -3.46 -22.89
C ARG D 135 17.63 -3.49 -24.08
N LEU D 136 16.69 -4.44 -24.08
CA LEU D 136 15.61 -4.42 -25.05
C LEU D 136 14.65 -3.26 -24.78
N ALA D 137 14.50 -2.86 -23.51
CA ALA D 137 13.66 -1.70 -23.16
C ALA D 137 14.27 -0.40 -23.66
N ASN D 138 15.61 -0.27 -23.58
CA ASN D 138 16.27 0.64 -24.52
C ASN D 138 15.90 0.42 -25.99
N GLN D 139 16.34 -0.68 -26.60
CA GLN D 139 16.50 -0.66 -28.06
C GLN D 139 15.20 -0.72 -28.87
N THR D 140 14.03 -0.71 -28.22
CA THR D 140 12.78 -0.63 -28.96
C THR D 140 12.03 0.68 -28.74
N ALA D 141 12.59 1.61 -27.95
CA ALA D 141 11.87 2.85 -27.64
C ALA D 141 11.88 3.80 -28.84
N LYS D 142 13.01 3.91 -29.53
CA LYS D 142 13.13 4.85 -30.65
C LYS D 142 12.21 4.45 -31.81
N SER D 143 12.16 3.16 -32.13
CA SER D 143 11.27 2.67 -33.19
C SER D 143 9.81 2.84 -32.80
N LEU D 144 9.49 2.69 -31.52
CA LEU D 144 8.10 2.84 -31.08
C LEU D 144 7.66 4.30 -31.11
N GLU D 145 8.55 5.22 -30.76
CA GLU D 145 8.23 6.64 -30.87
C GLU D 145 8.10 7.09 -32.32
N LEU D 146 8.97 6.57 -33.21
CA LEU D 146 8.83 6.87 -34.63
C LEU D 146 7.59 6.22 -35.23
N LEU D 147 7.12 5.11 -34.65
CA LEU D 147 5.88 4.50 -35.09
C LEU D 147 4.66 5.29 -34.63
N LEU D 148 4.71 5.81 -33.40
CA LEU D 148 3.60 6.60 -32.88
C LEU D 148 3.56 8.01 -33.45
N ARG D 149 4.67 8.51 -33.99
CA ARG D 149 4.64 9.81 -34.67
C ARG D 149 3.81 9.77 -35.94
N VAL D 150 3.90 8.67 -36.69
CA VAL D 150 3.25 8.58 -38.00
C VAL D 150 1.74 8.48 -37.85
N THR D 151 1.25 7.73 -36.87
CA THR D 151 -0.18 7.55 -36.67
C THR D 151 -0.82 8.84 -36.15
N THR D 152 -2.14 8.93 -36.34
CA THR D 152 -2.88 10.12 -35.99
C THR D 152 -3.97 9.89 -34.96
N GLU D 153 -4.25 8.66 -34.58
CA GLU D 153 -5.30 8.38 -33.61
C GLU D 153 -4.74 8.52 -32.20
N GLU D 154 -5.46 9.27 -31.35
CA GLU D 154 -4.95 9.68 -30.05
C GLU D 154 -5.32 8.72 -28.92
N ARG D 155 -6.20 7.74 -29.17
CA ARG D 155 -6.49 6.72 -28.18
C ARG D 155 -5.48 5.56 -28.33
N THR D 156 -5.71 4.47 -27.60
CA THR D 156 -4.71 3.41 -27.51
C THR D 156 -4.63 2.61 -28.81
N PHE D 157 -3.42 2.21 -29.16
CA PHE D 157 -3.14 1.58 -30.45
C PHE D 157 -2.81 0.12 -30.21
N SER D 158 -3.53 -0.77 -30.89
CA SER D 158 -3.22 -2.19 -30.85
C SER D 158 -1.96 -2.47 -31.68
N LEU D 159 -1.06 -3.27 -31.13
CA LEU D 159 0.26 -3.45 -31.72
C LEU D 159 0.62 -4.92 -31.92
N ILE D 160 -0.12 -5.86 -31.33
CA ILE D 160 0.21 -7.28 -31.41
C ILE D 160 0.03 -7.82 -32.82
N ASN D 161 -1.04 -7.40 -33.50
CA ASN D 161 -1.32 -7.87 -34.86
C ASN D 161 -0.26 -7.41 -35.86
N ARG D 162 0.31 -6.22 -35.63
CA ARG D 162 1.37 -5.73 -36.50
C ARG D 162 2.62 -6.60 -36.41
N ILE D 163 3.00 -6.99 -35.20
CA ILE D 163 4.15 -7.89 -35.02
C ILE D 163 3.84 -9.27 -35.58
N ALA D 164 2.59 -9.72 -35.43
CA ALA D 164 2.19 -11.03 -35.93
C ALA D 164 2.23 -11.09 -37.46
N ILE D 165 1.83 -10.01 -38.12
CA ILE D 165 1.94 -9.96 -39.58
C ILE D 165 3.40 -9.80 -40.01
N ASP D 166 4.18 -9.00 -39.28
CA ASP D 166 5.60 -8.81 -39.62
C ASP D 166 6.41 -10.09 -39.48
N PHE D 167 6.06 -10.95 -38.52
CA PHE D 167 6.76 -12.23 -38.38
C PHE D 167 6.57 -13.11 -39.61
N LEU D 168 5.34 -13.21 -40.11
CA LEU D 168 5.08 -13.97 -41.31
C LEU D 168 5.61 -13.29 -42.56
N LEU D 169 5.73 -11.97 -42.55
CA LEU D 169 6.26 -11.26 -43.71
C LEU D 169 7.76 -11.46 -43.84
N THR D 170 8.50 -11.36 -42.73
CA THR D 170 9.93 -11.64 -42.76
C THR D 170 10.24 -13.13 -42.70
N ARG D 171 9.25 -13.98 -42.46
CA ARG D 171 9.48 -15.42 -42.52
C ARG D 171 9.60 -15.89 -43.96
N TRP D 172 8.56 -15.70 -44.75
CA TRP D 172 8.56 -16.09 -46.16
C TRP D 172 7.97 -14.97 -47.00
N GLY D 173 8.57 -14.76 -48.17
CA GLY D 173 8.12 -13.71 -49.07
C GLY D 173 8.99 -13.57 -50.30
N GLY D 174 9.34 -12.34 -50.64
CA GLY D 174 10.17 -12.07 -51.80
C GLY D 174 11.65 -12.37 -51.57
N GLY E 39 -10.73 -26.52 -45.46
CA GLY E 39 -11.16 -25.25 -46.03
C GLY E 39 -10.07 -24.20 -46.04
N THR E 40 -10.05 -23.40 -47.11
CA THR E 40 -9.06 -22.33 -47.26
C THR E 40 -9.75 -21.10 -47.82
N LEU E 41 -9.65 -19.98 -47.12
CA LEU E 41 -10.23 -18.73 -47.58
C LEU E 41 -9.19 -17.93 -48.35
N GLN E 42 -9.67 -17.19 -49.36
CA GLN E 42 -8.80 -16.40 -50.22
C GLN E 42 -8.75 -14.93 -49.84
N LYS E 43 -9.75 -14.43 -49.12
CA LYS E 43 -9.79 -13.02 -48.74
C LYS E 43 -10.29 -12.88 -47.31
N THR E 44 -10.01 -11.72 -46.72
CA THR E 44 -10.35 -11.46 -45.33
C THR E 44 -11.86 -11.29 -45.15
N GLU E 45 -12.58 -10.90 -46.20
CA GLU E 45 -14.02 -10.67 -46.15
C GLU E 45 -14.81 -11.95 -45.89
N ASP E 46 -14.24 -13.13 -46.18
CA ASP E 46 -14.95 -14.39 -46.05
C ASP E 46 -15.25 -14.79 -44.60
N VAL E 47 -14.61 -14.16 -43.62
CA VAL E 47 -14.90 -14.45 -42.21
C VAL E 47 -16.24 -13.82 -41.85
N HIS E 48 -17.23 -14.65 -41.61
CA HIS E 48 -18.55 -14.21 -41.18
C HIS E 48 -18.72 -14.48 -39.69
N LEU E 49 -19.49 -13.61 -39.03
CA LEU E 49 -19.80 -13.77 -37.61
C LEU E 49 -21.31 -13.65 -37.42
N MET E 50 -22.05 -14.75 -37.58
CA MET E 50 -23.46 -14.72 -37.21
C MET E 50 -23.67 -14.87 -35.71
N GLY E 51 -24.64 -14.12 -35.20
CA GLY E 51 -25.06 -14.20 -33.82
C GLY E 51 -26.46 -14.79 -33.68
N PHE E 52 -26.56 -15.90 -32.96
CA PHE E 52 -27.81 -16.60 -32.78
C PHE E 52 -28.38 -16.30 -31.40
N THR E 53 -29.69 -16.05 -31.36
CA THR E 53 -30.37 -15.71 -30.12
C THR E 53 -30.61 -16.95 -29.28
N LEU E 54 -31.00 -16.73 -28.02
CA LEU E 54 -31.31 -17.83 -27.12
C LEU E 54 -32.65 -18.48 -27.45
N SER E 55 -33.56 -17.76 -28.11
CA SER E 55 -34.91 -18.24 -28.38
C SER E 55 -34.97 -19.42 -29.33
N GLY E 56 -33.89 -19.72 -30.05
CA GLY E 56 -33.82 -20.91 -30.84
C GLY E 56 -33.48 -22.17 -30.08
N GLN E 57 -33.20 -22.08 -28.77
CA GLN E 57 -32.90 -23.24 -27.95
C GLN E 57 -34.07 -23.61 -27.04
N LYS E 58 -35.28 -23.15 -27.37
CA LYS E 58 -36.49 -23.26 -26.54
C LYS E 58 -36.28 -22.70 -25.13
N VAL E 59 -35.51 -21.62 -25.05
CA VAL E 59 -35.34 -20.90 -23.80
C VAL E 59 -36.59 -20.06 -23.56
N ALA E 60 -37.14 -20.15 -22.36
CA ALA E 60 -38.31 -19.34 -22.00
C ALA E 60 -37.94 -17.86 -21.99
N ASP E 61 -38.84 -17.04 -22.56
CA ASP E 61 -38.51 -15.65 -22.85
C ASP E 61 -39.58 -14.69 -22.34
N SER E 62 -40.42 -15.10 -21.40
CA SER E 62 -41.37 -14.18 -20.81
C SER E 62 -40.63 -13.23 -19.86
N PRO E 63 -40.93 -11.93 -19.91
CA PRO E 63 -40.19 -10.95 -19.08
C PRO E 63 -40.37 -11.12 -17.58
N LEU E 64 -41.41 -11.81 -17.12
CA LEU E 64 -41.62 -11.98 -15.69
C LEU E 64 -40.59 -12.91 -15.06
N GLU E 65 -39.97 -13.79 -15.85
CA GLU E 65 -38.95 -14.68 -15.34
C GLU E 65 -37.56 -14.43 -15.93
N ALA E 66 -37.46 -13.58 -16.94
CA ALA E 66 -36.16 -13.31 -17.57
C ALA E 66 -35.26 -12.44 -16.70
N SER E 67 -35.84 -11.72 -15.74
CA SER E 67 -35.08 -10.79 -14.91
C SER E 67 -34.10 -11.46 -13.97
N LYS E 68 -34.18 -12.77 -13.77
CA LYS E 68 -33.16 -13.48 -13.01
C LYS E 68 -31.92 -13.78 -13.84
N ARG E 69 -31.95 -13.54 -15.15
CA ARG E 69 -30.75 -13.64 -15.96
C ARG E 69 -29.99 -12.32 -16.04
N TRP E 70 -30.45 -11.30 -15.33
CA TRP E 70 -29.83 -9.98 -15.31
C TRP E 70 -29.54 -9.59 -13.88
N ALA E 71 -28.39 -8.95 -13.66
CA ALA E 71 -28.03 -8.47 -12.33
C ALA E 71 -27.26 -7.16 -12.45
N PHE E 72 -26.90 -6.58 -11.31
CA PHE E 72 -26.17 -5.32 -11.26
C PHE E 72 -24.91 -5.50 -10.43
N ARG E 73 -23.82 -4.88 -10.88
CA ARG E 73 -22.53 -5.09 -10.25
C ARG E 73 -21.63 -3.88 -10.52
N THR E 74 -20.86 -3.49 -9.50
CA THR E 74 -19.82 -2.48 -9.63
C THR E 74 -18.48 -3.13 -9.95
N GLY E 75 -17.67 -2.42 -10.74
CA GLY E 75 -16.29 -2.81 -10.95
C GLY E 75 -15.98 -3.59 -12.21
N VAL E 76 -16.95 -3.76 -13.11
CA VAL E 76 -16.70 -4.47 -14.37
C VAL E 76 -16.92 -3.51 -15.53
N PRO E 77 -15.88 -3.14 -16.28
CA PRO E 77 -16.08 -2.28 -17.44
C PRO E 77 -16.83 -3.02 -18.54
N PRO E 78 -17.61 -2.31 -19.36
CA PRO E 78 -18.31 -2.96 -20.47
C PRO E 78 -17.41 -3.13 -21.70
N LYS E 79 -17.75 -4.13 -22.51
CA LYS E 79 -16.99 -4.45 -23.72
C LYS E 79 -17.94 -4.67 -24.88
N ASN E 80 -17.55 -4.20 -26.07
CA ASN E 80 -18.33 -4.35 -27.29
C ASN E 80 -17.55 -5.16 -28.32
N VAL E 81 -18.28 -5.93 -29.13
CA VAL E 81 -17.73 -6.71 -30.23
C VAL E 81 -18.53 -6.42 -31.49
N GLU E 82 -17.83 -6.09 -32.58
CA GLU E 82 -18.49 -5.96 -33.87
C GLU E 82 -18.73 -7.33 -34.48
N TYR E 83 -19.96 -7.58 -34.93
CA TYR E 83 -20.33 -8.79 -35.63
C TYR E 83 -21.02 -8.42 -36.93
N THR E 84 -20.87 -9.28 -37.95
CA THR E 84 -21.26 -8.91 -39.31
C THR E 84 -22.77 -9.03 -39.53
N GLU E 85 -23.39 -10.10 -39.03
CA GLU E 85 -24.80 -10.36 -39.26
C GLU E 85 -25.30 -11.21 -38.09
N GLY E 86 -26.62 -11.37 -37.99
CA GLY E 86 -27.14 -12.08 -36.84
C GLY E 86 -28.57 -12.53 -37.05
N GLU E 87 -28.93 -13.58 -36.31
CA GLU E 87 -30.31 -14.04 -36.28
C GLU E 87 -31.19 -13.03 -35.55
N GLU E 88 -32.38 -12.82 -36.08
CA GLU E 88 -33.37 -11.95 -35.43
C GLU E 88 -33.97 -12.65 -34.21
N ALA E 89 -34.86 -11.96 -33.53
CA ALA E 89 -35.41 -12.41 -32.26
C ALA E 89 -36.92 -12.51 -32.34
N LYS E 90 -37.46 -13.55 -31.71
CA LYS E 90 -38.90 -13.65 -31.57
C LYS E 90 -39.44 -12.59 -30.62
N THR E 91 -38.68 -12.24 -29.58
CA THR E 91 -39.06 -11.17 -28.67
C THR E 91 -37.88 -10.25 -28.43
N CYS E 92 -38.18 -8.98 -28.22
CA CYS E 92 -37.18 -7.95 -27.97
C CYS E 92 -37.64 -7.11 -26.78
N TYR E 93 -36.68 -6.42 -26.17
CA TYR E 93 -36.94 -5.69 -24.93
C TYR E 93 -36.46 -4.25 -25.05
N ASN E 94 -37.22 -3.34 -24.44
CA ASN E 94 -36.87 -1.92 -24.34
C ASN E 94 -37.13 -1.56 -22.88
N ILE E 95 -36.11 -1.74 -22.04
CA ILE E 95 -36.28 -1.69 -20.58
C ILE E 95 -35.42 -0.57 -20.02
N SER E 96 -36.03 0.31 -19.23
CA SER E 96 -35.34 1.34 -18.48
C SER E 96 -35.61 1.14 -17.00
N VAL E 97 -34.57 1.29 -16.18
CA VAL E 97 -34.64 1.09 -14.75
C VAL E 97 -34.42 2.43 -14.07
N THR E 98 -35.39 2.84 -13.26
CA THR E 98 -35.36 4.12 -12.57
C THR E 98 -35.13 3.92 -11.07
N ASP E 99 -34.87 5.03 -10.39
CA ASP E 99 -34.59 5.05 -8.96
C ASP E 99 -35.53 6.06 -8.27
N PRO E 100 -35.62 6.09 -6.94
CA PRO E 100 -36.41 7.16 -6.30
C PRO E 100 -35.88 8.57 -6.52
N SER E 101 -34.60 8.74 -6.87
CA SER E 101 -34.10 10.07 -7.18
C SER E 101 -34.45 10.52 -8.60
N GLY E 102 -34.92 9.61 -9.46
CA GLY E 102 -35.45 9.98 -10.76
C GLY E 102 -34.53 9.73 -11.95
N LYS E 103 -33.26 9.41 -11.72
CA LYS E 103 -32.33 9.23 -12.82
C LYS E 103 -32.27 7.77 -13.25
N SER E 104 -31.68 7.56 -14.44
CA SER E 104 -31.54 6.21 -14.99
C SER E 104 -30.22 5.60 -14.52
N LEU E 105 -30.30 4.36 -14.03
CA LEU E 105 -29.11 3.66 -13.56
C LEU E 105 -28.35 2.96 -14.68
N LEU E 106 -28.88 2.97 -15.90
CA LEU E 106 -28.23 2.33 -17.03
C LEU E 106 -27.28 3.31 -17.73
N LEU E 107 -26.29 2.75 -18.41
CA LEU E 107 -25.30 3.55 -19.10
C LEU E 107 -25.88 4.16 -20.37
N ASP E 108 -25.43 5.37 -20.69
CA ASP E 108 -25.82 6.00 -21.94
C ASP E 108 -25.17 5.30 -23.14
N PRO E 109 -25.86 5.23 -24.27
CA PRO E 109 -25.30 4.52 -25.42
C PRO E 109 -24.32 5.38 -26.18
N PRO E 110 -23.21 4.81 -26.66
CA PRO E 110 -22.37 5.50 -27.64
C PRO E 110 -23.08 5.71 -28.98
N SER E 111 -22.42 6.43 -29.89
CA SER E 111 -23.04 6.75 -31.17
C SER E 111 -23.13 5.55 -32.11
N ASN E 112 -22.36 4.50 -31.86
CA ASN E 112 -22.45 3.30 -32.68
C ASN E 112 -23.55 2.34 -32.25
N ILE E 113 -24.16 2.56 -31.09
CA ILE E 113 -25.23 1.70 -30.61
C ILE E 113 -26.52 2.09 -31.31
N ARG E 114 -27.16 1.13 -31.98
CA ARG E 114 -28.41 1.35 -32.66
C ARG E 114 -29.45 0.35 -32.15
N ASP E 115 -30.70 0.57 -32.56
CA ASP E 115 -31.78 -0.35 -32.20
C ASP E 115 -31.63 -1.64 -33.01
N TYR E 116 -32.18 -2.73 -32.45
CA TYR E 116 -32.06 -4.03 -33.10
C TYR E 116 -32.89 -4.06 -34.38
N PRO E 117 -32.35 -4.63 -35.47
CA PRO E 117 -33.01 -4.51 -36.79
C PRO E 117 -34.37 -5.15 -36.93
N LYS E 118 -34.48 -6.45 -36.67
CA LYS E 118 -35.72 -7.19 -36.90
C LYS E 118 -36.22 -7.75 -35.58
N CYS E 119 -37.45 -7.42 -35.22
CA CYS E 119 -38.14 -7.99 -34.07
C CYS E 119 -39.56 -8.36 -34.47
N LYS E 120 -40.12 -9.31 -33.74
CA LYS E 120 -41.48 -9.76 -33.98
C LYS E 120 -42.48 -9.20 -32.97
N THR E 121 -42.14 -9.22 -31.67
CA THR E 121 -43.01 -8.68 -30.64
C THR E 121 -42.11 -8.05 -29.58
N VAL E 122 -41.99 -6.73 -29.61
CA VAL E 122 -41.18 -5.99 -28.65
C VAL E 122 -42.05 -5.61 -27.47
N HIS E 123 -41.49 -5.72 -26.27
CA HIS E 123 -42.20 -5.44 -25.02
C HIS E 123 -41.57 -4.21 -24.38
N HIS E 124 -42.26 -3.07 -24.50
CA HIS E 124 -41.79 -1.82 -23.92
C HIS E 124 -42.08 -1.87 -22.42
N ILE E 125 -41.04 -1.97 -21.62
CA ILE E 125 -41.16 -2.20 -20.18
C ILE E 125 -40.50 -1.05 -19.44
N GLN E 126 -41.21 -0.46 -18.49
CA GLN E 126 -40.66 0.52 -17.58
C GLN E 126 -40.70 -0.04 -16.16
N GLY E 127 -39.56 0.06 -15.46
CA GLY E 127 -39.44 -0.51 -14.14
C GLY E 127 -38.85 0.47 -13.15
N GLN E 128 -38.63 -0.02 -11.93
CA GLN E 128 -38.09 0.79 -10.85
C GLN E 128 -37.41 -0.14 -9.86
N ASN E 129 -36.16 0.17 -9.51
CA ASN E 129 -35.39 -0.65 -8.60
C ASN E 129 -34.58 0.25 -7.67
N PRO E 130 -34.96 0.37 -6.40
CA PRO E 130 -34.24 1.27 -5.48
C PRO E 130 -33.03 0.67 -4.81
N HIS E 131 -32.82 -0.65 -4.90
CA HIS E 131 -31.75 -1.32 -4.18
C HIS E 131 -30.75 -1.96 -5.14
N ALA E 132 -30.36 -1.23 -6.18
CA ALA E 132 -29.38 -1.71 -7.14
C ALA E 132 -28.33 -0.64 -7.39
N GLN E 133 -27.09 -1.08 -7.58
CA GLN E 133 -25.98 -0.18 -7.89
C GLN E 133 -25.06 -0.87 -8.90
N GLY E 134 -24.33 -0.05 -9.65
CA GLY E 134 -23.43 -0.56 -10.66
C GLY E 134 -24.06 -0.59 -12.04
N ILE E 135 -23.61 -1.50 -12.91
CA ILE E 135 -24.18 -1.64 -14.24
C ILE E 135 -24.73 -3.06 -14.38
N ALA E 136 -25.46 -3.27 -15.47
CA ALA E 136 -26.19 -4.51 -15.67
C ALA E 136 -25.34 -5.53 -16.40
N LEU E 137 -25.44 -6.78 -15.96
CA LEU E 137 -24.68 -7.90 -16.51
C LEU E 137 -25.59 -9.10 -16.66
N HIS E 138 -25.24 -9.97 -17.61
CA HIS E 138 -25.98 -11.19 -17.88
C HIS E 138 -25.36 -12.36 -17.11
N LEU E 139 -26.23 -13.19 -16.52
CA LEU E 139 -25.75 -14.26 -15.64
C LEU E 139 -25.18 -15.45 -16.41
N TRP E 140 -25.75 -15.76 -17.57
CA TRP E 140 -25.32 -16.94 -18.32
C TRP E 140 -24.06 -16.72 -19.14
N GLY E 141 -23.55 -15.49 -19.20
CA GLY E 141 -22.47 -15.17 -20.09
C GLY E 141 -22.90 -14.83 -21.50
N ALA E 142 -24.20 -14.75 -21.76
CA ALA E 142 -24.70 -14.39 -23.07
C ALA E 142 -24.51 -12.90 -23.33
N PHE E 143 -24.81 -12.50 -24.56
CA PHE E 143 -24.56 -11.14 -25.02
C PHE E 143 -25.86 -10.43 -25.32
N PHE E 144 -25.85 -9.12 -25.06
CA PHE E 144 -26.96 -8.24 -25.42
C PHE E 144 -26.71 -7.77 -26.84
N LEU E 145 -27.38 -8.40 -27.80
CA LEU E 145 -27.17 -8.09 -29.21
C LEU E 145 -27.94 -6.83 -29.60
N TYR E 146 -27.27 -5.96 -30.35
CA TYR E 146 -27.80 -4.76 -30.97
C TYR E 146 -27.49 -4.82 -32.48
N ASP E 147 -27.66 -3.69 -33.17
CA ASP E 147 -27.46 -3.63 -34.61
C ASP E 147 -25.96 -3.74 -34.90
N ARG E 148 -25.51 -4.97 -35.19
CA ARG E 148 -24.13 -5.33 -35.56
C ARG E 148 -23.12 -5.00 -34.46
N VAL E 149 -23.57 -4.81 -33.22
CA VAL E 149 -22.69 -4.62 -32.07
C VAL E 149 -23.24 -5.45 -30.91
N ALA E 150 -22.41 -6.33 -30.36
CA ALA E 150 -22.77 -7.16 -29.22
C ALA E 150 -22.10 -6.63 -27.97
N SER E 151 -22.87 -6.43 -26.91
CA SER E 151 -22.36 -5.86 -25.68
C SER E 151 -22.68 -6.79 -24.51
N THR E 152 -21.95 -6.59 -23.42
CA THR E 152 -22.16 -7.32 -22.18
C THR E 152 -22.89 -6.48 -21.14
N THR E 153 -23.52 -5.39 -21.54
CA THR E 153 -24.22 -4.51 -20.62
C THR E 153 -25.48 -3.98 -21.28
N MET E 154 -26.30 -3.31 -20.47
CA MET E 154 -27.53 -2.69 -20.94
C MET E 154 -27.33 -1.21 -21.23
N TYR E 155 -28.08 -0.70 -22.20
CA TYR E 155 -28.01 0.71 -22.57
C TYR E 155 -29.40 1.32 -22.52
N ARG E 156 -29.44 2.64 -22.29
CA ARG E 156 -30.70 3.33 -22.07
C ARG E 156 -31.46 3.51 -23.38
N GLY E 157 -32.70 3.03 -23.41
CA GLY E 157 -33.60 3.26 -24.54
C GLY E 157 -33.19 2.60 -25.84
N LYS E 158 -32.64 1.40 -25.79
CA LYS E 158 -32.21 0.69 -26.99
C LYS E 158 -32.84 -0.69 -27.03
N VAL E 159 -33.28 -1.10 -28.21
CA VAL E 159 -33.88 -2.41 -28.41
C VAL E 159 -32.75 -3.42 -28.65
N PHE E 160 -32.77 -4.51 -27.88
CA PHE E 160 -31.72 -5.52 -27.91
C PHE E 160 -32.35 -6.90 -27.99
N THR E 161 -31.50 -7.93 -27.97
CA THR E 161 -31.96 -9.28 -27.67
C THR E 161 -30.86 -10.00 -26.90
N GLU E 162 -31.15 -11.22 -26.46
CA GLU E 162 -30.17 -12.05 -25.77
C GLU E 162 -29.70 -13.16 -26.71
N GLY E 163 -28.39 -13.30 -26.84
CA GLY E 163 -27.86 -14.34 -27.69
C GLY E 163 -26.34 -14.30 -27.71
N ASN E 164 -25.77 -15.30 -28.38
CA ASN E 164 -24.33 -15.44 -28.51
C ASN E 164 -23.94 -15.29 -29.97
N ILE E 165 -22.64 -15.24 -30.24
CA ILE E 165 -22.12 -15.10 -31.60
C ILE E 165 -21.15 -16.23 -31.88
N ALA E 166 -21.01 -16.57 -33.17
CA ALA E 166 -20.15 -17.66 -33.61
C ALA E 166 -19.31 -17.22 -34.79
N ALA E 167 -18.13 -17.82 -34.93
CA ALA E 167 -17.16 -17.45 -35.96
C ALA E 167 -17.00 -18.58 -36.95
N MET E 168 -16.98 -18.24 -38.24
CA MET E 168 -16.88 -19.26 -39.28
C MET E 168 -16.44 -18.62 -40.60
N ILE E 169 -16.11 -19.48 -41.57
CA ILE E 169 -15.65 -19.06 -42.89
C ILE E 169 -16.48 -19.78 -43.95
N VAL E 170 -17.16 -19.00 -44.81
CA VAL E 170 -17.78 -19.47 -46.06
C VAL E 170 -17.42 -18.50 -47.17
N ASN E 171 -16.96 -19.03 -48.31
CA ASN E 171 -16.64 -18.22 -49.48
C ASN E 171 -17.91 -17.82 -50.23
N LYS E 172 -17.75 -17.28 -51.44
CA LYS E 172 -18.88 -16.74 -52.18
C LYS E 172 -19.73 -17.85 -52.83
N THR E 173 -19.09 -18.94 -53.26
CA THR E 173 -19.81 -19.99 -53.99
C THR E 173 -20.71 -20.79 -53.06
N VAL E 174 -20.21 -21.18 -51.88
CA VAL E 174 -21.00 -21.96 -50.94
C VAL E 174 -22.09 -21.08 -50.33
N HIS E 175 -21.80 -19.79 -50.12
CA HIS E 175 -22.83 -18.87 -49.68
C HIS E 175 -23.82 -18.53 -50.80
N ARG E 176 -23.49 -18.82 -52.05
CA ARG E 176 -24.40 -18.60 -53.16
C ARG E 176 -25.28 -19.82 -53.44
N MET E 177 -24.80 -21.03 -53.18
CA MET E 177 -25.67 -22.21 -53.26
C MET E 177 -26.61 -22.34 -52.08
N ILE E 178 -26.42 -21.53 -51.03
CA ILE E 178 -27.37 -21.37 -49.95
C ILE E 178 -27.88 -19.96 -50.17
N PHE E 179 -28.81 -19.47 -49.32
CA PHE E 179 -29.44 -18.15 -49.40
C PHE E 179 -30.25 -18.04 -50.69
N SER E 180 -29.59 -17.73 -51.81
CA SER E 180 -30.18 -17.55 -53.14
C SER E 180 -31.34 -16.57 -53.19
N ASP F 43 -11.96 -19.46 -30.03
CA ASP F 43 -12.59 -18.98 -31.25
C ASP F 43 -12.30 -19.91 -32.42
N GLU F 44 -12.97 -21.07 -32.42
CA GLU F 44 -12.84 -22.01 -33.53
C GLU F 44 -13.82 -21.67 -34.63
N SER F 45 -13.56 -22.19 -35.82
CA SER F 45 -14.35 -21.85 -36.97
C SER F 45 -14.50 -23.01 -37.95
N PRO F 46 -15.72 -23.37 -38.35
CA PRO F 46 -15.89 -24.40 -39.39
C PRO F 46 -15.62 -23.88 -40.79
N SER F 47 -15.87 -24.70 -41.80
CA SER F 47 -15.45 -24.43 -43.17
C SER F 47 -16.59 -24.75 -44.12
N PHE F 48 -16.26 -24.85 -45.42
CA PHE F 48 -17.25 -24.87 -46.48
C PHE F 48 -16.98 -25.97 -47.50
N ASN F 49 -16.36 -27.07 -47.07
CA ASN F 49 -15.90 -28.11 -48.00
C ASN F 49 -17.11 -28.86 -48.55
N THR F 50 -17.39 -28.67 -49.84
CA THR F 50 -18.51 -29.31 -50.51
C THR F 50 -18.01 -30.38 -51.47
N SER F 51 -18.96 -31.20 -51.94
CA SER F 51 -18.76 -32.33 -52.85
C SER F 51 -17.70 -33.30 -52.34
N THR F 52 -16.49 -33.21 -52.89
CA THR F 52 -15.40 -34.08 -52.48
C THR F 52 -14.35 -33.31 -51.69
N SER F 63 -23.34 -32.50 -50.58
CA SER F 63 -23.09 -32.53 -49.14
C SER F 63 -22.06 -31.49 -48.74
N LEU F 64 -22.00 -31.18 -47.44
CA LEU F 64 -21.05 -30.21 -46.91
C LEU F 64 -20.22 -30.89 -45.84
N THR F 65 -18.89 -30.86 -46.01
CA THR F 65 -17.97 -31.40 -45.01
C THR F 65 -17.48 -30.25 -44.13
N PHE F 66 -17.68 -30.38 -42.83
CA PHE F 66 -17.33 -29.34 -41.88
C PHE F 66 -16.07 -29.75 -41.13
N SER F 67 -15.04 -28.91 -41.20
CA SER F 67 -13.80 -29.11 -40.45
C SER F 67 -13.66 -27.99 -39.43
N TYR F 68 -13.52 -28.36 -38.16
CA TYR F 68 -13.44 -27.38 -37.09
C TYR F 68 -12.04 -26.78 -36.99
N ASN F 84 -33.36 -33.66 -30.56
CA ASN F 84 -32.56 -32.44 -30.63
C ASN F 84 -33.17 -31.25 -29.88
N ASP F 85 -32.39 -30.19 -29.73
CA ASP F 85 -32.82 -28.98 -29.04
C ASP F 85 -32.47 -27.77 -29.92
N CYS F 86 -32.88 -27.85 -31.17
CA CYS F 86 -32.62 -26.83 -32.18
C CYS F 86 -33.94 -26.26 -32.71
N ASP F 87 -33.81 -25.31 -33.62
CA ASP F 87 -34.92 -24.82 -34.42
C ASP F 87 -34.62 -25.13 -35.88
N ALA F 88 -35.58 -25.79 -36.55
CA ALA F 88 -35.35 -26.22 -37.92
C ALA F 88 -35.32 -25.05 -38.89
N GLU F 89 -36.29 -24.14 -38.76
CA GLU F 89 -36.34 -22.97 -39.62
C GLU F 89 -35.34 -21.91 -39.14
N LEU F 90 -34.71 -21.25 -40.11
CA LEU F 90 -33.73 -20.20 -39.80
C LEU F 90 -33.70 -19.22 -40.98
N ARG F 91 -34.40 -18.11 -40.84
CA ARG F 91 -34.32 -17.05 -41.82
C ARG F 91 -33.50 -15.91 -41.23
N ILE F 92 -32.75 -15.23 -42.09
CA ILE F 92 -31.60 -14.43 -41.68
C ILE F 92 -31.65 -13.08 -42.40
N TRP F 93 -31.08 -12.06 -41.76
CA TRP F 93 -30.85 -10.77 -42.39
C TRP F 93 -29.36 -10.54 -42.57
N SER F 94 -28.98 -9.95 -43.69
CA SER F 94 -27.59 -9.87 -44.09
C SER F 94 -27.27 -8.53 -44.73
N VAL F 95 -25.99 -8.16 -44.66
CA VAL F 95 -25.45 -7.04 -45.43
C VAL F 95 -25.51 -7.40 -46.91
N GLN F 96 -25.79 -6.40 -47.75
CA GLN F 96 -26.04 -6.56 -49.18
C GLN F 96 -24.84 -7.19 -49.91
N GLU F 97 -25.14 -8.09 -50.82
CA GLU F 97 -24.17 -8.83 -51.60
C GLU F 97 -24.09 -8.34 -53.03
N ASP F 98 -25.23 -7.99 -53.61
CA ASP F 98 -25.36 -7.57 -55.01
C ASP F 98 -26.27 -6.35 -55.10
N ASP F 99 -25.97 -5.35 -54.26
CA ASP F 99 -26.65 -4.07 -54.38
C ASP F 99 -26.20 -3.35 -55.65
N LEU F 100 -24.95 -3.58 -56.06
CA LEU F 100 -24.38 -2.96 -57.25
C LEU F 100 -25.02 -3.60 -58.48
N ALA F 101 -26.01 -2.92 -59.05
CA ALA F 101 -26.68 -3.39 -60.26
C ALA F 101 -26.80 -2.33 -61.35
N ALA F 102 -26.82 -1.04 -60.99
CA ALA F 102 -26.88 0.03 -61.97
C ALA F 102 -25.59 0.84 -62.05
N GLY F 103 -24.62 0.58 -61.19
CA GLY F 103 -23.37 1.30 -61.20
C GLY F 103 -23.43 2.67 -60.55
N LEU F 104 -24.50 2.98 -59.81
CA LEU F 104 -24.67 4.29 -59.21
C LEU F 104 -25.08 4.23 -57.75
N SER F 105 -25.55 3.08 -57.26
CA SER F 105 -26.02 2.97 -55.88
C SER F 105 -24.89 2.95 -54.86
N TRP F 106 -23.64 2.81 -55.30
CA TRP F 106 -22.49 2.76 -54.38
C TRP F 106 -22.12 4.14 -53.83
N ILE F 107 -22.68 5.20 -54.36
CA ILE F 107 -22.49 6.54 -53.79
C ILE F 107 -23.22 6.61 -52.45
N PRO F 108 -22.61 7.18 -51.40
CA PRO F 108 -23.33 7.33 -50.12
C PRO F 108 -24.59 8.18 -50.20
N PHE F 109 -24.63 9.18 -51.08
CA PHE F 109 -25.85 9.96 -51.27
C PHE F 109 -26.91 9.14 -51.97
N PHE F 110 -26.51 8.24 -52.87
CA PHE F 110 -27.44 7.36 -53.59
C PHE F 110 -27.51 5.97 -52.97
N GLY F 111 -27.10 5.83 -51.71
CA GLY F 111 -27.14 4.55 -51.04
C GLY F 111 -28.53 4.23 -50.50
N PRO F 112 -28.66 3.03 -49.93
CA PRO F 112 -29.97 2.60 -49.43
C PRO F 112 -30.34 3.12 -48.04
N GLY F 113 -29.43 3.83 -47.37
CA GLY F 113 -29.72 4.27 -46.02
C GLY F 113 -29.56 3.14 -45.01
N ILE F 114 -30.24 3.30 -43.88
CA ILE F 114 -30.18 2.29 -42.82
C ILE F 114 -31.43 1.41 -42.76
N GLU F 115 -32.57 1.89 -43.29
CA GLU F 115 -33.79 1.09 -43.24
C GLU F 115 -33.78 -0.04 -44.26
N GLY F 116 -33.37 0.25 -45.50
CA GLY F 116 -33.37 -0.74 -46.56
C GLY F 116 -31.99 -1.35 -46.78
N LEU F 117 -31.14 -1.24 -45.76
CA LEU F 117 -29.76 -1.71 -45.87
C LEU F 117 -29.67 -3.23 -45.84
N TYR F 118 -30.65 -3.90 -45.23
CA TYR F 118 -30.54 -5.31 -44.88
C TYR F 118 -31.40 -6.16 -45.81
N THR F 119 -30.85 -7.28 -46.28
CA THR F 119 -31.57 -8.19 -47.16
C THR F 119 -31.88 -9.48 -46.42
N ALA F 120 -33.10 -9.99 -46.60
CA ALA F 120 -33.58 -11.16 -45.88
C ALA F 120 -33.52 -12.40 -46.76
N GLY F 121 -33.26 -13.53 -46.14
CA GLY F 121 -33.20 -14.80 -46.83
C GLY F 121 -33.41 -15.95 -45.88
N LEU F 122 -33.24 -17.17 -46.40
CA LEU F 122 -33.49 -18.39 -45.64
C LEU F 122 -32.31 -19.34 -45.75
N ILE F 123 -31.91 -19.93 -44.63
CA ILE F 123 -30.84 -20.92 -44.57
C ILE F 123 -31.48 -22.27 -44.26
N LYS F 124 -31.31 -23.24 -45.13
CA LYS F 124 -31.96 -24.53 -44.98
C LYS F 124 -31.01 -25.56 -44.37
N ASN F 125 -31.59 -26.56 -43.74
CA ASN F 125 -30.84 -27.63 -43.09
C ASN F 125 -30.58 -28.74 -44.08
N GLN F 126 -29.32 -28.87 -44.52
CA GLN F 126 -28.94 -29.90 -45.48
C GLN F 126 -28.29 -31.10 -44.81
N ASN F 127 -27.23 -30.87 -44.04
CA ASN F 127 -26.52 -31.93 -43.33
C ASN F 127 -26.47 -31.63 -41.84
N ASN F 128 -27.61 -31.18 -41.29
CA ASN F 128 -27.76 -30.75 -39.89
C ASN F 128 -26.77 -29.64 -39.54
N LEU F 129 -26.72 -28.63 -40.41
CA LEU F 129 -25.80 -27.51 -40.19
C LEU F 129 -26.30 -26.56 -39.11
N VAL F 130 -27.62 -26.41 -38.97
CA VAL F 130 -28.20 -25.43 -38.04
C VAL F 130 -27.90 -25.81 -36.59
N CYS F 131 -28.00 -27.10 -36.26
CA CYS F 131 -27.62 -27.56 -34.92
C CYS F 131 -26.14 -27.41 -34.67
N ARG F 132 -25.31 -27.65 -35.69
CA ARG F 132 -23.87 -27.48 -35.54
C ARG F 132 -23.42 -26.02 -35.58
N LEU F 133 -24.33 -25.08 -35.86
CA LEU F 133 -24.04 -23.68 -35.62
C LEU F 133 -24.61 -23.16 -34.31
N ARG F 134 -25.77 -23.67 -33.87
CA ARG F 134 -26.32 -23.23 -32.59
C ARG F 134 -25.55 -23.81 -31.40
N ARG F 135 -24.91 -24.96 -31.57
CA ARG F 135 -24.07 -25.52 -30.52
C ARG F 135 -22.67 -24.93 -30.53
N LEU F 136 -22.36 -24.03 -31.46
CA LEU F 136 -21.12 -23.26 -31.43
C LEU F 136 -21.20 -22.08 -30.47
N ALA F 137 -22.38 -21.82 -29.89
CA ALA F 137 -22.56 -20.65 -29.04
C ALA F 137 -21.85 -20.81 -27.70
N ASN F 138 -21.86 -22.01 -27.11
CA ASN F 138 -21.19 -22.24 -25.84
C ASN F 138 -19.67 -22.08 -25.95
N GLN F 139 -19.05 -22.77 -26.91
CA GLN F 139 -17.60 -22.85 -26.98
C GLN F 139 -16.98 -21.64 -27.67
N THR F 140 -17.77 -20.66 -28.08
CA THR F 140 -17.26 -19.37 -28.51
C THR F 140 -17.41 -18.31 -27.43
N ALA F 141 -18.58 -18.27 -26.76
CA ALA F 141 -18.80 -17.32 -25.68
C ALA F 141 -18.06 -17.70 -24.41
N LYS F 142 -17.60 -18.95 -24.28
CA LYS F 142 -16.71 -19.30 -23.18
C LYS F 142 -15.37 -18.58 -23.28
N SER F 143 -14.82 -18.50 -24.48
CA SER F 143 -13.49 -17.94 -24.69
C SER F 143 -13.50 -16.44 -25.03
N LEU F 144 -14.59 -15.95 -25.62
CA LEU F 144 -14.58 -14.56 -26.08
C LEU F 144 -14.71 -13.58 -24.91
N GLU F 145 -15.33 -14.02 -23.81
CA GLU F 145 -15.35 -13.21 -22.59
C GLU F 145 -13.95 -13.04 -22.02
N LEU F 146 -13.17 -14.12 -21.98
CA LEU F 146 -11.78 -14.03 -21.53
C LEU F 146 -10.92 -13.24 -22.51
N LEU F 147 -11.29 -13.24 -23.79
CA LEU F 147 -10.58 -12.40 -24.75
C LEU F 147 -10.88 -10.92 -24.52
N LEU F 148 -12.14 -10.59 -24.21
CA LEU F 148 -12.50 -9.20 -23.91
C LEU F 148 -12.02 -8.73 -22.56
N ARG F 149 -11.75 -9.65 -21.63
CA ARG F 149 -11.28 -9.25 -20.31
C ARG F 149 -9.86 -8.71 -20.37
N VAL F 150 -9.05 -9.18 -21.32
CA VAL F 150 -7.67 -8.74 -21.43
C VAL F 150 -7.59 -7.30 -21.93
N THR F 151 -8.37 -6.97 -22.96
CA THR F 151 -8.29 -5.64 -23.56
C THR F 151 -8.93 -4.59 -22.65
N THR F 152 -8.51 -3.34 -22.85
CA THR F 152 -8.87 -2.24 -21.97
C THR F 152 -9.90 -1.28 -22.57
N GLU F 153 -10.24 -1.43 -23.84
CA GLU F 153 -11.10 -0.48 -24.52
C GLU F 153 -12.57 -0.86 -24.41
N GLU F 154 -13.42 0.15 -24.21
CA GLU F 154 -14.86 0.00 -24.20
C GLU F 154 -15.48 0.22 -25.57
N ARG F 155 -14.65 0.47 -26.59
CA ARG F 155 -15.10 0.70 -27.96
C ARG F 155 -15.46 -0.62 -28.64
N THR F 156 -15.81 -0.54 -29.91
CA THR F 156 -15.99 -1.76 -30.70
C THR F 156 -14.65 -2.40 -31.02
N PHE F 157 -14.66 -3.71 -31.21
CA PHE F 157 -13.41 -4.47 -31.31
C PHE F 157 -13.60 -5.54 -32.38
N SER F 158 -12.89 -5.40 -33.50
CA SER F 158 -13.02 -6.32 -34.60
C SER F 158 -12.19 -7.58 -34.37
N LEU F 159 -12.74 -8.72 -34.78
CA LEU F 159 -12.09 -10.01 -34.61
C LEU F 159 -11.70 -10.67 -35.93
N ILE F 160 -12.00 -10.05 -37.06
CA ILE F 160 -11.79 -10.69 -38.36
C ILE F 160 -10.30 -10.81 -38.67
N ASN F 161 -9.54 -9.75 -38.40
CA ASN F 161 -8.10 -9.77 -38.61
C ASN F 161 -7.40 -10.76 -37.67
N ARG F 162 -7.92 -10.92 -36.45
CA ARG F 162 -7.36 -11.86 -35.49
C ARG F 162 -7.48 -13.30 -36.01
N ILE F 163 -8.65 -13.67 -36.52
CA ILE F 163 -8.87 -15.01 -37.07
C ILE F 163 -8.06 -15.20 -38.34
N ALA F 164 -7.93 -14.15 -39.16
CA ALA F 164 -7.17 -14.25 -40.40
C ALA F 164 -5.67 -14.43 -40.14
N ILE F 165 -5.15 -13.79 -39.10
CA ILE F 165 -3.76 -14.03 -38.70
C ILE F 165 -3.61 -15.42 -38.09
N ASP F 166 -4.57 -15.83 -37.25
CA ASP F 166 -4.44 -17.10 -36.51
C ASP F 166 -4.52 -18.31 -37.42
N PHE F 167 -5.29 -18.24 -38.52
CA PHE F 167 -5.34 -19.34 -39.47
C PHE F 167 -3.98 -19.50 -40.16
N LEU F 168 -3.34 -18.40 -40.52
CA LEU F 168 -2.02 -18.47 -41.16
C LEU F 168 -0.95 -18.94 -40.16
N LEU F 169 -1.08 -18.56 -38.89
CA LEU F 169 -0.16 -19.03 -37.88
C LEU F 169 -0.33 -20.53 -37.63
N THR F 170 -1.56 -21.02 -37.71
CA THR F 170 -1.80 -22.46 -37.58
C THR F 170 -1.30 -23.22 -38.79
N ARG F 171 -1.51 -22.69 -39.99
CA ARG F 171 -1.19 -23.42 -41.21
C ARG F 171 0.32 -23.52 -41.45
N TRP F 172 1.09 -22.53 -41.01
CA TRP F 172 2.55 -22.56 -41.17
C TRP F 172 3.25 -22.93 -39.87
N GLY F 173 2.67 -23.87 -39.11
CA GLY F 173 3.33 -24.36 -37.91
C GLY F 173 4.58 -25.16 -38.21
N GLY F 174 4.54 -25.97 -39.26
CA GLY F 174 5.68 -26.78 -39.64
C GLY F 174 6.38 -26.30 -40.89
N GLY G 39 12.59 -25.04 46.69
CA GLY G 39 11.89 -24.94 47.95
C GLY G 39 10.64 -24.07 47.88
N THR G 40 10.64 -22.99 48.65
CA THR G 40 9.52 -22.06 48.67
C THR G 40 10.05 -20.63 48.62
N LEU G 41 9.17 -19.72 48.22
CA LEU G 41 9.52 -18.31 48.07
C LEU G 41 8.43 -17.50 48.76
N GLN G 42 8.83 -16.61 49.67
CA GLN G 42 7.89 -15.92 50.54
C GLN G 42 7.65 -14.47 50.18
N LYS G 43 8.71 -13.70 49.91
CA LYS G 43 8.60 -12.29 49.58
C LYS G 43 9.29 -12.02 48.25
N THR G 44 8.84 -10.94 47.59
CA THR G 44 9.34 -10.61 46.26
C THR G 44 10.81 -10.20 46.30
N GLU G 45 11.26 -9.61 47.40
CA GLU G 45 12.65 -9.18 47.55
C GLU G 45 13.60 -10.31 47.90
N ASP G 46 13.11 -11.54 48.05
CA ASP G 46 13.96 -12.67 48.40
C ASP G 46 14.75 -13.23 47.22
N VAL G 47 14.48 -12.77 46.00
CA VAL G 47 15.26 -13.19 44.84
C VAL G 47 16.48 -12.28 44.73
N HIS G 48 17.55 -12.82 44.16
CA HIS G 48 18.77 -12.05 43.93
C HIS G 48 19.31 -12.35 42.55
N LEU G 49 20.03 -11.37 42.00
CA LEU G 49 20.67 -11.46 40.69
C LEU G 49 22.14 -11.12 40.90
N MET G 50 22.97 -12.14 41.10
CA MET G 50 24.39 -11.91 41.32
C MET G 50 25.19 -11.91 40.03
N GLY G 51 26.10 -10.95 39.91
CA GLY G 51 26.96 -10.84 38.75
C GLY G 51 28.36 -11.36 38.99
N PHE G 52 28.69 -12.48 38.35
CA PHE G 52 30.00 -13.11 38.48
C PHE G 52 30.87 -12.74 37.29
N THR G 53 32.10 -12.34 37.59
CA THR G 53 33.01 -11.85 36.56
C THR G 53 33.71 -13.00 35.85
N LEU G 54 34.19 -12.72 34.64
CA LEU G 54 34.91 -13.73 33.86
C LEU G 54 36.31 -13.99 34.41
N SER G 55 36.88 -13.05 35.16
CA SER G 55 38.21 -13.23 35.74
C SER G 55 38.24 -14.31 36.81
N GLY G 56 37.11 -14.65 37.40
CA GLY G 56 37.00 -15.79 38.27
C GLY G 56 36.83 -17.12 37.57
N GLN G 57 36.72 -17.10 36.24
CA GLN G 57 36.61 -18.32 35.45
C GLN G 57 37.96 -18.78 34.89
N LYS G 58 39.06 -18.30 35.49
CA LYS G 58 40.44 -18.55 35.05
C LYS G 58 40.65 -18.12 33.59
N VAL G 59 40.05 -17.00 33.23
CA VAL G 59 40.17 -16.42 31.90
C VAL G 59 41.18 -15.28 31.99
N ALA G 60 42.11 -15.22 31.03
CA ALA G 60 43.12 -14.18 31.00
C ALA G 60 42.48 -12.80 30.81
N ASP G 61 43.07 -11.80 31.46
CA ASP G 61 42.44 -10.49 31.57
C ASP G 61 43.44 -9.35 31.37
N SER G 62 44.49 -9.58 30.60
CA SER G 62 45.36 -8.48 30.20
C SER G 62 44.62 -7.58 29.21
N PRO G 63 44.89 -6.27 29.21
CA PRO G 63 44.18 -5.37 28.28
C PRO G 63 44.44 -5.66 26.81
N LEU G 64 45.62 -6.15 26.44
CA LEU G 64 45.87 -6.54 25.06
C LEU G 64 45.19 -7.85 24.70
N GLU G 65 45.01 -8.74 25.68
CA GLU G 65 44.40 -10.04 25.42
C GLU G 65 42.89 -10.00 25.54
N ALA G 66 42.35 -9.09 26.35
CA ALA G 66 40.90 -8.97 26.50
C ALA G 66 40.27 -8.05 25.45
N SER G 67 41.07 -7.47 24.57
CA SER G 67 40.57 -6.55 23.57
C SER G 67 40.06 -7.23 22.30
N LYS G 68 40.27 -8.54 22.16
CA LYS G 68 39.82 -9.26 20.98
C LYS G 68 38.44 -9.87 21.17
N ARG G 69 37.82 -9.71 22.33
CA ARG G 69 36.46 -10.15 22.56
C ARG G 69 35.43 -9.05 22.34
N TRP G 70 35.87 -7.86 21.91
CA TRP G 70 35.03 -6.69 21.74
C TRP G 70 35.09 -6.25 20.29
N ALA G 71 33.93 -6.00 19.68
CA ALA G 71 33.90 -5.66 18.26
C ALA G 71 32.75 -4.72 17.98
N PHE G 72 32.88 -3.96 16.90
CA PHE G 72 31.88 -2.97 16.52
C PHE G 72 30.94 -3.51 15.47
N ARG G 73 29.66 -3.15 15.59
CA ARG G 73 28.63 -3.61 14.66
C ARG G 73 27.47 -2.61 14.68
N THR G 74 26.89 -2.38 13.51
CA THR G 74 25.69 -1.55 13.36
C THR G 74 24.44 -2.42 13.38
N GLY G 75 23.29 -1.77 13.46
CA GLY G 75 22.02 -2.42 13.23
C GLY G 75 21.38 -3.10 14.42
N VAL G 76 21.94 -2.99 15.61
CA VAL G 76 21.35 -3.57 16.81
C VAL G 76 21.20 -2.47 17.87
N PRO G 77 20.08 -2.40 18.57
CA PRO G 77 19.95 -1.44 19.68
C PRO G 77 20.73 -1.91 20.89
N PRO G 78 21.11 -1.00 21.78
CA PRO G 78 21.69 -1.42 23.07
C PRO G 78 20.61 -1.72 24.10
N LYS G 79 20.95 -2.61 25.03
CA LYS G 79 20.02 -3.05 26.06
C LYS G 79 20.68 -3.01 27.44
N ASN G 80 19.85 -2.84 28.47
CA ASN G 80 20.30 -2.80 29.86
C ASN G 80 19.41 -3.69 30.70
N VAL G 81 19.99 -4.26 31.77
CA VAL G 81 19.25 -5.11 32.69
C VAL G 81 19.72 -4.81 34.11
N GLU G 82 18.79 -4.75 35.05
CA GLU G 82 19.11 -4.49 36.45
C GLU G 82 19.59 -5.76 37.13
N TYR G 83 20.64 -5.63 37.95
CA TYR G 83 21.07 -6.71 38.83
C TYR G 83 21.35 -6.11 40.20
N THR G 84 21.24 -6.96 41.23
CA THR G 84 21.25 -6.47 42.61
C THR G 84 22.65 -6.36 43.20
N GLU G 85 23.49 -7.37 43.02
CA GLU G 85 24.79 -7.42 43.65
C GLU G 85 25.70 -8.29 42.81
N GLY G 86 26.94 -8.48 43.27
CA GLY G 86 27.86 -9.31 42.52
C GLY G 86 29.26 -9.28 43.08
N GLU G 87 30.14 -9.97 42.37
CA GLU G 87 31.55 -10.09 42.73
C GLU G 87 32.35 -8.93 42.16
N GLU G 88 33.30 -8.43 42.96
CA GLU G 88 34.22 -7.42 42.46
C GLU G 88 35.36 -8.06 41.67
N ALA G 89 35.70 -7.45 40.55
CA ALA G 89 36.62 -8.05 39.61
C ALA G 89 38.07 -7.73 39.98
N LYS G 90 38.98 -8.56 39.47
CA LYS G 90 40.40 -8.29 39.64
C LYS G 90 40.84 -7.14 38.73
N THR G 91 40.37 -7.11 37.49
CA THR G 91 40.69 -6.07 36.54
C THR G 91 39.43 -5.37 36.06
N CYS G 92 39.52 -4.05 35.89
CA CYS G 92 38.46 -3.24 35.31
C CYS G 92 39.07 -2.32 34.27
N TYR G 93 38.24 -1.85 33.34
CA TYR G 93 38.73 -1.09 32.19
C TYR G 93 38.01 0.24 32.06
N ASN G 94 38.78 1.29 31.73
CA ASN G 94 38.27 2.61 31.38
C ASN G 94 38.83 2.92 30.00
N ILE G 95 38.02 2.71 28.97
CA ILE G 95 38.50 2.71 27.59
C ILE G 95 37.75 3.77 26.80
N SER G 96 38.50 4.64 26.11
CA SER G 96 37.95 5.62 25.19
C SER G 96 38.52 5.36 23.80
N VAL G 97 37.63 5.20 22.82
CA VAL G 97 38.01 4.93 21.44
C VAL G 97 37.41 6.02 20.56
N THR G 98 38.27 6.78 19.89
CA THR G 98 37.86 7.88 19.02
C THR G 98 38.31 7.63 17.59
N ASP G 99 37.64 8.30 16.66
CA ASP G 99 38.03 8.30 15.27
C ASP G 99 39.20 9.27 15.07
N PRO G 100 39.89 9.25 13.92
CA PRO G 100 40.90 10.28 13.66
C PRO G 100 40.37 11.70 13.59
N SER G 101 39.08 11.92 13.37
CA SER G 101 38.54 13.28 13.41
C SER G 101 38.23 13.76 14.81
N GLY G 102 38.21 12.88 15.81
CA GLY G 102 38.09 13.27 17.21
C GLY G 102 36.84 12.83 17.93
N LYS G 103 35.81 12.35 17.22
CA LYS G 103 34.55 11.97 17.85
C LYS G 103 34.63 10.53 18.35
N SER G 104 34.32 10.34 19.63
CA SER G 104 34.39 9.01 20.23
C SER G 104 33.26 8.12 19.70
N LEU G 105 33.60 6.90 19.32
CA LEU G 105 32.63 5.97 18.74
C LEU G 105 31.69 5.38 19.79
N LEU G 106 32.07 5.44 21.07
CA LEU G 106 31.24 4.90 22.12
C LEU G 106 30.09 5.86 22.44
N LEU G 107 29.03 5.31 23.01
CA LEU G 107 27.82 6.08 23.29
C LEU G 107 27.97 6.90 24.56
N ASP G 108 27.15 7.95 24.66
CA ASP G 108 27.09 8.70 25.90
C ASP G 108 26.36 7.90 26.99
N PRO G 109 26.81 8.01 28.24
CA PRO G 109 26.17 7.22 29.31
C PRO G 109 24.87 7.86 29.76
N PRO G 110 23.81 7.06 29.96
CA PRO G 110 22.61 7.57 30.62
C PRO G 110 22.81 7.94 32.08
N SER G 111 21.77 8.49 32.71
CA SER G 111 21.88 8.94 34.09
C SER G 111 21.96 7.80 35.09
N ASN G 112 21.50 6.60 34.73
CA ASN G 112 21.54 5.46 35.63
C ASN G 112 22.86 4.72 35.60
N ILE G 113 23.73 4.98 34.63
CA ILE G 113 25.02 4.30 34.54
C ILE G 113 26.01 4.97 35.49
N ARG G 114 26.66 4.17 36.32
CA ARG G 114 27.70 4.64 37.22
C ARG G 114 28.94 3.76 37.04
N ASP G 115 30.01 4.14 37.73
CA ASP G 115 31.23 3.35 37.69
C ASP G 115 31.05 2.06 38.48
N TYR G 116 31.86 1.06 38.15
CA TYR G 116 31.80 -0.21 38.85
C TYR G 116 32.29 -0.02 40.29
N PRO G 117 31.61 -0.64 41.29
CA PRO G 117 31.87 -0.33 42.70
C PRO G 117 33.28 -0.59 43.22
N LYS G 118 33.75 -1.83 43.13
CA LYS G 118 35.05 -2.21 43.66
C LYS G 118 35.88 -2.85 42.56
N CYS G 119 37.09 -2.33 42.36
CA CYS G 119 38.03 -2.89 41.40
C CYS G 119 39.41 -2.93 42.01
N LYS G 120 40.11 -4.05 41.85
CA LYS G 120 41.48 -4.17 42.35
C LYS G 120 42.47 -3.42 41.45
N THR G 121 42.25 -3.46 40.14
CA THR G 121 43.14 -2.81 39.18
C THR G 121 42.30 -2.22 38.06
N VAL G 122 42.52 -0.95 37.76
CA VAL G 122 41.80 -0.24 36.71
C VAL G 122 42.80 0.14 35.62
N HIS G 123 42.50 -0.26 34.39
CA HIS G 123 43.37 0.00 33.25
C HIS G 123 42.80 1.12 32.40
N HIS G 124 43.64 2.11 32.09
CA HIS G 124 43.27 3.24 31.24
C HIS G 124 43.93 3.04 29.88
N ILE G 125 43.15 2.59 28.90
CA ILE G 125 43.63 2.32 27.55
C ILE G 125 42.85 3.19 26.58
N GLN G 126 43.56 3.95 25.76
CA GLN G 126 42.96 4.75 24.71
C GLN G 126 43.60 4.40 23.37
N GLY G 127 42.85 4.62 22.29
CA GLY G 127 43.33 4.28 20.97
C GLY G 127 42.39 4.81 19.91
N GLN G 128 42.69 4.44 18.67
CA GLN G 128 41.91 4.91 17.52
C GLN G 128 41.64 3.74 16.59
N ASN G 129 40.56 3.88 15.81
CA ASN G 129 40.20 2.88 14.80
C ASN G 129 39.44 3.59 13.70
N PRO G 130 40.03 3.74 12.50
CA PRO G 130 39.35 4.49 11.44
C PRO G 130 38.28 3.71 10.70
N HIS G 131 38.31 2.38 10.73
CA HIS G 131 37.37 1.55 9.99
C HIS G 131 36.36 0.87 10.91
N ALA G 132 36.01 1.52 12.02
CA ALA G 132 35.03 1.00 12.96
C ALA G 132 33.83 1.93 13.01
N GLN G 133 32.63 1.37 12.79
CA GLN G 133 31.40 2.13 12.88
C GLN G 133 30.33 1.27 13.55
N GLY G 134 29.40 1.94 14.22
CA GLY G 134 28.37 1.24 14.96
C GLY G 134 28.57 1.29 16.46
N ILE G 135 28.10 0.26 17.16
CA ILE G 135 28.19 0.19 18.61
C ILE G 135 29.10 -0.97 18.98
N ALA G 136 29.61 -0.92 20.22
CA ALA G 136 30.49 -1.96 20.73
C ALA G 136 29.68 -3.11 21.30
N LEU G 137 30.12 -4.34 21.01
CA LEU G 137 29.46 -5.55 21.48
C LEU G 137 30.51 -6.56 21.89
N HIS G 138 30.08 -7.56 22.65
CA HIS G 138 30.96 -8.60 23.18
C HIS G 138 30.84 -9.85 22.31
N LEU G 139 31.99 -10.44 21.98
CA LEU G 139 32.01 -11.59 21.08
C LEU G 139 31.52 -12.86 21.75
N TRP G 140 31.78 -13.03 23.05
CA TRP G 140 31.38 -14.24 23.76
C TRP G 140 29.94 -14.19 24.23
N GLY G 141 29.23 -13.09 24.03
CA GLY G 141 27.88 -12.96 24.53
C GLY G 141 27.77 -12.55 25.99
N ALA G 142 28.87 -12.12 26.60
CA ALA G 142 28.86 -11.73 28.00
C ALA G 142 28.32 -10.31 28.15
N PHE G 143 28.28 -9.83 29.40
CA PHE G 143 27.71 -8.53 29.72
C PHE G 143 28.79 -7.60 30.27
N PHE G 144 28.62 -6.32 29.99
CA PHE G 144 29.47 -5.25 30.52
C PHE G 144 28.85 -4.78 31.83
N LEU G 145 29.47 -5.17 32.94
CA LEU G 145 28.93 -4.87 34.26
C LEU G 145 29.34 -3.48 34.72
N TYR G 146 28.36 -2.74 35.23
CA TYR G 146 28.46 -1.42 35.87
C TYR G 146 27.82 -1.51 37.24
N ASP G 147 27.58 -0.35 37.86
CA ASP G 147 26.93 -0.29 39.17
C ASP G 147 25.46 -0.67 39.02
N ARG G 148 25.16 -1.94 39.31
CA ARG G 148 23.81 -2.52 39.35
C ARG G 148 23.07 -2.44 38.01
N VAL G 149 23.81 -2.27 36.92
CA VAL G 149 23.24 -2.29 35.56
C VAL G 149 24.23 -3.07 34.69
N ALA G 150 23.73 -4.12 34.03
CA ALA G 150 24.51 -4.89 33.08
C ALA G 150 24.07 -4.53 31.67
N SER G 151 25.03 -4.26 30.80
CA SER G 151 24.75 -3.74 29.47
C SER G 151 25.36 -4.65 28.41
N THR G 152 24.79 -4.57 27.21
CA THR G 152 25.34 -5.25 26.04
C THR G 152 26.30 -4.38 25.25
N THR G 153 26.49 -3.12 25.65
CA THR G 153 27.34 -2.19 24.93
C THR G 153 28.32 -1.54 25.90
N MET G 154 29.27 -0.79 25.34
CA MET G 154 30.34 -0.14 26.08
C MET G 154 30.14 1.36 26.01
N TYR G 155 30.14 2.01 27.17
CA TYR G 155 29.87 3.44 27.26
C TYR G 155 31.16 4.23 27.41
N ARG G 156 31.03 5.55 27.25
CA ARG G 156 32.18 6.44 27.24
C ARG G 156 32.48 6.93 28.65
N GLY G 157 33.73 6.73 29.09
CA GLY G 157 34.20 7.30 30.34
C GLY G 157 33.68 6.65 31.60
N LYS G 158 33.19 5.41 31.51
CA LYS G 158 32.69 4.68 32.67
C LYS G 158 33.47 3.38 32.83
N VAL G 159 33.78 3.05 34.07
CA VAL G 159 34.58 1.86 34.40
C VAL G 159 33.64 0.67 34.53
N PHE G 160 33.94 -0.39 33.77
CA PHE G 160 33.10 -1.58 33.68
C PHE G 160 33.93 -2.81 34.01
N THR G 161 33.30 -3.98 33.93
CA THR G 161 34.03 -5.24 33.85
C THR G 161 33.25 -6.19 32.95
N GLU G 162 33.78 -7.39 32.74
CA GLU G 162 33.09 -8.41 31.96
C GLU G 162 32.52 -9.48 32.90
N GLY G 163 31.27 -9.85 32.67
CA GLY G 163 30.69 -10.87 33.54
C GLY G 163 29.31 -11.29 33.07
N ASN G 164 28.75 -12.25 33.81
CA ASN G 164 27.41 -12.76 33.57
C ASN G 164 26.64 -12.80 34.89
N ILE G 165 25.33 -12.60 34.83
CA ILE G 165 24.52 -12.54 36.03
C ILE G 165 23.64 -13.78 36.12
N ALA G 166 23.27 -14.14 37.35
CA ALA G 166 22.52 -15.34 37.65
C ALA G 166 21.43 -15.06 38.66
N ALA G 167 20.30 -15.76 38.50
CA ALA G 167 19.11 -15.59 39.32
C ALA G 167 19.03 -16.71 40.35
N MET G 168 18.80 -16.35 41.61
CA MET G 168 18.81 -17.35 42.69
C MET G 168 18.01 -16.86 43.88
N ILE G 169 17.42 -17.82 44.60
CA ILE G 169 16.41 -17.55 45.63
C ILE G 169 16.93 -18.09 46.96
N VAL G 170 17.33 -17.20 47.86
CA VAL G 170 17.61 -17.53 49.26
C VAL G 170 16.88 -16.52 50.14
N ASN G 171 16.16 -17.01 51.14
CA ASN G 171 15.49 -16.15 52.10
C ASN G 171 16.50 -15.58 53.10
N LYS G 172 16.00 -14.71 54.00
CA LYS G 172 16.86 -14.09 55.00
C LYS G 172 17.16 -15.00 56.17
N THR G 173 16.50 -16.15 56.28
CA THR G 173 16.72 -17.05 57.40
C THR G 173 18.10 -17.71 57.32
N VAL G 174 18.45 -18.23 56.13
CA VAL G 174 19.72 -18.91 55.94
C VAL G 174 20.68 -18.06 55.10
N HIS G 175 20.40 -16.76 54.97
CA HIS G 175 21.34 -15.89 54.27
C HIS G 175 22.57 -15.59 55.11
N ARG G 176 22.39 -15.32 56.41
CA ARG G 176 23.53 -15.05 57.28
C ARG G 176 24.34 -16.29 57.63
N MET G 177 23.78 -17.48 57.41
CA MET G 177 24.58 -18.70 57.52
C MET G 177 25.62 -18.77 56.42
N ILE G 178 25.28 -18.31 55.22
CA ILE G 178 26.21 -18.29 54.09
C ILE G 178 27.06 -17.02 54.10
N PHE G 179 26.44 -15.87 54.31
CA PHE G 179 27.13 -14.59 54.28
C PHE G 179 28.04 -14.43 55.48
N SER G 180 29.24 -13.89 55.24
CA SER G 180 30.30 -13.66 56.23
C SER G 180 30.69 -14.91 57.01
N ASP H 43 15.91 -19.60 31.72
CA ASP H 43 16.29 -18.72 32.83
C ASP H 43 16.14 -19.52 34.13
N GLU H 44 17.22 -20.17 34.54
CA GLU H 44 17.18 -21.01 35.72
C GLU H 44 17.20 -20.17 37.00
N SER H 45 16.58 -20.71 38.05
CA SER H 45 16.52 -20.03 39.35
C SER H 45 16.51 -21.09 40.44
N PRO H 46 17.68 -21.49 40.93
CA PRO H 46 17.73 -22.48 42.01
C PRO H 46 17.36 -21.87 43.36
N SER H 47 16.89 -22.74 44.25
CA SER H 47 16.56 -22.37 45.62
C SER H 47 17.42 -23.17 46.58
N PHE H 48 17.77 -22.57 47.70
CA PHE H 48 18.58 -23.22 48.72
C PHE H 48 17.66 -23.86 49.77
N ASN H 49 18.27 -24.44 50.80
CA ASN H 49 17.53 -25.17 51.81
C ASN H 49 18.20 -24.91 53.16
N THR H 50 17.41 -25.03 54.23
CA THR H 50 17.90 -24.85 55.59
C THR H 50 18.82 -26.00 56.00
N SER H 63 23.94 -30.97 53.16
CA SER H 63 22.60 -30.96 53.75
C SER H 63 21.72 -29.93 53.07
N LEU H 64 22.32 -29.09 52.23
CA LEU H 64 21.61 -28.04 51.51
C LEU H 64 21.14 -28.60 50.17
N THR H 65 19.87 -29.01 50.11
CA THR H 65 19.32 -29.54 48.87
C THR H 65 19.05 -28.42 47.90
N PHE H 66 19.46 -28.62 46.65
CA PHE H 66 19.35 -27.62 45.59
C PHE H 66 18.36 -28.10 44.55
N SER H 67 17.43 -27.22 44.16
CA SER H 67 16.40 -27.57 43.19
C SER H 67 16.31 -26.45 42.16
N TYR H 68 16.54 -26.79 40.90
CA TYR H 68 16.51 -25.80 39.81
C TYR H 68 15.09 -25.65 39.28
N ASN H 84 41.22 -25.53 35.94
CA ASN H 84 39.77 -25.58 35.79
C ASN H 84 39.22 -24.22 35.39
N ASP H 85 37.91 -24.05 35.56
CA ASP H 85 37.24 -22.80 35.22
C ASP H 85 36.46 -22.22 36.41
N CYS H 86 36.86 -22.58 37.63
CA CYS H 86 36.17 -22.13 38.83
C CYS H 86 37.19 -21.65 39.86
N ASP H 87 36.81 -20.63 40.62
CA ASP H 87 37.61 -20.10 41.71
C ASP H 87 36.84 -20.34 43.01
N ALA H 88 37.53 -20.91 44.00
CA ALA H 88 36.87 -21.29 45.24
C ALA H 88 36.56 -20.09 46.14
N GLU H 89 37.34 -19.02 46.02
CA GLU H 89 37.18 -17.85 46.86
C GLU H 89 36.17 -16.89 46.21
N LEU H 90 35.05 -16.67 46.89
CA LEU H 90 33.99 -15.80 46.39
C LEU H 90 33.74 -14.72 47.43
N ARG H 91 34.04 -13.48 47.07
CA ARG H 91 33.70 -12.32 47.87
C ARG H 91 32.80 -11.40 47.06
N ILE H 92 31.85 -10.76 47.73
CA ILE H 92 30.82 -9.95 47.09
C ILE H 92 30.66 -8.63 47.82
N TRP H 93 29.96 -7.70 47.18
CA TRP H 93 29.46 -6.48 47.79
C TRP H 93 27.95 -6.54 47.79
N SER H 94 27.35 -6.01 48.86
CA SER H 94 25.91 -6.15 49.07
C SER H 94 25.33 -4.86 49.63
N VAL H 95 24.02 -4.72 49.46
CA VAL H 95 23.28 -3.58 50.00
C VAL H 95 23.13 -3.76 51.50
N GLN H 96 23.23 -2.66 52.24
CA GLN H 96 23.26 -2.70 53.69
C GLN H 96 21.93 -3.17 54.29
N GLU H 97 22.02 -3.93 55.38
CA GLU H 97 20.88 -4.43 56.13
C GLU H 97 20.85 -3.90 57.56
N ASP H 98 22.02 -3.71 58.18
CA ASP H 98 22.10 -3.16 59.54
C ASP H 98 21.74 -1.68 59.56
N ASP H 99 21.83 -1.00 58.41
CA ASP H 99 21.47 0.41 58.28
C ASP H 99 19.99 0.66 58.58
N LEU H 100 19.13 -0.35 58.38
CA LEU H 100 17.71 -0.23 58.71
C LEU H 100 17.49 -0.08 60.22
N ALA H 101 18.38 -0.64 61.04
CA ALA H 101 18.21 -0.62 62.48
C ALA H 101 18.80 0.62 63.16
N ALA H 102 19.33 1.57 62.38
CA ALA H 102 19.93 2.76 62.98
C ALA H 102 18.88 3.69 63.57
N GLY H 103 17.74 3.82 62.92
CA GLY H 103 16.65 4.62 63.46
C GLY H 103 16.36 5.90 62.70
N LEU H 104 17.42 6.60 62.29
CA LEU H 104 17.27 7.81 61.50
C LEU H 104 17.98 7.77 60.16
N SER H 105 18.70 6.68 59.87
CA SER H 105 19.46 6.57 58.63
C SER H 105 18.62 6.17 57.44
N TRP H 106 17.34 5.84 57.63
CA TRP H 106 16.45 5.55 56.52
C TRP H 106 16.06 6.80 55.74
N ILE H 107 16.20 7.97 56.35
CA ILE H 107 15.95 9.25 55.68
C ILE H 107 17.03 9.47 54.62
N PRO H 108 16.68 9.91 53.42
CA PRO H 108 17.71 10.17 52.39
C PRO H 108 18.73 11.23 52.76
N PHE H 109 18.35 12.23 53.55
CA PHE H 109 19.33 13.25 53.94
C PHE H 109 20.32 12.73 54.98
N PHE H 110 19.91 11.76 55.78
CA PHE H 110 20.79 11.13 56.76
C PHE H 110 21.42 9.85 56.24
N GLY H 111 21.27 9.56 54.94
CA GLY H 111 21.75 8.32 54.38
C GLY H 111 23.24 8.32 54.15
N PRO H 112 23.76 7.17 53.70
CA PRO H 112 25.21 7.04 53.55
C PRO H 112 25.75 7.61 52.24
N GLY H 113 24.91 7.68 51.21
CA GLY H 113 25.35 8.13 49.91
C GLY H 113 25.63 6.98 48.96
N ILE H 114 26.23 7.34 47.82
CA ILE H 114 26.51 6.35 46.79
C ILE H 114 27.67 5.45 47.21
N GLU H 115 28.76 6.05 47.70
CA GLU H 115 29.98 5.29 47.96
C GLU H 115 29.88 4.45 49.22
N GLY H 116 29.15 4.91 50.23
CA GLY H 116 29.08 4.20 51.50
C GLY H 116 27.88 3.28 51.61
N LEU H 117 27.32 2.88 50.46
CA LEU H 117 26.10 2.10 50.42
C LEU H 117 26.34 0.59 50.46
N TYR H 118 27.59 0.16 50.36
CA TYR H 118 27.92 -1.24 50.10
C TYR H 118 28.72 -1.84 51.24
N THR H 119 28.44 -3.10 51.57
CA THR H 119 29.21 -3.87 52.53
C THR H 119 29.83 -5.08 51.85
N ALA H 120 31.11 -5.32 52.17
CA ALA H 120 31.82 -6.47 51.64
C ALA H 120 31.52 -7.72 52.47
N GLY H 121 31.49 -8.85 51.80
CA GLY H 121 31.24 -10.11 52.47
C GLY H 121 31.84 -11.26 51.68
N LEU H 122 31.78 -12.45 52.27
CA LEU H 122 32.37 -13.64 51.68
C LEU H 122 31.35 -14.77 51.70
N ILE H 123 31.35 -15.57 50.64
CA ILE H 123 30.51 -16.76 50.54
C ILE H 123 31.41 -17.97 50.68
N LYS H 124 31.16 -18.79 51.69
CA LYS H 124 31.96 -19.98 51.93
C LYS H 124 31.63 -21.07 50.92
N ASN H 125 32.62 -21.92 50.66
CA ASN H 125 32.49 -23.02 49.70
C ASN H 125 32.36 -24.31 50.51
N GLN H 126 31.13 -24.62 50.92
CA GLN H 126 30.89 -25.78 51.78
C GLN H 126 30.27 -26.96 51.06
N ASN H 127 29.44 -26.74 50.05
CA ASN H 127 28.87 -27.82 49.26
C ASN H 127 28.95 -27.42 47.78
N ASN H 128 30.16 -27.00 47.38
CA ASN H 128 30.58 -26.63 46.02
C ASN H 128 29.61 -25.70 45.28
N LEU H 129 28.96 -24.81 46.04
CA LEU H 129 27.94 -23.93 45.48
C LEU H 129 28.51 -22.79 44.65
N VAL H 130 29.78 -22.43 44.87
CA VAL H 130 30.39 -21.32 44.13
C VAL H 130 30.59 -21.70 42.67
N CYS H 131 31.10 -22.92 42.42
CA CYS H 131 31.32 -23.39 41.06
C CYS H 131 30.01 -23.54 40.29
N ARG H 132 28.97 -24.05 40.97
CA ARG H 132 27.69 -24.22 40.31
C ARG H 132 26.99 -22.87 40.12
N LEU H 133 27.28 -21.88 40.97
CA LEU H 133 26.79 -20.52 40.72
C LEU H 133 27.47 -19.89 39.51
N ARG H 134 28.77 -20.14 39.34
CA ARG H 134 29.48 -19.60 38.18
C ARG H 134 29.00 -20.23 36.88
N ARG H 135 28.80 -21.55 36.86
CA ARG H 135 28.26 -22.15 35.63
C ARG H 135 26.78 -21.83 35.45
N LEU H 136 26.07 -21.55 36.55
CA LEU H 136 24.71 -21.03 36.47
C LEU H 136 24.65 -19.70 35.74
N ALA H 137 25.58 -18.80 36.07
CA ALA H 137 25.67 -17.52 35.36
C ALA H 137 26.06 -17.73 33.90
N ASN H 138 26.97 -18.66 33.65
CA ASN H 138 27.50 -18.87 32.30
C ASN H 138 26.43 -19.47 31.38
N GLN H 139 25.53 -20.32 31.91
CA GLN H 139 24.41 -20.77 31.09
C GLN H 139 23.16 -19.89 31.20
N THR H 140 23.09 -19.00 32.19
CA THR H 140 21.95 -18.09 32.31
C THR H 140 22.07 -16.94 31.31
N ALA H 141 23.31 -16.52 31.02
CA ALA H 141 23.55 -15.44 30.05
C ALA H 141 23.10 -15.80 28.63
N LYS H 142 22.99 -17.08 28.31
CA LYS H 142 22.43 -17.47 27.01
C LYS H 142 20.92 -17.27 26.95
N SER H 143 20.22 -17.61 28.04
CA SER H 143 18.77 -17.50 28.07
C SER H 143 18.31 -16.05 28.25
N LEU H 144 19.09 -15.24 28.96
CA LEU H 144 18.64 -13.88 29.29
C LEU H 144 18.76 -12.93 28.10
N GLU H 145 19.74 -13.17 27.22
CA GLU H 145 20.01 -12.21 26.15
C GLU H 145 18.99 -12.34 25.02
N LEU H 146 18.47 -13.55 24.80
CA LEU H 146 17.32 -13.72 23.90
C LEU H 146 16.09 -13.01 24.42
N LEU H 147 15.91 -12.97 25.74
CA LEU H 147 14.80 -12.23 26.33
C LEU H 147 15.00 -10.72 26.15
N LEU H 148 16.24 -10.24 26.31
CA LEU H 148 16.53 -8.84 26.08
C LEU H 148 16.40 -8.43 24.61
N ARG H 149 16.55 -9.39 23.69
CA ARG H 149 16.40 -9.08 22.27
C ARG H 149 14.97 -8.75 21.91
N VAL H 150 13.99 -9.36 22.60
CA VAL H 150 12.58 -9.20 22.23
C VAL H 150 12.08 -7.80 22.57
N THR H 151 12.48 -7.26 23.73
CA THR H 151 11.91 -6.00 24.21
C THR H 151 12.41 -4.81 23.38
N THR H 152 11.61 -3.75 23.38
CA THR H 152 11.85 -2.57 22.56
C THR H 152 12.41 -1.40 23.36
N GLU H 153 12.59 -1.55 24.66
CA GLU H 153 13.08 -0.47 25.51
C GLU H 153 14.58 -0.60 25.76
N GLU H 154 15.27 0.54 25.71
CA GLU H 154 16.72 0.59 25.88
C GLU H 154 17.14 1.07 27.27
N ARG H 155 16.20 1.39 28.14
CA ARG H 155 16.55 1.77 29.51
C ARG H 155 16.67 0.51 30.38
N THR H 156 16.92 0.72 31.67
CA THR H 156 17.13 -0.38 32.60
C THR H 156 15.85 -1.20 32.78
N PHE H 157 15.96 -2.51 32.56
CA PHE H 157 14.83 -3.43 32.58
C PHE H 157 14.97 -4.39 33.76
N SER H 158 13.88 -4.63 34.46
CA SER H 158 13.88 -5.47 35.66
C SER H 158 13.32 -6.85 35.36
N LEU H 159 13.79 -7.83 36.12
CA LEU H 159 13.39 -9.23 35.94
C LEU H 159 12.84 -9.89 37.19
N ILE H 160 12.71 -9.17 38.30
CA ILE H 160 12.28 -9.76 39.57
C ILE H 160 10.82 -10.23 39.48
N ASN H 161 9.96 -9.38 38.92
CA ASN H 161 8.53 -9.69 38.84
C ASN H 161 8.28 -10.87 37.90
N ARG H 162 9.06 -10.98 36.83
CA ARG H 162 8.90 -12.09 35.89
C ARG H 162 9.23 -13.44 36.53
N ILE H 163 10.30 -13.50 37.32
CA ILE H 163 10.66 -14.73 38.03
C ILE H 163 9.62 -15.06 39.10
N ALA H 164 9.09 -14.05 39.79
CA ALA H 164 8.08 -14.30 40.81
C ALA H 164 6.77 -14.81 40.20
N ILE H 165 6.32 -14.20 39.11
CA ILE H 165 5.10 -14.65 38.43
C ILE H 165 5.30 -16.03 37.81
N ASP H 166 6.50 -16.33 37.30
CA ASP H 166 6.78 -17.66 36.78
C ASP H 166 6.78 -18.71 37.88
N PHE H 167 7.29 -18.37 39.06
CA PHE H 167 7.24 -19.30 40.19
C PHE H 167 5.80 -19.56 40.63
N LEU H 168 4.97 -18.52 40.66
CA LEU H 168 3.54 -18.72 40.97
C LEU H 168 2.82 -19.52 39.89
N LEU H 169 3.20 -19.33 38.63
CA LEU H 169 2.50 -19.99 37.53
C LEU H 169 2.87 -21.46 37.45
N THR H 170 4.14 -21.80 37.70
CA THR H 170 4.53 -23.20 37.73
C THR H 170 4.25 -23.88 39.07
N ARG H 171 3.96 -23.11 40.13
CA ARG H 171 3.62 -23.73 41.40
C ARG H 171 2.21 -24.29 41.38
N TRP H 172 1.30 -23.65 40.63
CA TRP H 172 -0.09 -24.12 40.54
C TRP H 172 -0.19 -25.49 39.89
N GLY H 173 0.61 -25.73 38.85
CA GLY H 173 0.60 -27.04 38.20
C GLY H 173 1.15 -28.14 39.07
N GLY H 174 2.21 -27.86 39.83
CA GLY H 174 2.80 -28.84 40.71
C GLY H 174 2.17 -28.87 42.09
N SER I 38 -7.09 -15.41 54.33
CA SER I 38 -7.91 -14.20 54.42
C SER I 38 -7.44 -13.15 53.41
N GLY I 39 -8.39 -12.38 52.88
CA GLY I 39 -8.07 -11.35 51.92
C GLY I 39 -8.95 -11.40 50.68
N THR I 40 -9.53 -10.26 50.31
CA THR I 40 -10.41 -10.16 49.15
C THR I 40 -9.76 -9.22 48.14
N LEU I 41 -8.93 -9.79 47.26
CA LEU I 41 -8.25 -9.03 46.21
C LEU I 41 -8.48 -9.79 44.91
N GLN I 42 -9.40 -9.28 44.08
CA GLN I 42 -9.84 -10.00 42.89
C GLN I 42 -9.34 -9.41 41.59
N LYS I 43 -8.90 -8.15 41.59
CA LYS I 43 -8.41 -7.50 40.39
C LYS I 43 -7.22 -6.62 40.74
N THR I 44 -6.34 -6.42 39.77
CA THR I 44 -5.09 -5.70 40.03
C THR I 44 -5.32 -4.22 40.31
N GLU I 45 -6.34 -3.63 39.69
CA GLU I 45 -6.67 -2.22 39.91
C GLU I 45 -7.55 -1.99 41.14
N ASP I 46 -7.63 -2.96 42.05
CA ASP I 46 -8.30 -2.81 43.32
C ASP I 46 -7.36 -2.31 44.41
N VAL I 47 -6.11 -2.01 44.08
CA VAL I 47 -5.12 -1.53 45.03
C VAL I 47 -4.96 -0.03 44.84
N HIS I 48 -5.30 0.73 45.87
CA HIS I 48 -5.21 2.18 45.85
C HIS I 48 -4.03 2.68 46.68
N LEU I 49 -3.43 3.75 46.19
CA LEU I 49 -2.29 4.40 46.82
C LEU I 49 -2.68 5.86 47.07
N MET I 50 -3.17 6.16 48.27
CA MET I 50 -3.58 7.53 48.58
C MET I 50 -2.56 8.27 49.42
N GLY I 51 -2.31 9.52 49.04
CA GLY I 51 -1.35 10.38 49.73
C GLY I 51 -2.06 11.41 50.59
N PHE I 52 -1.68 11.45 51.85
CA PHE I 52 -2.27 12.32 52.86
C PHE I 52 -1.27 13.39 53.22
N THR I 53 -1.73 14.64 53.24
CA THR I 53 -0.87 15.78 53.53
C THR I 53 -0.54 15.84 55.02
N LEU I 54 0.59 16.50 55.33
CA LEU I 54 0.98 16.70 56.72
C LEU I 54 0.08 17.70 57.44
N SER I 55 -0.56 18.61 56.69
CA SER I 55 -1.42 19.62 57.30
C SER I 55 -2.67 19.02 57.94
N GLY I 56 -3.11 17.85 57.49
CA GLY I 56 -4.17 17.13 58.16
C GLY I 56 -3.74 16.34 59.37
N GLN I 57 -2.46 16.34 59.69
CA GLN I 57 -1.92 15.66 60.86
C GLN I 57 -1.64 16.67 61.98
N LYS I 58 -2.22 17.88 61.85
CA LYS I 58 -2.02 19.02 62.77
C LYS I 58 -0.55 19.39 62.88
N VAL I 59 0.13 19.44 61.75
CA VAL I 59 1.52 19.88 61.64
C VAL I 59 1.52 21.30 61.13
N ALA I 60 2.32 22.17 61.75
CA ALA I 60 2.42 23.57 61.33
C ALA I 60 2.95 23.68 59.91
N ASP I 61 2.28 24.49 59.10
CA ASP I 61 2.52 24.53 57.67
C ASP I 61 2.62 25.94 57.11
N SER I 62 2.70 26.96 57.97
CA SER I 62 3.02 28.30 57.52
C SER I 62 4.48 28.33 57.05
N PRO I 63 4.79 29.11 56.00
CA PRO I 63 6.12 29.04 55.38
C PRO I 63 7.28 29.52 56.25
N LEU I 64 7.02 30.19 57.37
CA LEU I 64 8.10 30.58 58.27
C LEU I 64 8.71 29.37 58.97
N GLU I 65 7.87 28.43 59.41
CA GLU I 65 8.34 27.24 60.10
C GLU I 65 8.12 25.96 59.32
N ALA I 66 7.78 26.06 58.03
CA ALA I 66 7.78 24.90 57.14
C ALA I 66 9.04 24.84 56.29
N SER I 67 9.93 25.82 56.42
CA SER I 67 11.18 25.84 55.68
C SER I 67 12.33 25.21 56.46
N LYS I 68 12.09 24.78 57.70
CA LYS I 68 13.11 24.10 58.50
C LYS I 68 13.07 22.59 58.34
N ARG I 69 12.16 22.08 57.51
CA ARG I 69 12.11 20.66 57.19
C ARG I 69 12.75 20.35 55.84
N TRP I 70 13.41 21.32 55.22
CA TRP I 70 14.08 21.15 53.94
C TRP I 70 15.55 21.50 54.08
N ALA I 71 16.39 20.77 53.34
CA ALA I 71 17.82 21.04 53.34
C ALA I 71 18.39 20.65 51.98
N PHE I 72 19.70 20.83 51.83
CA PHE I 72 20.39 20.52 50.57
C PHE I 72 21.49 19.51 50.83
N ARG I 73 21.69 18.59 49.88
CA ARG I 73 22.68 17.53 50.04
C ARG I 73 23.12 17.03 48.68
N THR I 74 24.41 16.73 48.54
CA THR I 74 24.97 16.10 47.36
C THR I 74 25.03 14.58 47.54
N GLY I 75 25.13 13.88 46.42
CA GLY I 75 25.43 12.46 46.43
C GLY I 75 24.26 11.52 46.57
N VAL I 76 23.03 12.02 46.58
CA VAL I 76 21.84 11.20 46.68
C VAL I 76 21.03 11.36 45.41
N PRO I 77 20.79 10.30 44.64
CA PRO I 77 19.91 10.43 43.47
C PRO I 77 18.48 10.67 43.89
N PRO I 78 17.70 11.41 43.09
CA PRO I 78 16.28 11.57 43.40
C PRO I 78 15.46 10.38 42.92
N LYS I 79 14.36 10.14 43.63
CA LYS I 79 13.48 9.00 43.34
C LYS I 79 12.03 9.48 43.27
N ASN I 80 11.27 8.85 42.37
CA ASN I 80 9.86 9.15 42.18
C ASN I 80 9.04 7.87 42.28
N VAL I 81 7.82 8.00 42.78
CA VAL I 81 6.92 6.85 42.92
C VAL I 81 5.52 7.27 42.49
N GLU I 82 4.87 6.41 41.71
CA GLU I 82 3.51 6.66 41.24
C GLU I 82 2.49 6.32 42.32
N TYR I 83 1.48 7.17 42.47
CA TYR I 83 0.31 6.88 43.28
C TYR I 83 -0.94 7.23 42.48
N THR I 84 -2.11 6.99 43.07
CA THR I 84 -3.37 7.05 42.34
C THR I 84 -4.21 8.28 42.65
N GLU I 85 -4.53 8.52 43.92
CA GLU I 85 -5.41 9.60 44.32
C GLU I 85 -4.86 10.20 45.62
N GLY I 86 -5.51 11.25 46.12
CA GLY I 86 -4.94 11.93 47.27
C GLY I 86 -5.88 12.95 47.87
N GLU I 87 -5.47 13.45 49.04
CA GLU I 87 -6.26 14.39 49.83
C GLU I 87 -6.19 15.79 49.25
N GLU I 88 -7.32 16.51 49.30
CA GLU I 88 -7.34 17.92 48.97
C GLU I 88 -6.46 18.71 49.93
N ALA I 89 -5.49 19.44 49.39
CA ALA I 89 -4.49 20.11 50.21
C ALA I 89 -5.04 21.42 50.76
N LYS I 90 -4.49 21.82 51.91
CA LYS I 90 -4.85 23.08 52.55
C LYS I 90 -3.96 24.22 52.08
N THR I 91 -2.64 24.07 52.26
CA THR I 91 -1.68 25.06 51.77
C THR I 91 -0.62 24.36 50.93
N CYS I 92 -0.37 24.90 49.75
CA CYS I 92 0.68 24.45 48.86
C CYS I 92 1.75 25.53 48.72
N TYR I 93 2.83 25.20 48.04
CA TYR I 93 3.97 26.11 47.92
C TYR I 93 4.49 26.13 46.50
N ASN I 94 5.11 27.26 46.13
CA ASN I 94 5.75 27.44 44.83
C ASN I 94 7.03 28.21 45.08
N ILE I 95 8.17 27.53 44.97
CA ILE I 95 9.43 28.02 45.50
C ILE I 95 10.49 28.00 44.40
N SER I 96 11.16 29.13 44.21
CA SER I 96 12.31 29.24 43.32
C SER I 96 13.50 29.77 44.11
N VAL I 97 14.59 29.01 44.12
CA VAL I 97 15.80 29.37 44.84
C VAL I 97 16.94 29.45 43.83
N THR I 98 17.67 30.56 43.84
CA THR I 98 18.75 30.78 42.89
C THR I 98 20.02 31.23 43.61
N ASP I 99 21.15 30.99 42.95
CA ASP I 99 22.45 31.42 43.44
C ASP I 99 22.68 32.89 43.04
N PRO I 100 23.65 33.59 43.66
CA PRO I 100 23.94 34.96 43.21
C PRO I 100 24.57 35.06 41.83
N SER I 101 24.98 33.96 41.21
CA SER I 101 25.37 34.00 39.80
C SER I 101 24.17 33.96 38.86
N GLY I 102 22.99 33.58 39.36
CA GLY I 102 21.77 33.65 38.59
C GLY I 102 21.16 32.33 38.14
N LYS I 103 21.65 31.20 38.63
CA LYS I 103 21.16 29.89 38.24
C LYS I 103 20.40 29.24 39.38
N SER I 104 19.36 28.48 39.03
CA SER I 104 18.53 27.82 40.05
C SER I 104 19.24 26.61 40.63
N LEU I 105 19.08 26.42 41.95
CA LEU I 105 19.62 25.26 42.62
C LEU I 105 18.72 24.04 42.53
N LEU I 106 17.47 24.20 42.10
CA LEU I 106 16.54 23.10 41.98
C LEU I 106 16.72 22.41 40.62
N LEU I 107 16.08 21.26 40.48
CA LEU I 107 16.23 20.43 39.30
C LEU I 107 15.25 20.87 38.21
N ASP I 108 15.59 20.50 36.98
CA ASP I 108 14.64 20.67 35.88
C ASP I 108 13.59 19.56 35.95
N PRO I 109 12.31 19.91 35.98
CA PRO I 109 11.27 18.88 36.13
C PRO I 109 11.09 18.07 34.86
N PRO I 110 10.94 16.74 34.99
CA PRO I 110 10.59 15.92 33.81
C PRO I 110 9.21 16.20 33.25
N SER I 111 8.87 15.54 32.14
CA SER I 111 7.54 15.67 31.56
C SER I 111 6.47 14.98 32.39
N ASN I 112 6.86 14.06 33.27
CA ASN I 112 5.89 13.40 34.16
C ASN I 112 5.35 14.37 35.20
N ILE I 113 6.16 15.32 35.64
CA ILE I 113 5.81 16.16 36.78
C ILE I 113 4.83 17.23 36.34
N ARG I 114 3.69 17.32 37.02
CA ARG I 114 2.70 18.34 36.80
C ARG I 114 2.35 18.99 38.14
N ASP I 115 1.55 20.05 38.08
CA ASP I 115 1.17 20.78 39.28
C ASP I 115 0.21 19.96 40.14
N TYR I 116 0.17 20.28 41.42
CA TYR I 116 -0.73 19.58 42.32
C TYR I 116 -2.18 19.97 42.01
N PRO I 117 -3.11 19.00 42.04
CA PRO I 117 -4.47 19.28 41.55
C PRO I 117 -5.27 20.29 42.37
N LYS I 118 -5.38 20.08 43.68
CA LYS I 118 -6.26 20.88 44.51
C LYS I 118 -5.45 21.56 45.61
N CYS I 119 -5.32 22.88 45.51
CA CYS I 119 -4.67 23.69 46.53
C CYS I 119 -5.57 24.85 46.91
N LYS I 120 -5.87 24.98 48.20
CA LYS I 120 -6.69 26.08 48.66
C LYS I 120 -5.91 27.38 48.72
N THR I 121 -4.64 27.32 49.16
CA THR I 121 -3.78 28.49 49.27
C THR I 121 -2.41 28.13 48.71
N VAL I 122 -1.93 28.94 47.78
CA VAL I 122 -0.62 28.73 47.14
C VAL I 122 0.31 29.83 47.63
N HIS I 123 1.36 29.43 48.34
CA HIS I 123 2.39 30.35 48.79
C HIS I 123 3.50 30.44 47.76
N HIS I 124 3.84 31.65 47.35
CA HIS I 124 4.90 31.89 46.36
C HIS I 124 6.08 32.53 47.08
N ILE I 125 7.21 31.82 47.10
CA ILE I 125 8.39 32.24 47.85
C ILE I 125 9.54 32.39 46.85
N GLN I 126 10.18 33.56 46.87
CA GLN I 126 11.38 33.82 46.10
C GLN I 126 12.54 34.03 47.07
N GLY I 127 13.60 33.23 46.91
CA GLY I 127 14.72 33.26 47.84
C GLY I 127 16.05 33.17 47.11
N GLN I 128 17.12 33.18 47.90
CA GLN I 128 18.47 33.13 47.36
C GLN I 128 19.40 32.58 48.42
N ASN I 129 20.07 31.46 48.11
CA ASN I 129 20.99 30.83 49.04
C ASN I 129 22.36 30.74 48.38
N PRO I 130 23.41 31.37 48.94
CA PRO I 130 24.71 31.39 48.25
C PRO I 130 25.61 30.19 48.52
N HIS I 131 25.45 29.54 49.68
CA HIS I 131 26.41 28.53 50.12
C HIS I 131 25.81 27.13 50.20
N ALA I 132 24.80 26.86 49.37
CA ALA I 132 24.19 25.54 49.30
C ALA I 132 24.48 24.91 47.95
N GLN I 133 24.66 23.59 47.96
CA GLN I 133 24.92 22.86 46.72
C GLN I 133 24.33 21.45 46.86
N GLY I 134 23.91 20.90 45.73
CA GLY I 134 23.26 19.60 45.72
C GLY I 134 21.79 19.68 45.38
N ILE I 135 20.99 18.76 45.92
CA ILE I 135 19.56 18.76 45.66
C ILE I 135 18.83 18.99 46.98
N ALA I 136 17.55 19.36 46.86
CA ALA I 136 16.71 19.59 48.02
C ALA I 136 16.14 18.27 48.53
N LEU I 137 16.18 18.09 49.85
CA LEU I 137 15.71 16.89 50.51
C LEU I 137 14.90 17.27 51.74
N HIS I 138 14.04 16.35 52.16
CA HIS I 138 13.12 16.55 53.27
C HIS I 138 13.70 15.93 54.52
N LEU I 139 13.67 16.68 55.63
CA LEU I 139 14.29 16.22 56.86
C LEU I 139 13.47 15.15 57.59
N TRP I 140 12.15 15.19 57.48
CA TRP I 140 11.32 14.23 58.18
C TRP I 140 11.13 12.91 57.44
N GLY I 141 11.65 12.80 56.22
CA GLY I 141 11.39 11.61 55.43
C GLY I 141 10.06 11.62 54.71
N ALA I 142 9.34 12.74 54.71
CA ALA I 142 8.09 12.85 53.98
C ALA I 142 8.36 13.07 52.50
N PHE I 143 7.29 12.99 51.71
CA PHE I 143 7.39 13.06 50.27
C PHE I 143 6.83 14.38 49.75
N PHE I 144 7.43 14.88 48.67
CA PHE I 144 6.94 16.05 47.96
C PHE I 144 5.90 15.59 46.95
N LEU I 145 4.64 15.83 47.25
CA LEU I 145 3.53 15.33 46.44
C LEU I 145 3.24 16.30 45.29
N TYR I 146 3.08 15.70 44.10
CA TYR I 146 2.69 16.34 42.85
C TYR I 146 1.48 15.60 42.28
N ASP I 147 1.15 15.83 41.01
CA ASP I 147 0.03 15.16 40.37
C ASP I 147 0.31 13.67 40.18
N ARG I 148 -0.13 12.87 41.16
CA ARG I 148 0.00 11.40 41.18
C ARG I 148 1.46 10.93 41.10
N VAL I 149 2.39 11.76 41.54
CA VAL I 149 3.80 11.40 41.63
C VAL I 149 4.33 11.96 42.94
N ALA I 150 4.88 11.09 43.79
CA ALA I 150 5.53 11.50 45.02
C ALA I 150 7.04 11.43 44.83
N SER I 151 7.74 12.51 45.19
CA SER I 151 9.16 12.64 44.93
C SER I 151 9.90 12.93 46.21
N THR I 152 11.19 12.60 46.22
CA THR I 152 12.07 12.89 47.33
C THR I 152 12.81 14.21 47.18
N THR I 153 12.55 14.96 46.10
CA THR I 153 13.24 16.21 45.84
C THR I 153 12.22 17.26 45.42
N MET I 154 12.69 18.51 45.36
CA MET I 154 11.87 19.65 44.98
C MET I 154 12.30 20.13 43.60
N TYR I 155 11.31 20.35 42.73
CA TYR I 155 11.57 20.72 41.34
C TYR I 155 11.33 22.22 41.11
N ARG I 156 11.66 22.66 39.91
CA ARG I 156 11.57 24.07 39.55
C ARG I 156 10.24 24.37 38.87
N GLY I 157 9.57 25.42 39.34
CA GLY I 157 8.38 25.91 38.70
C GLY I 157 7.13 25.08 38.90
N LYS I 158 7.16 24.10 39.80
CA LYS I 158 6.03 23.23 40.04
C LYS I 158 5.52 23.41 41.46
N VAL I 159 4.21 23.25 41.62
CA VAL I 159 3.54 23.43 42.91
C VAL I 159 3.34 22.07 43.55
N PHE I 160 3.83 21.91 44.77
CA PHE I 160 3.86 20.64 45.48
C PHE I 160 3.16 20.79 46.82
N THR I 161 3.12 19.69 47.57
CA THR I 161 2.79 19.75 48.99
C THR I 161 3.63 18.70 49.72
N GLU I 162 3.52 18.65 51.04
CA GLU I 162 4.22 17.66 51.84
C GLU I 162 3.24 16.60 52.31
N GLY I 163 3.59 15.33 52.11
CA GLY I 163 2.67 14.28 52.51
C GLY I 163 3.28 12.91 52.37
N ASN I 164 2.51 11.91 52.78
CA ASN I 164 2.93 10.52 52.80
C ASN I 164 1.84 9.64 52.21
N ILE I 165 2.24 8.58 51.51
CA ILE I 165 1.28 7.75 50.80
C ILE I 165 1.05 6.44 51.56
N ALA I 166 -0.09 5.80 51.27
CA ALA I 166 -0.51 4.59 51.92
C ALA I 166 -1.24 3.68 50.93
N ALA I 167 -1.06 2.37 51.11
CA ALA I 167 -1.55 1.35 50.18
C ALA I 167 -2.66 0.54 50.85
N MET I 168 -3.77 0.34 50.13
CA MET I 168 -4.88 -0.43 50.66
C MET I 168 -5.76 -0.97 49.55
N ILE I 169 -6.55 -2.00 49.88
CA ILE I 169 -7.31 -2.77 48.90
C ILE I 169 -8.80 -2.66 49.21
N VAL I 170 -9.55 -2.05 48.29
CA VAL I 170 -11.00 -1.89 48.42
C VAL I 170 -11.63 -2.17 47.06
N ASN I 171 -12.67 -3.00 47.01
CA ASN I 171 -13.32 -3.33 45.74
C ASN I 171 -14.30 -2.22 45.33
N LYS I 172 -15.15 -2.50 44.34
CA LYS I 172 -16.03 -1.47 43.79
C LYS I 172 -17.17 -1.16 44.76
N THR I 173 -17.78 -2.19 45.35
CA THR I 173 -18.99 -2.01 46.15
C THR I 173 -18.71 -1.29 47.46
N VAL I 174 -17.61 -1.65 48.13
CA VAL I 174 -17.26 -0.99 49.39
C VAL I 174 -16.83 0.45 49.14
N HIS I 175 -16.13 0.70 48.03
CA HIS I 175 -15.75 2.07 47.67
C HIS I 175 -16.97 2.93 47.36
N ARG I 176 -17.97 2.36 46.67
CA ARG I 176 -19.19 3.11 46.40
C ARG I 176 -20.01 3.30 47.68
N MET I 177 -19.89 2.38 48.64
CA MET I 177 -20.57 2.54 49.91
C MET I 177 -19.96 3.66 50.76
N ILE I 178 -18.63 3.71 50.84
CA ILE I 178 -17.98 4.59 51.81
C ILE I 178 -17.55 5.93 51.19
N PHE I 179 -17.41 6.01 49.87
CA PHE I 179 -16.70 7.12 49.25
C PHE I 179 -17.54 8.41 49.24
N SER I 180 -18.83 8.28 48.96
CA SER I 180 -19.80 9.39 48.83
C SER I 180 -19.36 10.46 47.84
N ASP J 43 6.21 -2.70 51.87
CA ASP J 43 5.21 -1.97 52.63
C ASP J 43 4.00 -2.83 52.98
N GLU J 44 3.18 -2.35 53.92
CA GLU J 44 2.04 -3.09 54.41
C GLU J 44 0.74 -2.50 53.86
N SER J 45 -0.29 -3.35 53.78
CA SER J 45 -1.56 -2.99 53.19
C SER J 45 -2.71 -3.64 53.95
N PRO J 46 -3.67 -2.87 54.45
CA PRO J 46 -4.88 -3.45 55.02
C PRO J 46 -5.97 -3.65 53.97
N SER J 47 -6.86 -4.59 54.27
CA SER J 47 -7.98 -4.92 53.39
C SER J 47 -9.25 -4.43 54.08
N PHE J 48 -9.68 -3.23 53.71
CA PHE J 48 -10.93 -2.66 54.22
C PHE J 48 -12.10 -3.35 53.55
N ASN J 49 -12.60 -4.41 54.17
CA ASN J 49 -13.70 -5.20 53.62
C ASN J 49 -14.92 -5.19 54.53
N THR J 50 -16.06 -5.54 53.94
CA THR J 50 -17.32 -5.56 54.68
C THR J 50 -17.40 -6.80 55.57
N SER J 51 -18.34 -6.76 56.52
CA SER J 51 -18.53 -7.89 57.42
C SER J 51 -19.23 -9.05 56.71
N THR J 52 -20.22 -8.75 55.87
CA THR J 52 -20.94 -9.78 55.15
C THR J 52 -20.54 -9.79 53.68
N SER J 63 -19.54 -2.69 64.22
CA SER J 63 -18.46 -3.63 63.99
C SER J 63 -18.18 -3.78 62.49
N LEU J 64 -16.90 -3.76 62.13
CA LEU J 64 -16.50 -3.89 60.74
C LEU J 64 -15.10 -4.47 60.69
N THR J 65 -14.93 -5.56 59.95
CA THR J 65 -13.69 -6.33 59.97
C THR J 65 -12.60 -5.61 59.19
N PHE J 66 -11.45 -5.42 59.83
CA PHE J 66 -10.25 -4.87 59.21
C PHE J 66 -9.23 -6.00 59.05
N SER J 67 -8.02 -5.64 58.62
CA SER J 67 -7.00 -6.65 58.35
C SER J 67 -5.63 -6.07 58.66
N TYR J 68 -4.59 -6.71 58.13
CA TYR J 68 -3.19 -6.37 58.35
C TYR J 68 -2.89 -4.98 57.80
N ASN J 84 -4.84 16.17 69.33
CA ASN J 84 -4.38 14.93 68.72
C ASN J 84 -3.58 15.21 67.45
N ASP J 85 -3.40 14.17 66.63
CA ASP J 85 -2.69 14.27 65.37
C ASP J 85 -3.53 13.81 64.19
N CYS J 86 -4.85 13.95 64.30
CA CYS J 86 -5.77 13.45 63.30
C CYS J 86 -6.85 14.50 63.02
N ASP J 87 -7.31 14.51 61.77
CA ASP J 87 -8.41 15.36 61.35
C ASP J 87 -9.51 14.45 60.81
N ALA J 88 -10.73 14.62 61.32
CA ALA J 88 -11.83 13.72 60.97
C ALA J 88 -12.34 13.94 59.56
N GLU J 89 -12.36 15.19 59.09
CA GLU J 89 -12.87 15.50 57.76
C GLU J 89 -11.83 15.11 56.72
N LEU J 90 -12.24 14.30 55.74
CA LEU J 90 -11.33 13.81 54.71
C LEU J 90 -12.01 13.99 53.34
N ARG J 91 -11.72 15.10 52.69
CA ARG J 91 -12.20 15.37 51.34
C ARG J 91 -11.05 15.14 50.37
N ILE J 92 -11.25 14.24 49.41
CA ILE J 92 -10.18 13.82 48.51
C ILE J 92 -10.64 14.00 47.07
N TRP J 93 -9.67 13.89 46.17
CA TRP J 93 -9.93 13.90 44.73
C TRP J 93 -9.62 12.53 44.15
N SER J 94 -10.44 12.11 43.19
CA SER J 94 -10.40 10.76 42.66
C SER J 94 -10.67 10.81 41.16
N VAL J 95 -10.68 9.62 40.54
CA VAL J 95 -10.73 9.50 39.08
C VAL J 95 -12.03 8.81 38.67
N GLN J 96 -13.09 9.60 38.44
CA GLN J 96 -14.44 9.11 38.09
C GLN J 96 -15.01 8.02 38.99
N GLU J 97 -15.43 8.41 40.21
CA GLU J 97 -16.08 7.59 41.23
C GLU J 97 -17.09 6.55 40.72
N ASP J 98 -17.89 6.88 39.71
CA ASP J 98 -18.74 5.90 39.03
C ASP J 98 -18.97 6.37 37.60
N ASP J 99 -19.69 5.55 36.84
CA ASP J 99 -20.00 5.75 35.42
C ASP J 99 -18.72 5.95 34.60
N LEU J 100 -17.90 4.91 34.63
CA LEU J 100 -16.61 4.94 33.94
C LEU J 100 -16.77 4.91 32.42
N ALA J 101 -17.88 4.37 31.92
CA ALA J 101 -18.13 4.27 30.50
C ALA J 101 -19.26 5.20 30.09
N ALA J 102 -19.18 5.67 28.85
CA ALA J 102 -20.19 6.52 28.26
C ALA J 102 -20.22 6.24 26.75
N GLY J 103 -20.85 7.13 25.99
CA GLY J 103 -20.88 6.95 24.54
C GLY J 103 -19.55 7.22 23.89
N LEU J 104 -19.03 8.44 24.06
CA LEU J 104 -17.78 8.86 23.44
C LEU J 104 -16.92 9.59 24.46
N SER J 105 -16.74 9.00 25.65
CA SER J 105 -15.88 9.59 26.67
C SER J 105 -14.60 8.81 26.89
N TRP J 106 -14.54 7.54 26.50
CA TRP J 106 -13.30 6.77 26.61
C TRP J 106 -12.27 7.19 25.56
N ILE J 107 -12.72 7.76 24.45
CA ILE J 107 -11.82 8.36 23.45
C ILE J 107 -11.12 9.57 24.08
N PRO J 108 -9.84 9.80 23.82
CA PRO J 108 -9.18 10.98 24.40
C PRO J 108 -9.43 12.28 23.65
N PHE J 109 -9.93 12.24 22.41
CA PHE J 109 -10.21 13.50 21.71
C PHE J 109 -11.47 14.15 22.28
N PHE J 110 -12.51 13.36 22.54
CA PHE J 110 -13.68 13.83 23.29
C PHE J 110 -13.58 13.47 24.77
N GLY J 111 -12.36 13.43 25.32
CA GLY J 111 -12.16 13.08 26.70
C GLY J 111 -12.30 14.25 27.65
N PRO J 112 -12.02 14.02 28.93
CA PRO J 112 -12.18 15.12 29.91
C PRO J 112 -11.14 16.21 29.78
N GLY J 113 -9.89 15.85 29.51
CA GLY J 113 -8.79 16.80 29.53
C GLY J 113 -7.94 16.65 30.78
N ILE J 114 -6.77 17.27 30.75
CA ILE J 114 -5.78 17.08 31.80
C ILE J 114 -6.17 17.83 33.08
N GLU J 115 -6.97 18.90 32.99
CA GLU J 115 -7.34 19.68 34.15
C GLU J 115 -8.69 19.31 34.73
N GLY J 116 -9.49 18.51 34.03
CA GLY J 116 -10.84 18.25 34.49
C GLY J 116 -11.26 16.79 34.53
N LEU J 117 -10.34 15.89 34.86
CA LEU J 117 -10.67 14.47 35.00
C LEU J 117 -10.74 14.05 36.47
N TYR J 118 -10.79 14.99 37.40
CA TYR J 118 -10.75 14.70 38.83
C TYR J 118 -12.10 15.04 39.44
N THR J 119 -12.70 14.08 40.14
CA THR J 119 -13.92 14.29 40.90
C THR J 119 -13.59 14.44 42.38
N ALA J 120 -14.55 14.98 43.13
CA ALA J 120 -14.37 15.27 44.54
C ALA J 120 -15.25 14.37 45.38
N GLY J 121 -14.69 13.80 46.45
CA GLY J 121 -15.44 12.96 47.35
C GLY J 121 -15.09 13.26 48.79
N LEU J 122 -15.94 12.78 49.70
CA LEU J 122 -15.78 13.00 51.13
C LEU J 122 -15.95 11.68 51.86
N ILE J 123 -14.87 11.16 52.42
CA ILE J 123 -14.89 9.90 53.15
C ILE J 123 -15.29 10.17 54.60
N LYS J 124 -16.38 9.55 55.04
CA LYS J 124 -16.85 9.74 56.40
C LYS J 124 -15.99 8.94 57.38
N ASN J 125 -15.79 9.51 58.57
CA ASN J 125 -15.02 8.87 59.64
C ASN J 125 -16.03 8.18 60.55
N GLN J 126 -16.39 6.94 60.18
CA GLN J 126 -17.52 6.27 60.79
C GLN J 126 -17.15 5.18 61.79
N ASN J 127 -16.04 4.45 61.58
CA ASN J 127 -15.57 3.45 62.53
C ASN J 127 -14.11 3.68 62.88
N ASN J 128 -13.75 4.96 63.11
CA ASN J 128 -12.38 5.43 63.36
C ASN J 128 -11.47 4.99 62.21
N LEU J 129 -11.75 5.58 61.05
CA LEU J 129 -11.20 5.15 59.78
C LEU J 129 -10.09 6.06 59.26
N VAL J 130 -10.28 7.37 59.33
CA VAL J 130 -9.31 8.32 58.78
C VAL J 130 -8.04 8.35 59.62
N CYS J 131 -8.19 8.25 60.95
CA CYS J 131 -7.06 8.41 61.86
C CYS J 131 -6.04 7.29 61.73
N ARG J 132 -6.52 6.04 61.64
CA ARG J 132 -5.59 4.94 61.45
C ARG J 132 -5.03 4.89 60.05
N LEU J 133 -5.72 5.47 59.06
CA LEU J 133 -5.13 5.61 57.74
C LEU J 133 -4.01 6.64 57.74
N ARG J 134 -4.16 7.73 58.50
CA ARG J 134 -3.08 8.69 58.63
C ARG J 134 -1.89 8.09 59.38
N ARG J 135 -2.16 7.28 60.42
CA ARG J 135 -1.07 6.61 61.12
C ARG J 135 -0.43 5.52 60.27
N LEU J 136 -1.18 4.92 59.35
CA LEU J 136 -0.60 3.99 58.38
C LEU J 136 0.30 4.71 57.40
N ALA J 137 -0.15 5.87 56.89
CA ALA J 137 0.63 6.62 55.92
C ALA J 137 1.90 7.20 56.54
N ASN J 138 1.85 7.58 57.82
CA ASN J 138 3.02 8.17 58.44
C ASN J 138 4.09 7.14 58.78
N GLN J 139 3.75 5.84 58.75
CA GLN J 139 4.69 4.77 59.00
C GLN J 139 5.06 3.96 57.75
N THR J 140 4.33 4.14 56.65
CA THR J 140 4.68 3.49 55.39
C THR J 140 6.02 3.98 54.84
N ALA J 141 6.41 5.22 55.17
CA ALA J 141 7.59 5.85 54.58
C ALA J 141 8.89 5.14 54.97
N LYS J 142 8.92 4.51 56.15
CA LYS J 142 10.10 3.76 56.60
C LYS J 142 10.42 2.61 55.66
N SER J 143 9.40 1.87 55.22
CA SER J 143 9.63 0.82 54.24
C SER J 143 9.80 1.39 52.84
N LEU J 144 9.08 2.47 52.52
CA LEU J 144 9.04 2.94 51.13
C LEU J 144 10.33 3.62 50.71
N GLU J 145 10.96 4.42 51.59
CA GLU J 145 12.22 5.07 51.23
C GLU J 145 13.35 4.05 51.11
N LEU J 146 13.34 3.02 51.96
CA LEU J 146 14.34 1.96 51.82
C LEU J 146 14.10 1.11 50.57
N LEU J 147 12.84 0.98 50.14
CA LEU J 147 12.55 0.30 48.89
C LEU J 147 13.03 1.13 47.70
N LEU J 148 12.85 2.44 47.75
CA LEU J 148 13.30 3.31 46.66
C LEU J 148 14.81 3.51 46.66
N ARG J 149 15.48 3.26 47.78
CA ARG J 149 16.93 3.45 47.85
C ARG J 149 17.67 2.39 47.03
N VAL J 150 17.12 1.16 46.97
CA VAL J 150 17.82 0.05 46.32
C VAL J 150 17.84 0.23 44.81
N THR J 151 16.72 0.64 44.21
CA THR J 151 16.64 0.79 42.77
C THR J 151 17.45 1.99 42.28
N THR J 152 17.85 1.94 41.02
CA THR J 152 18.69 2.97 40.42
C THR J 152 17.99 3.76 39.34
N GLU J 153 16.75 3.40 38.99
CA GLU J 153 16.03 4.14 37.96
C GLU J 153 15.36 5.37 38.56
N GLU J 154 15.46 6.50 37.85
CA GLU J 154 15.00 7.78 38.35
C GLU J 154 13.68 8.24 37.73
N ARG J 155 12.99 7.37 37.00
CA ARG J 155 11.69 7.69 36.45
C ARG J 155 10.60 7.24 37.43
N THR J 156 9.34 7.41 37.03
CA THR J 156 8.22 6.98 37.86
C THR J 156 8.21 5.47 38.02
N PHE J 157 7.89 5.02 39.23
CA PHE J 157 8.05 3.63 39.65
C PHE J 157 6.70 3.11 40.14
N SER J 158 6.11 2.20 39.38
CA SER J 158 4.85 1.59 39.78
C SER J 158 5.08 0.60 40.91
N LEU J 159 4.05 0.40 41.72
CA LEU J 159 4.20 -0.39 42.94
C LEU J 159 3.08 -1.39 43.19
N ILE J 160 1.93 -1.28 42.50
CA ILE J 160 0.78 -2.14 42.77
C ILE J 160 1.03 -3.58 42.33
N ASN J 161 1.88 -3.80 41.33
CA ASN J 161 2.24 -5.14 40.92
C ASN J 161 3.02 -5.86 42.01
N ARG J 162 3.92 -5.13 42.69
CA ARG J 162 4.66 -5.70 43.82
C ARG J 162 3.73 -6.10 44.96
N ILE J 163 2.71 -5.29 45.23
CA ILE J 163 1.76 -5.59 46.30
C ILE J 163 0.91 -6.80 45.94
N ALA J 164 0.50 -6.92 44.66
CA ALA J 164 -0.28 -8.07 44.23
C ALA J 164 0.53 -9.36 44.28
N ILE J 165 1.80 -9.30 43.84
CA ILE J 165 2.66 -10.48 43.91
C ILE J 165 2.96 -10.84 45.37
N ASP J 166 3.10 -9.83 46.25
CA ASP J 166 3.27 -10.09 47.67
C ASP J 166 2.05 -10.77 48.28
N PHE J 167 0.84 -10.36 47.87
CA PHE J 167 -0.38 -10.97 48.34
C PHE J 167 -0.48 -12.43 47.90
N LEU J 168 -0.15 -12.70 46.62
CA LEU J 168 -0.16 -14.07 46.11
C LEU J 168 0.89 -14.94 46.78
N LEU J 169 2.07 -14.38 47.05
CA LEU J 169 3.14 -15.14 47.70
C LEU J 169 2.80 -15.43 49.16
N THR J 170 2.23 -14.47 49.87
CA THR J 170 1.94 -14.66 51.29
C THR J 170 0.72 -15.52 51.53
N ARG J 171 -0.30 -15.48 50.65
CA ARG J 171 -1.49 -16.26 50.95
C ARG J 171 -1.26 -17.74 50.66
N TRP J 172 -0.39 -18.07 49.71
CA TRP J 172 0.05 -19.45 49.50
C TRP J 172 1.15 -19.77 50.53
N GLY J 173 0.70 -20.12 51.73
CA GLY J 173 1.61 -20.51 52.80
C GLY J 173 1.98 -21.96 52.84
N GLY J 174 1.41 -22.78 51.95
CA GLY J 174 1.70 -24.20 51.93
C GLY J 174 0.53 -25.04 51.48
N CYS K 37 -12.27 -25.42 34.06
CA CYS K 37 -10.97 -25.03 34.58
C CYS K 37 -9.91 -25.09 33.48
N SER K 38 -9.87 -24.04 32.65
CA SER K 38 -8.93 -23.98 31.53
C SER K 38 -7.70 -23.17 31.93
N GLY K 39 -6.87 -23.78 32.76
CA GLY K 39 -5.63 -23.16 33.20
C GLY K 39 -4.47 -23.44 32.27
N THR K 40 -4.48 -22.80 31.10
CA THR K 40 -3.46 -23.06 30.08
C THR K 40 -2.24 -22.16 30.19
N LEU K 41 -2.23 -21.21 31.13
CA LEU K 41 -1.05 -20.39 31.38
C LEU K 41 -0.11 -21.16 32.30
N GLN K 42 1.03 -21.57 31.76
CA GLN K 42 2.07 -22.23 32.55
C GLN K 42 3.28 -21.36 32.80
N LYS K 43 3.72 -20.61 31.79
CA LYS K 43 4.85 -19.68 31.92
C LYS K 43 4.52 -18.42 31.13
N THR K 44 5.29 -17.36 31.38
CA THR K 44 4.90 -16.04 30.87
C THR K 44 5.41 -15.75 29.46
N GLU K 45 6.29 -16.58 28.89
CA GLU K 45 6.76 -16.32 27.53
C GLU K 45 5.83 -16.91 26.45
N ASP K 46 4.56 -17.15 26.83
CA ASP K 46 3.48 -17.45 25.90
C ASP K 46 2.85 -16.17 25.35
N VAL K 47 3.63 -15.10 25.25
CA VAL K 47 3.17 -13.79 24.82
C VAL K 47 2.79 -13.88 23.35
N HIS K 48 1.50 -13.72 23.05
CA HIS K 48 0.98 -13.75 21.68
C HIS K 48 -0.14 -12.72 21.64
N LEU K 49 0.23 -11.49 21.28
CA LEU K 49 -0.68 -10.35 21.35
C LEU K 49 -0.62 -9.68 19.99
N MET K 50 -1.46 -10.11 19.05
CA MET K 50 -1.44 -9.54 17.72
C MET K 50 -2.13 -8.18 17.69
N GLY K 51 -1.62 -7.31 16.81
CA GLY K 51 -2.26 -6.04 16.52
C GLY K 51 -2.87 -6.06 15.13
N PHE K 52 -4.19 -6.06 15.08
CA PHE K 52 -4.92 -6.27 13.84
C PHE K 52 -5.26 -4.91 13.22
N THR K 53 -5.00 -4.79 11.92
CA THR K 53 -5.18 -3.53 11.22
C THR K 53 -6.65 -3.33 10.84
N LEU K 54 -6.97 -2.11 10.45
CA LEU K 54 -8.32 -1.74 10.02
C LEU K 54 -8.56 -2.01 8.53
N SER K 55 -7.52 -2.33 7.76
CA SER K 55 -7.71 -2.61 6.35
C SER K 55 -8.40 -3.95 6.15
N GLY K 56 -8.18 -4.91 7.05
CA GLY K 56 -8.90 -6.16 7.05
C GLY K 56 -10.25 -6.12 7.72
N GLN K 57 -10.64 -4.96 8.24
CA GLN K 57 -11.92 -4.74 8.88
C GLN K 57 -12.95 -4.19 7.87
N LYS K 58 -12.57 -4.16 6.59
CA LYS K 58 -13.34 -3.53 5.49
C LYS K 58 -13.64 -2.07 5.80
N VAL K 59 -12.65 -1.38 6.35
CA VAL K 59 -12.68 0.06 6.54
C VAL K 59 -11.87 0.66 5.40
N ALA K 60 -12.39 1.75 4.81
CA ALA K 60 -11.70 2.41 3.70
C ALA K 60 -10.36 2.95 4.14
N ASP K 61 -9.33 2.64 3.36
CA ASP K 61 -7.95 2.96 3.72
C ASP K 61 -7.26 3.85 2.68
N SER K 62 -8.05 4.52 1.84
CA SER K 62 -7.49 5.50 0.93
C SER K 62 -7.01 6.72 1.71
N PRO K 63 -5.94 7.39 1.25
CA PRO K 63 -5.42 8.56 1.98
C PRO K 63 -6.38 9.73 2.05
N LEU K 64 -7.29 9.87 1.09
CA LEU K 64 -8.24 10.98 1.11
C LEU K 64 -9.34 10.75 2.15
N GLU K 65 -9.70 9.50 2.41
CA GLU K 65 -10.77 9.18 3.34
C GLU K 65 -10.25 8.91 4.74
N ALA K 66 -9.02 8.41 4.87
CA ALA K 66 -8.43 8.17 6.18
C ALA K 66 -8.09 9.45 6.92
N SER K 67 -7.99 10.58 6.22
CA SER K 67 -7.68 11.86 6.85
C SER K 67 -8.85 12.42 7.65
N LYS K 68 -10.05 11.88 7.48
CA LYS K 68 -11.22 12.36 8.22
C LYS K 68 -11.31 11.75 9.62
N ARG K 69 -10.43 10.80 9.96
CA ARG K 69 -10.40 10.18 11.27
C ARG K 69 -9.34 10.77 12.19
N TRP K 70 -8.71 11.86 11.79
CA TRP K 70 -7.59 12.45 12.51
C TRP K 70 -7.86 13.93 12.78
N ALA K 71 -7.55 14.39 13.99
CA ALA K 71 -7.69 15.81 14.29
C ALA K 71 -6.73 16.22 15.41
N PHE K 72 -6.49 17.52 15.50
CA PHE K 72 -5.60 18.08 16.50
C PHE K 72 -6.37 18.50 17.75
N ARG K 73 -5.76 18.28 18.91
CA ARG K 73 -6.34 18.68 20.18
C ARG K 73 -5.22 18.91 21.18
N THR K 74 -5.33 19.98 21.96
CA THR K 74 -4.39 20.26 23.04
C THR K 74 -4.99 19.83 24.38
N GLY K 75 -4.12 19.59 25.36
CA GLY K 75 -4.53 19.22 26.69
C GLY K 75 -4.62 17.72 26.96
N VAL K 76 -4.12 16.88 26.06
CA VAL K 76 -4.11 15.44 26.25
C VAL K 76 -2.69 14.94 26.09
N PRO K 77 -2.10 14.31 27.11
CA PRO K 77 -0.76 13.73 26.96
C PRO K 77 -0.78 12.53 26.03
N PRO K 78 0.34 12.24 25.35
CA PRO K 78 0.42 11.02 24.54
C PRO K 78 0.80 9.80 25.36
N LYS K 79 0.26 8.65 24.94
CA LYS K 79 0.50 7.38 25.63
C LYS K 79 0.90 6.32 24.62
N ASN K 80 1.84 5.45 25.01
CA ASN K 80 2.31 4.36 24.18
C ASN K 80 2.15 3.04 24.94
N VAL K 81 1.92 1.96 24.17
CA VAL K 81 1.82 0.63 24.73
C VAL K 81 2.62 -0.30 23.82
N GLU K 82 3.11 -1.39 24.38
CA GLU K 82 4.00 -2.31 23.68
C GLU K 82 3.22 -3.55 23.25
N TYR K 83 3.24 -3.83 21.95
CA TYR K 83 2.80 -5.11 21.42
C TYR K 83 4.00 -5.82 20.83
N THR K 84 3.87 -7.12 20.56
CA THR K 84 5.00 -7.91 20.13
C THR K 84 4.91 -8.44 18.71
N GLU K 85 3.71 -8.59 18.16
CA GLU K 85 3.52 -9.10 16.80
C GLU K 85 2.18 -8.61 16.28
N GLY K 86 1.96 -8.79 14.99
CA GLY K 86 0.76 -8.24 14.38
C GLY K 86 0.70 -8.56 12.90
N GLU K 87 -0.31 -7.96 12.24
CA GLU K 87 -0.57 -8.23 10.84
C GLU K 87 0.45 -7.55 9.93
N GLU K 88 0.40 -7.95 8.66
CA GLU K 88 1.09 -7.26 7.58
C GLU K 88 0.12 -6.28 6.95
N ALA K 89 0.42 -4.99 7.06
CA ALA K 89 -0.52 -3.96 6.66
C ALA K 89 -0.56 -3.81 5.14
N LYS K 90 -1.71 -3.36 4.65
CA LYS K 90 -1.87 -3.12 3.22
C LYS K 90 -1.34 -1.74 2.82
N THR K 91 -1.83 -0.69 3.48
CA THR K 91 -1.42 0.68 3.19
C THR K 91 -0.82 1.31 4.44
N CYS K 92 0.19 2.15 4.24
CA CYS K 92 0.88 2.84 5.31
C CYS K 92 1.12 4.28 4.89
N TYR K 93 1.37 5.16 5.86
CA TYR K 93 1.35 6.59 5.63
C TYR K 93 2.62 7.26 6.14
N ASN K 94 3.25 8.05 5.26
CA ASN K 94 4.29 9.01 5.61
C ASN K 94 3.66 10.40 5.57
N ILE K 95 3.50 11.02 6.73
CA ILE K 95 2.74 12.28 6.85
C ILE K 95 3.59 13.30 7.59
N SER K 96 3.72 14.49 7.01
CA SER K 96 4.32 15.64 7.67
C SER K 96 3.38 16.83 7.54
N VAL K 97 3.08 17.48 8.66
CA VAL K 97 2.16 18.62 8.71
C VAL K 97 2.91 19.79 9.34
N THR K 98 2.93 20.93 8.65
CA THR K 98 3.64 22.12 9.10
C THR K 98 2.64 23.27 9.30
N ASP K 99 3.19 24.42 9.69
CA ASP K 99 2.43 25.65 9.89
C ASP K 99 2.90 26.63 8.80
N PRO K 100 2.31 27.84 8.67
CA PRO K 100 2.95 28.84 7.80
C PRO K 100 4.33 29.29 8.26
N SER K 101 4.69 29.11 9.55
CA SER K 101 6.03 29.48 9.99
C SER K 101 7.08 28.41 9.67
N GLY K 102 6.66 27.21 9.31
CA GLY K 102 7.59 26.17 8.91
C GLY K 102 7.96 25.15 9.96
N LYS K 103 7.28 25.11 11.11
CA LYS K 103 7.58 24.17 12.18
C LYS K 103 6.56 23.05 12.18
N SER K 104 7.05 21.81 12.29
CA SER K 104 6.16 20.65 12.23
C SER K 104 5.31 20.55 13.49
N LEU K 105 4.02 20.29 13.29
CA LEU K 105 3.06 20.19 14.39
C LEU K 105 2.97 18.78 14.96
N LEU K 106 3.75 17.84 14.44
CA LEU K 106 3.80 16.48 14.97
C LEU K 106 4.96 16.36 15.96
N LEU K 107 4.75 15.54 16.98
CA LEU K 107 5.75 15.40 18.04
C LEU K 107 6.98 14.64 17.53
N ASP K 108 8.13 14.92 18.13
CA ASP K 108 9.33 14.18 17.82
C ASP K 108 9.26 12.73 18.33
N PRO K 109 9.83 11.80 17.61
CA PRO K 109 9.75 10.39 18.03
C PRO K 109 10.77 10.08 19.10
N PRO K 110 10.39 9.24 20.09
CA PRO K 110 11.40 8.68 21.01
C PRO K 110 12.36 7.72 20.33
N SER K 111 13.34 7.22 21.08
CA SER K 111 14.36 6.35 20.51
C SER K 111 13.83 4.96 20.19
N ASN K 112 12.70 4.55 20.76
CA ASN K 112 12.12 3.25 20.51
C ASN K 112 11.10 3.23 19.37
N ILE K 113 10.81 4.38 18.77
CA ILE K 113 9.86 4.44 17.66
C ILE K 113 10.60 4.14 16.37
N ARG K 114 10.12 3.13 15.64
CA ARG K 114 10.70 2.77 14.35
C ARG K 114 9.58 2.67 13.31
N ASP K 115 9.99 2.48 12.07
CA ASP K 115 9.05 2.36 10.97
C ASP K 115 8.32 1.02 11.05
N TYR K 116 7.10 0.99 10.52
CA TYR K 116 6.30 -0.23 10.56
C TYR K 116 6.92 -1.29 9.64
N PRO K 117 6.96 -2.56 10.07
CA PRO K 117 7.73 -3.57 9.32
C PRO K 117 7.21 -3.90 7.92
N LYS K 118 5.94 -4.27 7.80
CA LYS K 118 5.39 -4.76 6.54
C LYS K 118 4.36 -3.77 6.01
N CYS K 119 4.67 -3.17 4.86
CA CYS K 119 3.75 -2.27 4.17
C CYS K 119 3.81 -2.54 2.69
N LYS K 120 2.66 -2.85 2.08
CA LYS K 120 2.62 -3.07 0.64
C LYS K 120 2.72 -1.77 -0.14
N THR K 121 2.14 -0.69 0.38
CA THR K 121 2.18 0.61 -0.26
C THR K 121 2.33 1.68 0.81
N VAL K 122 3.31 2.57 0.65
CA VAL K 122 3.56 3.67 1.56
C VAL K 122 3.16 4.96 0.87
N HIS K 123 2.28 5.72 1.51
CA HIS K 123 1.77 6.98 0.97
C HIS K 123 2.50 8.14 1.63
N HIS K 124 3.09 9.01 0.81
CA HIS K 124 3.87 10.14 1.30
C HIS K 124 3.09 11.42 1.00
N ILE K 125 2.53 12.02 2.04
CA ILE K 125 1.72 13.23 1.93
C ILE K 125 2.40 14.32 2.75
N GLN K 126 2.65 15.46 2.11
CA GLN K 126 3.15 16.65 2.80
C GLN K 126 2.08 17.72 2.69
N GLY K 127 1.62 18.22 3.84
CA GLY K 127 0.61 19.25 3.87
C GLY K 127 0.83 20.24 4.99
N GLN K 128 -0.13 21.14 5.21
CA GLN K 128 -0.01 22.12 6.28
C GLN K 128 -1.38 22.48 6.81
N ASN K 129 -1.41 22.96 8.05
CA ASN K 129 -2.64 23.38 8.71
C ASN K 129 -2.35 24.67 9.46
N PRO K 130 -3.03 25.77 9.13
CA PRO K 130 -2.72 27.06 9.77
C PRO K 130 -3.53 27.39 11.01
N HIS K 131 -4.54 26.59 11.38
CA HIS K 131 -5.46 26.96 12.44
C HIS K 131 -5.68 25.85 13.46
N ALA K 132 -4.79 24.86 13.51
CA ALA K 132 -4.91 23.76 14.46
C ALA K 132 -3.70 23.76 15.39
N GLN K 133 -3.96 23.54 16.68
CA GLN K 133 -2.91 23.47 17.69
C GLN K 133 -3.17 22.27 18.59
N GLY K 134 -2.09 21.75 19.18
CA GLY K 134 -2.13 20.57 20.01
C GLY K 134 -1.32 19.43 19.41
N ILE K 135 -1.79 18.21 19.64
CA ILE K 135 -1.20 17.02 19.05
C ILE K 135 -2.28 16.28 18.26
N ALA K 136 -1.83 15.35 17.43
CA ALA K 136 -2.72 14.60 16.55
C ALA K 136 -3.34 13.42 17.28
N LEU K 137 -4.63 13.21 17.05
CA LEU K 137 -5.39 12.16 17.73
C LEU K 137 -6.36 11.54 16.74
N HIS K 138 -6.75 10.30 17.07
CA HIS K 138 -7.66 9.50 16.25
C HIS K 138 -9.07 9.61 16.83
N LEU K 139 -10.07 9.68 15.95
CA LEU K 139 -11.43 9.94 16.37
C LEU K 139 -12.28 8.68 16.55
N TRP K 140 -11.73 7.49 16.35
CA TRP K 140 -12.48 6.25 16.58
C TRP K 140 -12.06 5.54 17.85
N GLY K 141 -10.76 5.46 18.12
CA GLY K 141 -10.25 4.67 19.22
C GLY K 141 -9.11 3.80 18.78
N ALA K 142 -8.87 3.78 17.47
CA ALA K 142 -7.80 2.99 16.89
C ALA K 142 -6.44 3.59 17.24
N PHE K 143 -5.45 2.71 17.30
CA PHE K 143 -4.08 3.10 17.64
C PHE K 143 -3.24 3.24 16.37
N PHE K 144 -2.28 4.16 16.43
CA PHE K 144 -1.27 4.32 15.41
C PHE K 144 -0.19 3.29 15.67
N LEU K 145 -0.09 2.29 14.81
CA LEU K 145 0.84 1.19 14.99
C LEU K 145 2.17 1.52 14.31
N TYR K 146 3.25 1.23 15.03
CA TYR K 146 4.64 1.33 14.59
C TYR K 146 5.28 -0.03 14.82
N ASP K 147 6.61 -0.07 14.76
CA ASP K 147 7.35 -1.31 15.02
C ASP K 147 7.21 -1.65 16.50
N ARG K 148 6.29 -2.57 16.79
CA ARG K 148 6.05 -3.15 18.12
C ARG K 148 5.61 -2.12 19.16
N VAL K 149 5.08 -0.98 18.74
CA VAL K 149 4.60 0.07 19.64
C VAL K 149 3.30 0.63 19.08
N ALA K 150 2.25 0.64 19.89
CA ALA K 150 0.99 1.27 19.53
C ALA K 150 0.85 2.57 20.30
N SER K 151 0.60 3.67 19.57
CA SER K 151 0.52 4.99 20.16
C SER K 151 -0.85 5.60 19.91
N THR K 152 -1.13 6.69 20.63
CA THR K 152 -2.34 7.47 20.45
C THR K 152 -2.10 8.75 19.67
N THR K 153 -0.88 8.96 19.17
CA THR K 153 -0.53 10.16 18.42
C THR K 153 0.46 9.79 17.32
N MET K 154 0.62 10.71 16.37
CA MET K 154 1.58 10.52 15.29
C MET K 154 2.90 11.20 15.62
N TYR K 155 3.94 10.81 14.90
CA TYR K 155 5.29 11.27 15.16
C TYR K 155 5.92 11.79 13.87
N ARG K 156 7.05 12.47 14.01
CA ARG K 156 7.68 13.14 12.89
C ARG K 156 8.43 12.14 12.01
N GLY K 157 7.99 12.02 10.76
CA GLY K 157 8.73 11.26 9.77
C GLY K 157 8.76 9.77 9.98
N LYS K 158 7.74 9.20 10.61
CA LYS K 158 7.68 7.77 10.87
C LYS K 158 6.49 7.16 10.15
N VAL K 159 6.66 5.92 9.70
CA VAL K 159 5.63 5.21 8.94
C VAL K 159 4.81 4.38 9.91
N PHE K 160 3.49 4.59 9.89
CA PHE K 160 2.56 3.97 10.82
C PHE K 160 1.47 3.25 10.04
N THR K 161 0.54 2.64 10.77
CA THR K 161 -0.74 2.22 10.22
C THR K 161 -1.80 2.37 11.31
N GLU K 162 -3.04 2.04 10.98
CA GLU K 162 -4.11 2.00 11.97
C GLU K 162 -4.32 0.58 12.45
N GLY K 163 -4.72 0.43 13.71
CA GLY K 163 -5.07 -0.89 14.17
C GLY K 163 -5.37 -0.93 15.64
N ASN K 164 -5.93 -2.06 16.06
CA ASN K 164 -6.27 -2.34 17.45
C ASN K 164 -5.57 -3.63 17.87
N ILE K 165 -4.99 -3.63 19.07
CA ILE K 165 -4.25 -4.79 19.55
C ILE K 165 -5.16 -5.61 20.45
N ALA K 166 -4.96 -6.93 20.41
CA ALA K 166 -5.75 -7.87 21.18
C ALA K 166 -4.81 -8.81 21.94
N ALA K 167 -5.19 -9.14 23.16
CA ALA K 167 -4.36 -9.94 24.05
C ALA K 167 -4.98 -11.31 24.24
N MET K 168 -4.18 -12.37 24.07
CA MET K 168 -4.68 -13.73 24.08
C MET K 168 -3.56 -14.68 24.46
N ILE K 169 -3.95 -15.91 24.80
CA ILE K 169 -3.06 -16.92 25.37
C ILE K 169 -3.11 -18.16 24.49
N VAL K 170 -1.97 -18.51 23.88
CA VAL K 170 -1.76 -19.82 23.27
C VAL K 170 -0.38 -20.31 23.72
N ASN K 171 -0.25 -21.63 23.83
CA ASN K 171 1.03 -22.22 24.23
C ASN K 171 1.90 -22.47 23.01
N LYS K 172 3.03 -23.16 23.21
CA LYS K 172 3.98 -23.38 22.12
C LYS K 172 3.48 -24.43 21.14
N THR K 173 2.77 -25.45 21.63
CA THR K 173 2.33 -26.56 20.76
C THR K 173 1.29 -26.09 19.74
N VAL K 174 0.29 -25.32 20.19
CA VAL K 174 -0.76 -24.86 19.29
C VAL K 174 -0.23 -23.83 18.30
N HIS K 175 0.62 -22.92 18.77
CA HIS K 175 1.19 -21.90 17.89
C HIS K 175 2.17 -22.51 16.89
N ARG K 176 2.83 -23.62 17.26
CA ARG K 176 3.65 -24.34 16.30
C ARG K 176 2.78 -25.15 15.34
N MET K 177 1.60 -25.57 15.80
CA MET K 177 0.70 -26.33 14.94
C MET K 177 0.08 -25.44 13.86
N ILE K 178 -0.27 -24.20 14.21
CA ILE K 178 -0.94 -23.34 13.23
C ILE K 178 0.09 -22.61 12.37
N PHE K 179 0.84 -21.70 13.01
CA PHE K 179 1.80 -20.72 12.47
C PHE K 179 1.70 -20.39 10.98
N SER K 180 2.25 -21.27 10.14
CA SER K 180 2.30 -21.06 8.70
C SER K 180 1.59 -22.17 7.95
N ASN K 207 2.19 23.51 0.70
CA ASN K 207 2.02 22.14 0.14
C ASN K 207 0.54 21.86 -0.09
N ASP K 208 0.06 20.67 0.29
CA ASP K 208 -1.36 20.30 0.05
C ASP K 208 -2.27 21.28 0.79
N THR K 209 -1.95 21.62 2.04
CA THR K 209 -2.72 22.61 2.83
C THR K 209 -4.04 22.03 3.30
N GLY K 210 -4.61 22.60 4.37
CA GLY K 210 -5.91 22.14 4.89
C GLY K 210 -5.91 20.65 5.15
N CYS K 211 -4.82 20.14 5.73
CA CYS K 211 -4.74 18.69 6.06
C CYS K 211 -5.38 18.46 7.44
N PHE K 212 -6.27 17.47 7.55
CA PHE K 212 -6.96 17.13 8.84
C PHE K 212 -8.14 18.08 9.06
N GLY K 213 -8.34 19.04 8.15
CA GLY K 213 -9.50 19.96 8.25
C GLY K 213 -9.69 20.44 9.68
N ILE K 214 -10.91 20.32 10.20
CA ILE K 214 -11.19 20.71 11.63
C ILE K 214 -12.57 20.15 12.02
N LEU K 215 -12.85 20.04 13.32
CA LEU K 215 -14.18 19.58 13.78
C LEU K 215 -14.96 20.79 14.32
N ASP L 43 -9.35 -5.60 30.67
CA ASP L 43 -9.46 -6.05 29.29
C ASP L 43 -9.68 -7.56 29.17
N GLU L 44 -9.96 -8.02 27.95
CA GLU L 44 -10.30 -9.42 27.70
C GLU L 44 -9.07 -10.21 27.27
N SER L 45 -9.10 -11.51 27.57
CA SER L 45 -8.02 -12.42 27.22
C SER L 45 -8.56 -13.84 27.06
N PRO L 46 -8.68 -14.34 25.83
CA PRO L 46 -9.18 -15.70 25.63
C PRO L 46 -8.09 -16.76 25.64
N SER L 47 -8.50 -17.97 25.93
CA SER L 47 -7.66 -19.15 25.81
C SER L 47 -8.05 -19.95 24.58
N PHE L 48 -7.06 -20.56 23.94
CA PHE L 48 -7.29 -21.33 22.71
C PHE L 48 -6.52 -22.63 22.85
N ASN L 49 -7.24 -23.71 23.16
CA ASN L 49 -6.66 -25.01 23.42
C ASN L 49 -7.04 -26.00 22.33
N THR L 50 -6.20 -27.01 22.16
CA THR L 50 -6.38 -28.03 21.14
C THR L 50 -6.60 -29.38 21.82
N SER L 51 -7.71 -30.03 21.49
CA SER L 51 -8.13 -31.38 21.95
C SER L 51 -8.28 -31.33 23.47
N THR L 52 -7.94 -32.40 24.18
CA THR L 52 -8.07 -32.44 25.63
C THR L 52 -6.80 -31.92 26.32
N SER L 63 -10.58 -31.11 19.39
CA SER L 63 -11.47 -30.00 19.73
C SER L 63 -10.69 -28.71 19.90
N LEU L 64 -11.27 -27.60 19.45
CA LEU L 64 -10.64 -26.30 19.52
C LEU L 64 -11.47 -25.34 20.36
N THR L 65 -11.90 -25.78 21.53
CA THR L 65 -12.80 -25.02 22.38
C THR L 65 -12.13 -23.75 22.91
N PHE L 66 -12.94 -22.72 23.07
CA PHE L 66 -12.48 -21.39 23.47
C PHE L 66 -12.86 -21.11 24.91
N SER L 67 -12.19 -20.11 25.49
CA SER L 67 -12.51 -19.61 26.81
C SER L 67 -12.43 -18.09 26.76
N TYR L 68 -12.85 -17.43 27.84
CA TYR L 68 -12.76 -15.98 27.92
C TYR L 68 -12.38 -15.53 29.33
N ASN L 84 -20.10 -11.40 6.01
CA ASN L 84 -19.35 -11.01 7.20
C ASN L 84 -18.71 -9.63 7.01
N ASP L 85 -17.89 -9.22 7.98
CA ASP L 85 -17.22 -7.94 7.95
C ASP L 85 -15.76 -8.17 8.33
N CYS L 86 -15.13 -9.17 7.72
CA CYS L 86 -13.81 -9.63 8.12
C CYS L 86 -13.16 -10.36 6.96
N ASP L 87 -11.83 -10.52 7.05
CA ASP L 87 -11.06 -11.27 6.07
C ASP L 87 -10.72 -12.64 6.62
N ALA L 88 -10.81 -13.66 5.75
CA ALA L 88 -10.44 -15.02 6.16
C ALA L 88 -8.94 -15.19 6.25
N GLU L 89 -8.19 -14.62 5.30
CA GLU L 89 -6.73 -14.73 5.33
C GLU L 89 -6.16 -13.80 6.39
N LEU L 90 -5.13 -14.30 7.10
CA LEU L 90 -4.47 -13.53 8.16
C LEU L 90 -2.97 -13.80 8.04
N ARG L 91 -2.29 -12.96 7.28
CA ARG L 91 -0.85 -13.05 7.16
C ARG L 91 -0.21 -12.10 8.17
N ILE L 92 0.71 -12.64 8.98
CA ILE L 92 1.26 -11.94 10.12
C ILE L 92 2.77 -12.05 10.13
N TRP L 93 3.40 -11.16 10.90
CA TRP L 93 4.81 -11.21 11.17
C TRP L 93 5.04 -11.46 12.66
N SER L 94 6.00 -12.33 12.94
CA SER L 94 6.35 -12.74 14.29
C SER L 94 7.85 -12.56 14.48
N VAL L 95 8.31 -12.65 15.73
CA VAL L 95 9.73 -12.49 16.00
C VAL L 95 10.48 -13.72 15.50
N GLN L 96 10.25 -14.86 16.16
CA GLN L 96 10.93 -16.11 15.83
C GLN L 96 10.29 -17.26 16.62
N GLU L 97 10.13 -18.43 15.98
CA GLU L 97 9.75 -19.62 16.73
C GLU L 97 10.94 -20.15 17.53
N ASP L 98 12.05 -20.45 16.86
CA ASP L 98 13.24 -20.99 17.52
C ASP L 98 14.46 -20.65 16.67
N ASP L 99 15.25 -19.67 17.12
CA ASP L 99 16.53 -19.36 16.50
C ASP L 99 17.69 -20.06 17.19
N LEU L 100 17.42 -20.92 18.17
CA LEU L 100 18.46 -21.62 18.91
C LEU L 100 19.15 -22.69 18.06
N ALA L 101 18.51 -23.12 16.97
CA ALA L 101 19.08 -24.19 16.14
C ALA L 101 20.30 -23.72 15.36
N ALA L 102 20.47 -22.40 15.18
CA ALA L 102 21.66 -21.89 14.51
C ALA L 102 22.92 -22.12 15.34
N GLY L 103 22.84 -21.88 16.65
CA GLY L 103 23.95 -22.17 17.53
C GLY L 103 24.60 -20.95 18.14
N LEU L 104 24.81 -19.91 17.32
CA LEU L 104 25.41 -18.67 17.79
C LEU L 104 24.56 -17.45 17.42
N SER L 105 23.30 -17.64 17.09
CA SER L 105 22.43 -16.53 16.74
C SER L 105 21.99 -15.72 17.95
N TRP L 106 22.14 -16.27 19.17
CA TRP L 106 21.77 -15.54 20.38
C TRP L 106 22.78 -14.46 20.74
N ILE L 107 23.98 -14.50 20.19
CA ILE L 107 24.95 -13.42 20.39
C ILE L 107 24.54 -12.24 19.52
N PRO L 108 24.46 -11.03 20.07
CA PRO L 108 24.01 -9.86 19.29
C PRO L 108 24.93 -9.50 18.13
N PHE L 109 26.23 -9.78 18.23
CA PHE L 109 27.14 -9.48 17.13
C PHE L 109 26.91 -10.42 15.95
N PHE L 110 26.48 -11.66 16.23
CA PHE L 110 26.14 -12.63 15.20
C PHE L 110 24.64 -12.66 14.91
N GLY L 111 23.88 -11.72 15.46
CA GLY L 111 22.44 -11.75 15.32
C GLY L 111 21.97 -11.22 13.98
N PRO L 112 20.65 -11.26 13.78
CA PRO L 112 20.11 -10.87 12.47
C PRO L 112 19.95 -9.37 12.26
N GLY L 113 19.85 -8.58 13.32
CA GLY L 113 19.62 -7.16 13.17
C GLY L 113 18.15 -6.80 13.12
N ILE L 114 17.89 -5.54 12.83
CA ILE L 114 16.52 -5.03 12.81
C ILE L 114 15.78 -5.53 11.58
N GLU L 115 16.42 -5.42 10.41
CA GLU L 115 15.73 -5.72 9.14
C GLU L 115 15.52 -7.21 8.91
N GLY L 116 16.25 -8.08 9.60
CA GLY L 116 16.08 -9.50 9.43
C GLY L 116 15.54 -10.17 10.66
N LEU L 117 14.88 -9.39 11.53
CA LEU L 117 14.44 -9.90 12.82
C LEU L 117 13.19 -10.77 12.71
N TYR L 118 12.29 -10.45 11.78
CA TYR L 118 10.95 -11.04 11.79
C TYR L 118 10.81 -12.16 10.76
N THR L 119 9.86 -13.05 11.03
CA THR L 119 9.48 -14.13 10.13
C THR L 119 8.00 -14.01 9.80
N ALA L 120 7.62 -14.55 8.64
CA ALA L 120 6.26 -14.42 8.14
C ALA L 120 5.48 -15.71 8.35
N GLY L 121 4.18 -15.58 8.65
CA GLY L 121 3.33 -16.73 8.85
C GLY L 121 1.91 -16.42 8.41
N LEU L 122 1.09 -17.48 8.36
CA LEU L 122 -0.29 -17.37 7.89
C LEU L 122 -1.20 -18.17 8.81
N ILE L 123 -2.05 -17.47 9.56
CA ILE L 123 -3.02 -18.12 10.43
C ILE L 123 -4.25 -18.48 9.60
N LYS L 124 -4.68 -19.74 9.70
CA LYS L 124 -5.75 -20.26 8.86
C LYS L 124 -7.09 -20.13 9.57
N ASN L 125 -8.11 -19.68 8.82
CA ASN L 125 -9.46 -19.52 9.33
C ASN L 125 -10.33 -20.75 9.03
N GLN L 126 -9.89 -21.89 9.53
CA GLN L 126 -10.67 -23.12 9.37
C GLN L 126 -11.66 -23.34 10.50
N ASN L 127 -11.53 -22.63 11.62
CA ASN L 127 -12.49 -22.70 12.72
C ASN L 127 -12.75 -21.28 13.23
N ASN L 128 -13.07 -20.38 12.29
CA ASN L 128 -13.42 -18.95 12.37
C ASN L 128 -12.71 -18.17 13.49
N LEU L 129 -11.40 -18.37 13.59
CA LEU L 129 -10.59 -17.70 14.61
C LEU L 129 -10.30 -16.25 14.26
N VAL L 130 -10.08 -15.96 12.97
CA VAL L 130 -9.57 -14.67 12.55
C VAL L 130 -10.64 -13.59 12.74
N CYS L 131 -11.88 -13.88 12.36
CA CYS L 131 -12.95 -12.90 12.45
C CYS L 131 -13.31 -12.59 13.90
N ARG L 132 -13.32 -13.62 14.76
CA ARG L 132 -13.58 -13.38 16.18
C ARG L 132 -12.40 -12.65 16.84
N LEU L 133 -11.18 -12.82 16.32
CA LEU L 133 -10.05 -12.06 16.85
C LEU L 133 -10.12 -10.59 16.43
N ARG L 134 -10.54 -10.33 15.19
CA ARG L 134 -10.75 -8.97 14.72
C ARG L 134 -11.88 -8.28 15.47
N ARG L 135 -12.92 -9.03 15.85
CA ARG L 135 -13.95 -8.47 16.72
C ARG L 135 -13.41 -8.21 18.12
N LEU L 136 -12.56 -9.11 18.62
CA LEU L 136 -12.02 -9.02 19.97
C LEU L 136 -11.15 -7.78 20.16
N ALA L 137 -10.34 -7.44 19.15
CA ALA L 137 -9.48 -6.26 19.24
C ALA L 137 -10.30 -4.98 19.37
N ASN L 138 -11.37 -4.86 18.58
CA ASN L 138 -12.22 -3.69 18.63
C ASN L 138 -13.03 -3.65 19.94
N GLN L 139 -13.37 -4.81 20.49
CA GLN L 139 -14.02 -4.80 21.81
C GLN L 139 -13.05 -4.41 22.93
N THR L 140 -11.78 -4.80 22.86
CA THR L 140 -10.86 -4.52 23.95
C THR L 140 -10.16 -3.17 23.83
N ALA L 141 -10.33 -2.47 22.70
CA ALA L 141 -9.72 -1.16 22.51
C ALA L 141 -10.23 -0.14 23.53
N LYS L 142 -11.53 -0.17 23.86
CA LYS L 142 -12.10 0.77 24.82
C LYS L 142 -11.52 0.59 26.21
N SER L 143 -11.43 -0.66 26.68
CA SER L 143 -10.85 -0.94 27.98
C SER L 143 -9.37 -0.63 28.02
N LEU L 144 -8.66 -0.79 26.89
CA LEU L 144 -7.25 -0.47 26.90
C LEU L 144 -7.02 1.05 26.91
N GLU L 145 -7.86 1.84 26.24
CA GLU L 145 -7.77 3.29 26.36
C GLU L 145 -8.11 3.77 27.77
N LEU L 146 -9.12 3.16 28.40
CA LEU L 146 -9.43 3.51 29.80
C LEU L 146 -8.32 3.11 30.75
N LEU L 147 -7.58 2.05 30.43
CA LEU L 147 -6.43 1.68 31.26
C LEU L 147 -5.27 2.65 31.05
N LEU L 148 -5.02 3.05 29.81
CA LEU L 148 -3.89 3.93 29.52
C LEU L 148 -4.14 5.38 29.94
N ARG L 149 -5.40 5.77 30.14
CA ARG L 149 -5.68 7.14 30.59
C ARG L 149 -5.19 7.38 32.02
N VAL L 150 -5.28 6.37 32.88
CA VAL L 150 -5.00 6.53 34.31
C VAL L 150 -3.51 6.77 34.56
N THR L 151 -2.64 6.05 33.86
CA THR L 151 -1.21 6.20 34.05
C THR L 151 -0.70 7.53 33.48
N THR L 152 0.44 7.97 34.01
CA THR L 152 1.02 9.25 33.63
C THR L 152 2.33 9.12 32.87
N GLU L 153 2.94 7.94 32.85
CA GLU L 153 4.20 7.75 32.14
C GLU L 153 3.96 7.66 30.63
N GLU L 154 4.77 8.39 29.87
CA GLU L 154 4.66 8.43 28.41
C GLU L 154 5.53 7.39 27.72
N ARG L 155 6.34 6.64 28.46
CA ARG L 155 7.07 5.52 27.88
C ARG L 155 6.11 4.35 27.64
N THR L 156 6.58 3.37 26.87
CA THR L 156 5.75 2.21 26.55
C THR L 156 5.51 1.37 27.79
N PHE L 157 4.27 0.90 27.93
CA PHE L 157 3.81 0.22 29.13
C PHE L 157 3.55 -1.24 28.79
N SER L 158 4.19 -2.15 29.52
CA SER L 158 4.04 -3.58 29.29
C SER L 158 2.82 -4.10 30.05
N LEU L 159 1.98 -4.87 29.37
CA LEU L 159 0.74 -5.37 29.94
C LEU L 159 0.80 -6.85 30.32
N ILE L 160 1.92 -7.52 30.07
CA ILE L 160 1.97 -8.98 30.19
C ILE L 160 1.89 -9.41 31.66
N ASN L 161 2.64 -8.74 32.53
CA ASN L 161 2.58 -9.04 33.95
C ASN L 161 1.21 -8.67 34.54
N ARG L 162 0.58 -7.62 34.01
CA ARG L 162 -0.77 -7.25 34.41
C ARG L 162 -1.78 -8.36 34.09
N ILE L 163 -1.69 -8.91 32.88
CA ILE L 163 -2.59 -9.99 32.46
C ILE L 163 -2.32 -11.26 33.26
N ALA L 164 -1.05 -11.56 33.54
CA ALA L 164 -0.72 -12.76 34.30
C ALA L 164 -1.18 -12.67 35.75
N ILE L 165 -1.00 -11.51 36.39
CA ILE L 165 -1.49 -11.31 37.75
C ILE L 165 -3.02 -11.33 37.78
N ASP L 166 -3.67 -10.73 36.77
CA ASP L 166 -5.13 -10.76 36.69
C ASP L 166 -5.65 -12.17 36.48
N PHE L 167 -4.92 -13.00 35.71
CA PHE L 167 -5.30 -14.40 35.53
C PHE L 167 -5.14 -15.18 36.83
N LEU L 168 -4.09 -14.88 37.60
CA LEU L 168 -3.89 -15.56 38.87
C LEU L 168 -4.96 -15.17 39.88
N LEU L 169 -5.39 -13.91 39.88
CA LEU L 169 -6.41 -13.46 40.81
C LEU L 169 -7.83 -13.81 40.39
N THR L 170 -8.10 -13.99 39.10
CA THR L 170 -9.49 -14.06 38.65
C THR L 170 -10.13 -15.41 38.86
N ARG L 171 -9.35 -16.46 39.17
CA ARG L 171 -9.89 -17.80 39.27
C ARG L 171 -9.33 -18.48 40.53
N TRP L 172 -10.25 -18.97 41.38
CA TRP L 172 -9.87 -19.65 42.60
C TRP L 172 -10.79 -20.82 42.95
N GLY L 173 -11.77 -21.14 42.11
CA GLY L 173 -12.73 -22.17 42.44
C GLY L 173 -12.18 -23.58 42.34
N GLY L 174 -11.81 -23.99 41.12
CA GLY L 174 -11.30 -25.33 40.90
C GLY L 174 -12.39 -26.39 40.90
#